data_4I3G
#
_entry.id   4I3G
#
_cell.length_a   131.269
_cell.length_b   198.314
_cell.length_c   67.023
_cell.angle_alpha   90.00
_cell.angle_beta   90.00
_cell.angle_gamma   90.00
#
_symmetry.space_group_name_H-M   'P 21 21 2'
#
loop_
_entity.id
_entity.type
_entity.pdbx_description
1 polymer Beta-glucosidase
2 non-polymer beta-D-glucopyranose
3 non-polymer 'SULFATE ION'
4 non-polymer '3[N-MORPHOLINO]PROPANE SULFONIC ACID'
5 non-polymer 1,2-ETHANEDIOL
6 water water
#
_entity_poly.entity_id   1
_entity_poly.type   'polypeptide(L)'
_entity_poly.pdbx_seq_one_letter_code
;MVTGKTRIPRVRRGRTTPRAFTLAVVGTLLAGTTVAAAAPGAADTANVQYTSRAAELVAQMTLDEKISFVHWALDPDRQN
VGYLPGVPRLGIPELRAADGPNGIRLVGQTATALPAPVALASTFDDTMADSYGKVMGRDGRALNQDMVLGPMMNNIRVPH
GGRNYETFSEDPLVSSRTAVAQIKGIQGAGLMTTAKHFAANNQENNRFSVNANVDEQTLREIEFPAFEASSKAGAASFMC
AYNGLNGKPSCGNDELLNNVLRTQWGFQGWVMSDWLATPGTDAITKGLDQEMGVELPGDVPKGEPSPPAKFFGEALKTAV
LNGTVPEAAVTRSAERIVGQMEKFGLLLATPAPRPERDKAGAQAVSRKVAENGAVLLRNEGQALPLAGDAGKSIAVIGPT
AVDPKVTGLGSAHVVPDSAAAPLDTIKARAGAGATVTYETGEETFGTQIPAGNLSPAFNQGHQLEPGKAGALYDGTLTVP
ADGEYRIAVRATGGYATVQLGSHTIEAGQVYGKVSSPLLKLTKGTHKLTISGFAMSATPLSLELGWVTPAAADATIAEAV
KSARKARTAVVFAYDDGTEGVDRPNLSLPGTQDKLISAVADANPNTIVVLNTGSSVLMPWLSKTRAVLDMWYPGQAGAEA
TAALLYGDVNPSGKLTQSFPAAENQHAVAGDPTSYPGVDNQQTYREGIHVGYRWFDKENVKPLFPFGHGLSYTSFTQSAP
TVVRTSTGGLKVTVTVRNSGKRAGQEVVQAYLGASPNVTAPQAKKKLVGYTKVSLAAGEAKTVTVNVDRRQLQFWDAATD
NWKTGTGNRLLQTGSSSADLRGSATVNVW
;
_entity_poly.pdbx_strand_id   A,B
#
# COMPACT_ATOMS: atom_id res chain seq x y z
N SER A 52 4.71 -41.30 25.99
CA SER A 52 5.46 -40.02 26.23
C SER A 52 6.79 -40.32 26.94
N ARG A 53 7.86 -39.69 26.48
CA ARG A 53 9.20 -39.98 26.98
C ARG A 53 9.63 -39.10 28.16
N ALA A 54 8.87 -38.06 28.48
CA ALA A 54 9.35 -37.05 29.42
C ALA A 54 9.56 -37.61 30.79
N ALA A 55 8.67 -38.45 31.33
CA ALA A 55 8.87 -39.02 32.65
C ALA A 55 10.11 -39.93 32.72
N GLU A 56 10.34 -40.72 31.69
CA GLU A 56 11.50 -41.60 31.66
CA GLU A 56 11.50 -41.60 31.65
C GLU A 56 12.80 -40.79 31.57
N LEU A 57 12.84 -39.72 30.76
CA LEU A 57 14.03 -38.89 30.68
C LEU A 57 14.31 -38.23 32.01
N VAL A 58 13.29 -37.69 32.67
CA VAL A 58 13.54 -37.08 33.99
C VAL A 58 14.00 -38.11 35.02
N ALA A 59 13.49 -39.34 34.89
CA ALA A 59 13.92 -40.40 35.80
C ALA A 59 15.40 -40.73 35.65
N GLN A 60 15.95 -40.44 34.48
CA GLN A 60 17.39 -40.64 34.25
C GLN A 60 18.25 -39.50 34.73
N MET A 61 17.65 -38.38 35.08
CA MET A 61 18.45 -37.22 35.45
C MET A 61 18.94 -37.23 36.88
N THR A 62 20.10 -36.60 37.03
CA THR A 62 20.56 -36.28 38.36
C THR A 62 19.75 -35.15 39.02
N LEU A 63 19.83 -34.97 40.33
CA LEU A 63 19.16 -33.86 40.95
C LEU A 63 19.60 -32.53 40.35
N ASP A 64 20.89 -32.34 40.11
CA ASP A 64 21.42 -31.14 39.47
C ASP A 64 20.79 -30.91 38.11
N GLU A 65 20.69 -31.97 37.31
CA GLU A 65 20.10 -31.81 35.97
C GLU A 65 18.64 -31.41 36.11
N LYS A 66 17.88 -31.98 37.03
CA LYS A 66 16.49 -31.59 37.19
C LYS A 66 16.40 -30.11 37.60
N ILE A 67 17.24 -29.68 38.54
CA ILE A 67 17.17 -28.33 39.06
C ILE A 67 17.53 -27.35 37.95
N SER A 68 18.32 -27.73 36.95
CA SER A 68 18.61 -26.81 35.87
C SER A 68 17.39 -26.34 35.09
N PHE A 69 16.29 -27.10 35.15
CA PHE A 69 15.12 -26.67 34.36
C PHE A 69 14.30 -25.64 35.14
N VAL A 70 14.37 -25.61 36.47
CA VAL A 70 13.42 -24.89 37.30
C VAL A 70 13.80 -23.46 37.66
N HIS A 71 14.78 -22.93 36.97
CA HIS A 71 15.11 -21.50 37.15
C HIS A 71 15.70 -21.02 35.84
N TRP A 72 15.14 -19.92 35.33
CA TRP A 72 15.74 -19.37 34.12
C TRP A 72 17.11 -18.75 34.39
N ALA A 73 18.07 -19.06 33.53
CA ALA A 73 19.37 -18.40 33.59
C ALA A 73 19.41 -17.29 32.54
N LEU A 74 20.51 -16.55 32.44
CA LEU A 74 20.64 -15.49 31.42
C LEU A 74 20.90 -16.08 30.05
N ASP A 75 20.40 -15.43 29.01
CA ASP A 75 20.70 -15.83 27.65
C ASP A 75 22.23 -15.70 27.39
N PRO A 76 22.85 -16.79 26.92
CA PRO A 76 24.28 -16.61 26.55
C PRO A 76 24.41 -15.51 25.51
N ASP A 77 23.38 -15.31 24.67
CA ASP A 77 23.38 -14.29 23.62
C ASP A 77 22.93 -12.90 24.06
N ARG A 78 22.54 -12.83 25.34
CA ARG A 78 22.21 -11.56 25.96
C ARG A 78 21.08 -10.79 25.26
N GLN A 79 20.13 -11.54 24.67
CA GLN A 79 19.02 -10.86 23.98
C GLN A 79 17.65 -10.95 24.68
N ASN A 80 17.37 -12.09 25.30
CA ASN A 80 15.98 -12.41 25.71
C ASN A 80 15.80 -12.39 27.21
N VAL A 81 14.68 -12.95 27.71
CA VAL A 81 14.38 -12.99 29.12
C VAL A 81 15.06 -14.16 29.80
N GLY A 82 14.91 -15.37 29.28
CA GLY A 82 15.49 -16.55 29.97
C GLY A 82 16.02 -17.63 29.04
N TYR A 83 16.95 -18.40 29.61
CA TYR A 83 17.53 -19.57 28.96
C TYR A 83 17.66 -20.71 29.95
N LEU A 84 17.45 -21.93 29.43
CA LEU A 84 17.79 -23.15 30.15
C LEU A 84 18.84 -23.91 29.30
N PRO A 85 19.77 -24.57 30.01
CA PRO A 85 20.82 -25.31 29.28
C PRO A 85 20.37 -26.66 28.71
N GLY A 86 19.26 -27.20 29.20
CA GLY A 86 18.88 -28.57 28.84
C GLY A 86 19.87 -29.60 29.38
N VAL A 87 19.76 -30.80 28.82
CA VAL A 87 20.60 -31.93 29.25
C VAL A 87 21.08 -32.61 27.99
N PRO A 88 22.23 -32.21 27.45
CA PRO A 88 22.72 -32.77 26.19
C PRO A 88 22.85 -34.30 26.18
N ARG A 89 23.31 -34.90 27.27
CA ARG A 89 23.46 -36.36 27.24
C ARG A 89 22.18 -37.14 27.05
N LEU A 90 21.05 -36.45 27.30
CA LEU A 90 19.73 -37.10 27.15
C LEU A 90 19.02 -36.57 25.91
N GLY A 91 19.69 -35.78 25.08
CA GLY A 91 19.09 -35.21 23.88
C GLY A 91 18.04 -34.15 24.12
N ILE A 92 18.16 -33.46 25.25
CA ILE A 92 17.20 -32.37 25.58
C ILE A 92 17.95 -31.09 25.32
N PRO A 93 17.56 -30.32 24.30
CA PRO A 93 18.23 -29.08 23.93
C PRO A 93 17.98 -27.92 24.92
N GLU A 94 18.64 -26.81 24.60
CA GLU A 94 18.44 -25.55 25.30
C GLU A 94 17.00 -25.03 25.10
N LEU A 95 16.57 -24.14 26.00
CA LEU A 95 15.21 -23.53 25.89
C LEU A 95 15.41 -22.02 26.07
N ARG A 96 14.74 -21.21 25.26
CA ARG A 96 14.84 -19.76 25.32
C ARG A 96 13.45 -19.11 25.30
N ALA A 97 13.28 -18.10 26.14
CA ALA A 97 12.02 -17.35 26.22
C ALA A 97 12.26 -15.86 26.04
N ALA A 98 11.41 -15.22 25.24
CA ALA A 98 11.44 -13.75 25.05
C ALA A 98 10.06 -13.16 25.29
N ASP A 99 9.99 -11.91 25.74
CA ASP A 99 8.75 -11.15 25.66
C ASP A 99 8.45 -10.90 24.17
N GLY A 100 7.23 -10.56 23.74
CA GLY A 100 6.12 -10.29 24.64
C GLY A 100 4.85 -10.26 23.81
N PRO A 101 3.76 -9.71 24.38
CA PRO A 101 2.41 -9.85 23.81
C PRO A 101 2.17 -9.18 22.49
N ASN A 102 3.03 -8.28 22.02
CA ASN A 102 2.82 -7.65 20.71
C ASN A 102 4.06 -7.78 19.81
N GLY A 103 4.80 -8.86 19.99
CA GLY A 103 5.92 -9.12 19.09
C GLY A 103 7.13 -9.50 19.93
N ILE A 104 8.11 -10.13 19.25
CA ILE A 104 9.32 -10.63 19.94
C ILE A 104 10.31 -9.54 20.27
N ARG A 105 10.57 -9.28 21.54
CA ARG A 105 11.47 -8.23 22.01
C ARG A 105 12.79 -8.89 22.34
N LEU A 106 13.81 -8.45 21.61
CA LEU A 106 15.18 -8.98 21.80
C LEU A 106 16.13 -7.79 21.80
N VAL A 107 17.00 -7.73 22.80
CA VAL A 107 17.99 -6.63 22.84
C VAL A 107 18.89 -6.78 21.64
N GLY A 108 18.99 -5.71 20.85
CA GLY A 108 19.85 -5.71 19.67
C GLY A 108 19.39 -6.43 18.43
N GLN A 109 18.13 -6.89 18.41
CA GLN A 109 17.59 -7.59 17.28
C GLN A 109 16.13 -7.22 17.07
N THR A 110 15.81 -6.58 15.94
CA THR A 110 14.45 -6.05 15.72
C THR A 110 13.57 -7.22 15.29
N ALA A 111 12.24 -7.03 15.39
CA ALA A 111 11.33 -8.08 14.99
C ALA A 111 10.06 -7.32 14.68
N THR A 112 9.01 -8.05 14.29
CA THR A 112 7.74 -7.37 14.00
C THR A 112 7.12 -6.70 15.23
N ALA A 113 6.80 -5.43 15.14
CA ALA A 113 6.08 -4.72 16.21
C ALA A 113 4.62 -4.67 15.78
N LEU A 114 3.84 -5.59 16.32
CA LEU A 114 2.44 -5.73 15.96
C LEU A 114 1.65 -4.64 16.66
N PRO A 115 0.44 -4.32 16.19
CA PRO A 115 -0.43 -3.42 16.95
C PRO A 115 -0.66 -3.90 18.38
N ALA A 116 -1.08 -2.98 19.23
CA ALA A 116 -1.21 -3.31 20.64
C ALA A 116 -2.22 -4.44 20.81
N PRO A 117 -2.07 -5.22 21.86
CA PRO A 117 -3.07 -6.25 22.15
C PRO A 117 -4.49 -5.70 22.20
N VAL A 118 -4.69 -4.50 22.73
CA VAL A 118 -6.04 -3.95 22.78
C VAL A 118 -6.60 -3.71 21.37
N ALA A 119 -5.71 -3.30 20.46
CA ALA A 119 -6.12 -3.09 19.08
C ALA A 119 -6.52 -4.44 18.47
N LEU A 120 -5.76 -5.50 18.72
CA LEU A 120 -6.14 -6.82 18.20
C LEU A 120 -7.52 -7.17 18.76
N ALA A 121 -7.75 -7.02 20.07
CA ALA A 121 -9.02 -7.44 20.64
C ALA A 121 -10.17 -6.64 20.04
N SER A 122 -9.95 -5.35 19.78
CA SER A 122 -10.94 -4.44 19.21
C SER A 122 -11.33 -4.82 17.76
N THR A 123 -10.60 -5.77 17.14
CA THR A 123 -11.09 -6.29 15.85
C THR A 123 -12.34 -7.13 16.06
N PHE A 124 -12.60 -7.66 17.25
CA PHE A 124 -13.71 -8.59 17.43
C PHE A 124 -13.69 -9.71 16.39
N ASP A 125 -12.49 -10.17 16.04
CA ASP A 125 -12.34 -11.09 14.92
C ASP A 125 -11.28 -12.15 15.21
N ASP A 126 -11.70 -13.38 15.46
CA ASP A 126 -10.78 -14.41 15.93
C ASP A 126 -9.74 -14.69 14.84
N THR A 127 -10.09 -14.50 13.56
CA THR A 127 -9.13 -14.77 12.50
C THR A 127 -7.98 -13.74 12.55
N MET A 128 -8.23 -12.52 13.01
CA MET A 128 -7.12 -11.57 13.15
C MET A 128 -6.16 -12.02 14.23
N ALA A 129 -6.67 -12.57 15.34
CA ALA A 129 -5.82 -13.09 16.40
C ALA A 129 -5.01 -14.28 15.94
N ASP A 130 -5.60 -15.13 15.11
CA ASP A 130 -4.83 -16.22 14.54
C ASP A 130 -3.66 -15.71 13.69
N SER A 131 -3.91 -14.74 12.83
CA SER A 131 -2.84 -14.20 11.98
C SER A 131 -1.76 -13.55 12.82
N TYR A 132 -2.21 -12.80 13.83
CA TYR A 132 -1.26 -12.07 14.71
C TYR A 132 -0.36 -13.08 15.39
N GLY A 133 -0.96 -14.13 15.92
CA GLY A 133 -0.18 -15.17 16.57
C GLY A 133 0.78 -15.88 15.64
N LYS A 134 0.34 -16.16 14.41
CA LYS A 134 1.25 -16.87 13.48
C LYS A 134 2.49 -16.01 13.24
N VAL A 135 2.35 -14.70 13.12
CA VAL A 135 3.52 -13.83 12.87
C VAL A 135 4.48 -13.88 14.07
N MET A 136 3.94 -13.75 15.27
CA MET A 136 4.73 -13.84 16.48
CA MET A 136 4.73 -13.85 16.50
C MET A 136 5.45 -15.17 16.59
N GLY A 137 4.76 -16.28 16.31
CA GLY A 137 5.37 -17.59 16.49
C GLY A 137 6.50 -17.77 15.49
N ARG A 138 6.25 -17.38 14.23
CA ARG A 138 7.29 -17.50 13.20
C ARG A 138 8.47 -16.58 13.51
N ASP A 139 8.25 -15.33 13.90
CA ASP A 139 9.37 -14.47 14.31
C ASP A 139 10.15 -15.13 15.46
N GLY A 140 9.49 -15.61 16.51
CA GLY A 140 10.23 -16.23 17.60
C GLY A 140 11.05 -17.43 17.17
N ARG A 141 10.45 -18.33 16.40
CA ARG A 141 11.20 -19.48 15.86
C ARG A 141 12.39 -19.02 15.01
N ALA A 142 12.18 -18.05 14.14
CA ALA A 142 13.26 -17.57 13.24
C ALA A 142 14.41 -16.99 14.04
N LEU A 143 14.11 -16.37 15.17
CA LEU A 143 15.06 -15.64 15.99
C LEU A 143 15.57 -16.47 17.18
N ASN A 144 15.53 -17.81 17.06
CA ASN A 144 16.17 -18.70 18.00
C ASN A 144 15.50 -18.85 19.37
N GLN A 145 14.24 -18.41 19.47
CA GLN A 145 13.48 -18.56 20.70
C GLN A 145 12.62 -19.82 20.62
N ASP A 146 12.22 -20.27 21.79
CA ASP A 146 11.30 -21.41 21.90
C ASP A 146 9.94 -21.05 22.49
N MET A 147 9.88 -19.91 23.17
CA MET A 147 8.66 -19.42 23.83
C MET A 147 8.56 -17.92 23.67
N VAL A 148 7.30 -17.44 23.60
CA VAL A 148 6.99 -16.03 23.82
C VAL A 148 6.29 -15.93 25.17
N LEU A 149 6.63 -14.91 25.95
CA LEU A 149 6.03 -14.61 27.24
C LEU A 149 4.76 -13.78 27.03
N GLY A 150 3.74 -14.48 26.55
CA GLY A 150 2.44 -13.85 26.37
C GLY A 150 1.52 -14.89 25.71
N PRO A 151 0.23 -14.55 25.53
CA PRO A 151 -0.31 -13.21 25.71
C PRO A 151 -0.69 -12.90 27.17
N MET A 152 -0.77 -11.59 27.43
CA MET A 152 -1.42 -11.10 28.65
C MET A 152 -2.95 -11.10 28.43
N MET A 153 -3.62 -11.44 29.52
CA MET A 153 -5.10 -11.59 29.43
C MET A 153 -5.82 -11.22 30.73
N ASN A 154 -5.16 -10.43 31.59
CA ASN A 154 -5.84 -9.86 32.77
C ASN A 154 -7.01 -8.98 32.35
N ASN A 155 -8.07 -8.98 33.14
CA ASN A 155 -9.21 -8.07 32.82
C ASN A 155 -8.81 -6.61 32.91
N ILE A 156 -9.38 -5.77 32.06
CA ILE A 156 -9.28 -4.31 32.22
C ILE A 156 -10.30 -3.88 33.27
N ARG A 157 -9.77 -3.59 34.46
CA ARG A 157 -10.59 -3.27 35.64
C ARG A 157 -10.46 -1.78 36.01
N VAL A 158 -9.23 -1.28 35.95
CA VAL A 158 -8.86 0.06 36.46
C VAL A 158 -8.58 0.91 35.22
N PRO A 159 -9.29 2.03 34.98
CA PRO A 159 -9.01 2.77 33.76
C PRO A 159 -7.58 3.24 33.67
N HIS A 160 -6.96 3.55 34.80
CA HIS A 160 -5.56 4.00 34.87
C HIS A 160 -4.52 2.91 34.69
N GLY A 161 -4.97 1.65 34.66
CA GLY A 161 -4.02 0.53 34.71
C GLY A 161 -2.94 0.66 33.65
N GLY A 162 -1.67 0.65 34.07
CA GLY A 162 -0.64 0.97 33.09
C GLY A 162 -0.54 0.11 31.86
N ARG A 163 -0.86 -1.16 32.09
CA ARG A 163 -0.70 -2.19 31.06
C ARG A 163 -2.04 -2.51 30.39
N ASN A 164 -3.04 -1.65 30.50
CA ASN A 164 -4.32 -1.94 29.84
C ASN A 164 -4.10 -2.07 28.33
N TYR A 165 -3.12 -1.38 27.73
CA TYR A 165 -2.87 -1.48 26.29
C TYR A 165 -2.45 -2.90 25.94
N GLU A 166 -1.85 -3.65 26.88
CA GLU A 166 -1.12 -4.88 26.63
C GLU A 166 -2.07 -6.06 26.83
N THR A 167 -3.32 -5.81 27.21
CA THR A 167 -4.28 -6.87 27.43
C THR A 167 -5.49 -6.59 26.53
N PHE A 168 -6.55 -7.39 26.72
CA PHE A 168 -7.60 -7.40 25.69
C PHE A 168 -8.88 -6.60 25.97
N SER A 169 -9.45 -6.74 27.16
CA SER A 169 -10.83 -6.25 27.32
C SER A 169 -11.17 -6.16 28.80
N GLU A 170 -12.24 -5.42 29.07
CA GLU A 170 -12.97 -5.51 30.33
C GLU A 170 -14.03 -6.60 30.39
N ASP A 171 -14.17 -7.34 29.30
CA ASP A 171 -15.16 -8.38 29.21
C ASP A 171 -14.49 -9.74 29.03
N PRO A 172 -14.87 -10.73 29.84
CA PRO A 172 -14.21 -12.02 29.77
C PRO A 172 -14.39 -12.77 28.48
N LEU A 173 -15.52 -12.61 27.79
CA LEU A 173 -15.73 -13.34 26.53
C LEU A 173 -14.76 -12.85 25.47
N VAL A 174 -14.62 -11.53 25.33
CA VAL A 174 -13.67 -10.98 24.37
C VAL A 174 -12.27 -11.41 24.75
N SER A 175 -11.89 -11.36 26.04
CA SER A 175 -10.52 -11.78 26.41
C SER A 175 -10.29 -13.24 26.07
N SER A 176 -11.27 -14.11 26.36
CA SER A 176 -11.12 -15.54 26.15
C SER A 176 -10.96 -15.85 24.66
N ARG A 177 -11.78 -15.25 23.82
CA ARG A 177 -11.75 -15.56 22.42
C ARG A 177 -10.44 -15.06 21.80
N THR A 178 -9.99 -13.88 22.18
CA THR A 178 -8.77 -13.33 21.60
C THR A 178 -7.55 -14.12 22.08
N ALA A 179 -7.54 -14.46 23.36
CA ALA A 179 -6.41 -15.23 23.86
C ALA A 179 -6.32 -16.59 23.18
N VAL A 180 -7.41 -17.33 23.08
CA VAL A 180 -7.30 -18.68 22.53
C VAL A 180 -6.95 -18.61 21.06
N ALA A 181 -7.54 -17.73 20.29
CA ALA A 181 -7.20 -17.71 18.86
C ALA A 181 -5.72 -17.33 18.68
N GLN A 182 -5.20 -16.39 19.49
CA GLN A 182 -3.79 -16.05 19.35
C GLN A 182 -2.89 -17.19 19.77
N ILE A 183 -3.19 -17.86 20.90
CA ILE A 183 -2.35 -18.96 21.36
C ILE A 183 -2.36 -20.05 20.30
N LYS A 184 -3.49 -20.41 19.71
CA LYS A 184 -3.47 -21.47 18.69
C LYS A 184 -2.61 -21.04 17.51
N GLY A 185 -2.61 -19.75 17.17
CA GLY A 185 -1.84 -19.26 16.05
C GLY A 185 -0.36 -19.35 16.37
N ILE A 186 0.04 -18.90 17.57
CA ILE A 186 1.48 -18.91 17.94
C ILE A 186 1.97 -20.37 18.03
N GLN A 187 1.22 -21.25 18.68
CA GLN A 187 1.66 -22.61 18.91
C GLN A 187 1.61 -23.43 17.63
N GLY A 188 0.69 -23.09 16.73
CA GLY A 188 0.63 -23.83 15.44
C GLY A 188 1.85 -23.44 14.63
N ALA A 189 2.48 -22.29 14.85
CA ALA A 189 3.71 -21.86 14.17
C ALA A 189 4.92 -22.43 14.93
N GLY A 190 4.72 -23.25 15.97
CA GLY A 190 5.87 -23.90 16.59
C GLY A 190 6.44 -23.32 17.88
N LEU A 191 5.91 -22.19 18.34
CA LEU A 191 6.45 -21.47 19.46
C LEU A 191 5.54 -21.65 20.68
N MET A 192 6.11 -21.90 21.86
CA MET A 192 5.29 -22.02 23.08
C MET A 192 4.82 -20.64 23.51
N THR A 193 3.66 -20.67 24.19
CA THR A 193 3.11 -19.45 24.82
C THR A 193 3.17 -19.52 26.34
N THR A 194 2.88 -18.36 26.92
CA THR A 194 2.86 -18.17 28.38
C THR A 194 1.68 -17.26 28.72
N ALA A 195 0.57 -17.85 29.11
CA ALA A 195 -0.58 -17.03 29.50
C ALA A 195 -0.21 -16.27 30.78
N LYS A 196 -0.45 -14.97 30.79
CA LYS A 196 -0.01 -14.17 31.95
C LYS A 196 -1.03 -13.08 32.22
N HIS A 197 -1.13 -12.51 33.43
CA HIS A 197 -0.35 -12.88 34.64
C HIS A 197 -1.39 -13.48 35.59
N PHE A 198 -1.26 -14.75 35.93
CA PHE A 198 -2.27 -15.47 36.67
C PHE A 198 -2.09 -15.19 38.18
N ALA A 199 -2.99 -14.48 38.88
CA ALA A 199 -4.25 -13.89 38.40
C ALA A 199 -4.48 -12.58 39.13
N ALA A 200 -5.39 -11.78 38.59
CA ALA A 200 -5.82 -10.50 39.22
C ALA A 200 -4.72 -9.45 39.17
N ASN A 201 -3.82 -9.50 38.20
CA ASN A 201 -2.83 -8.43 37.99
C ASN A 201 -3.46 -7.35 37.14
N ASN A 202 -4.37 -6.60 37.74
CA ASN A 202 -5.18 -5.62 36.98
C ASN A 202 -4.70 -4.18 37.18
N GLN A 203 -3.56 -4.00 37.84
CA GLN A 203 -3.03 -2.63 37.99
C GLN A 203 -1.52 -2.77 38.15
N GLU A 204 -0.79 -1.68 37.87
CA GLU A 204 0.64 -1.64 38.16
C GLU A 204 0.99 -1.05 39.55
N ASN A 205 0.12 -0.22 40.09
CA ASN A 205 0.47 0.46 41.35
C ASN A 205 0.69 -0.61 42.44
N ASN A 206 1.92 -0.65 42.96
CA ASN A 206 2.20 -1.56 44.06
C ASN A 206 1.95 -3.04 43.72
N ARG A 207 2.06 -3.37 42.43
CA ARG A 207 1.83 -4.79 42.05
C ARG A 207 2.84 -5.71 42.78
N PHE A 208 4.03 -5.22 43.15
CA PHE A 208 4.98 -6.11 43.76
C PHE A 208 4.55 -6.56 45.14
N SER A 209 3.70 -5.78 45.82
CA SER A 209 3.37 -6.07 47.20
C SER A 209 1.88 -6.20 47.52
N VAL A 210 1.00 -5.70 46.65
CA VAL A 210 -0.41 -5.68 47.01
C VAL A 210 -1.00 -7.09 46.97
N ASN A 211 -1.97 -7.35 47.85
CA ASN A 211 -2.76 -8.55 47.84
C ASN A 211 -4.17 -8.17 47.42
N ALA A 212 -4.74 -8.84 46.42
CA ALA A 212 -6.12 -8.59 45.99
C ALA A 212 -7.06 -9.62 46.57
N ASN A 213 -8.06 -9.21 47.35
CA ASN A 213 -9.11 -10.07 47.84
C ASN A 213 -10.26 -9.94 46.84
N VAL A 214 -10.62 -11.06 46.20
CA VAL A 214 -11.60 -11.11 45.14
C VAL A 214 -12.51 -12.27 45.45
N ASP A 215 -13.81 -11.98 45.49
CA ASP A 215 -14.72 -13.06 45.77
C ASP A 215 -14.73 -14.12 44.65
N GLU A 216 -15.13 -15.33 44.99
CA GLU A 216 -15.00 -16.43 44.06
C GLU A 216 -15.80 -16.23 42.78
N GLN A 217 -17.04 -15.78 42.87
CA GLN A 217 -17.82 -15.58 41.66
C GLN A 217 -17.17 -14.59 40.74
N THR A 218 -16.64 -13.51 41.30
CA THR A 218 -15.95 -12.52 40.45
C THR A 218 -14.72 -13.12 39.75
N LEU A 219 -13.94 -13.92 40.46
CA LEU A 219 -12.82 -14.58 39.83
C LEU A 219 -13.33 -15.52 38.72
N ARG A 220 -14.30 -16.35 39.06
CA ARG A 220 -14.72 -17.37 38.09
C ARG A 220 -15.39 -16.80 36.85
N GLU A 221 -16.11 -15.69 36.99
CA GLU A 221 -16.81 -15.09 35.88
C GLU A 221 -16.09 -13.98 35.14
N ILE A 222 -15.15 -13.27 35.77
CA ILE A 222 -14.54 -12.11 35.15
C ILE A 222 -13.05 -12.39 34.89
N GLU A 223 -12.25 -12.67 35.91
CA GLU A 223 -10.82 -12.73 35.70
C GLU A 223 -10.34 -14.06 35.14
N PHE A 224 -10.90 -15.17 35.61
CA PHE A 224 -10.45 -16.49 35.18
C PHE A 224 -10.84 -16.93 33.77
N PRO A 225 -12.01 -16.60 33.19
CA PRO A 225 -12.38 -17.29 31.95
C PRO A 225 -11.32 -17.37 30.86
N ALA A 226 -10.56 -16.30 30.64
CA ALA A 226 -9.57 -16.29 29.55
C ALA A 226 -8.44 -17.25 29.93
N PHE A 227 -8.04 -17.29 31.20
CA PHE A 227 -7.01 -18.28 31.63
C PHE A 227 -7.55 -19.69 31.51
N GLU A 228 -8.79 -19.93 31.92
CA GLU A 228 -9.38 -21.27 31.84
C GLU A 228 -9.41 -21.71 30.36
N ALA A 229 -9.81 -20.82 29.46
CA ALA A 229 -9.89 -21.18 28.06
C ALA A 229 -8.48 -21.41 27.49
N SER A 230 -7.51 -20.61 27.93
CA SER A 230 -6.12 -20.81 27.47
C SER A 230 -5.55 -22.13 27.94
N SER A 231 -5.82 -22.52 29.18
CA SER A 231 -5.40 -23.81 29.66
C SER A 231 -6.01 -24.91 28.82
N LYS A 232 -7.30 -24.80 28.50
CA LYS A 232 -8.02 -25.88 27.81
C LYS A 232 -7.57 -25.95 26.36
N ALA A 233 -7.03 -24.84 25.81
CA ALA A 233 -6.52 -24.80 24.45
C ALA A 233 -5.06 -25.28 24.41
N GLY A 234 -4.49 -25.63 25.56
CA GLY A 234 -3.16 -26.22 25.58
C GLY A 234 -2.04 -25.21 25.59
N ALA A 235 -2.22 -24.03 26.17
CA ALA A 235 -1.07 -23.13 26.35
C ALA A 235 0.03 -23.89 27.08
N ALA A 236 1.25 -23.72 26.56
CA ALA A 236 2.35 -24.48 27.12
C ALA A 236 2.68 -24.17 28.55
N SER A 237 2.53 -22.89 28.90
CA SER A 237 2.89 -22.42 30.23
C SER A 237 1.97 -21.29 30.66
N PHE A 238 2.02 -21.08 31.97
CA PHE A 238 1.41 -19.91 32.62
C PHE A 238 2.49 -19.13 33.36
N MET A 239 2.32 -17.81 33.48
CA MET A 239 3.17 -17.00 34.35
C MET A 239 2.29 -16.50 35.49
N CYS A 240 2.67 -16.78 36.73
CA CYS A 240 1.94 -16.28 37.87
C CYS A 240 2.32 -14.82 38.16
N ALA A 241 1.33 -14.12 38.72
CA ALA A 241 1.35 -12.64 38.91
C ALA A 241 2.19 -12.19 40.10
N TYR A 242 2.70 -10.96 39.97
CA TYR A 242 3.32 -10.32 41.16
C TYR A 242 2.40 -10.19 42.36
N ASN A 243 1.14 -9.84 42.13
CA ASN A 243 0.27 -9.55 43.24
C ASN A 243 -0.14 -10.78 44.02
N GLY A 244 -0.56 -10.61 45.27
CA GLY A 244 -1.24 -11.69 45.96
C GLY A 244 -2.69 -11.81 45.54
N LEU A 245 -3.23 -12.99 45.79
CA LEU A 245 -4.63 -13.26 45.54
C LEU A 245 -5.17 -13.97 46.78
N ASN A 246 -6.14 -13.34 47.43
CA ASN A 246 -6.88 -13.95 48.54
C ASN A 246 -5.92 -14.45 49.63
N GLY A 247 -4.87 -13.67 49.86
CA GLY A 247 -4.04 -13.94 51.03
C GLY A 247 -2.72 -14.63 50.81
N LYS A 248 -2.44 -15.09 49.59
CA LYS A 248 -1.12 -15.65 49.30
C LYS A 248 -0.61 -15.03 48.01
N PRO A 249 0.71 -14.80 47.89
CA PRO A 249 1.30 -14.39 46.62
C PRO A 249 0.77 -15.33 45.54
N SER A 250 0.41 -14.79 44.37
CA SER A 250 -0.02 -15.70 43.28
C SER A 250 0.97 -16.80 42.99
N CYS A 251 2.27 -16.51 43.05
CA CYS A 251 3.33 -17.48 42.76
C CYS A 251 3.56 -18.45 43.92
N GLY A 252 2.83 -18.30 45.01
CA GLY A 252 2.94 -19.21 46.15
C GLY A 252 1.56 -19.61 46.62
N ASN A 253 0.58 -19.67 45.71
CA ASN A 253 -0.82 -19.90 46.07
C ASN A 253 -1.28 -21.27 45.56
N ASP A 254 -1.32 -22.26 46.45
CA ASP A 254 -1.64 -23.63 46.09
C ASP A 254 -3.08 -23.73 45.61
N GLU A 255 -3.98 -22.97 46.19
CA GLU A 255 -5.38 -23.02 45.74
C GLU A 255 -5.50 -22.61 44.27
N LEU A 256 -4.78 -21.55 43.89
CA LEU A 256 -4.74 -21.07 42.52
C LEU A 256 -4.01 -22.00 41.56
N LEU A 257 -2.76 -22.34 41.89
CA LEU A 257 -1.89 -22.98 40.92
C LEU A 257 -2.07 -24.47 40.90
N ASN A 258 -2.56 -25.07 41.99
CA ASN A 258 -2.78 -26.53 41.97
C ASN A 258 -4.29 -26.80 41.93
N ASN A 259 -5.09 -26.31 42.86
CA ASN A 259 -6.48 -26.76 42.89
C ASN A 259 -7.28 -26.25 41.67
N VAL A 260 -7.28 -24.93 41.42
CA VAL A 260 -8.00 -24.39 40.27
C VAL A 260 -7.33 -24.87 38.98
N LEU A 261 -6.05 -24.53 38.85
CA LEU A 261 -5.42 -24.69 37.53
C LEU A 261 -5.30 -26.16 37.10
N ARG A 262 -4.93 -27.02 38.03
CA ARG A 262 -4.73 -28.46 37.69
C ARG A 262 -5.90 -29.34 38.10
N THR A 263 -6.25 -29.39 39.37
CA THR A 263 -7.30 -30.33 39.78
C THR A 263 -8.61 -30.04 39.09
N GLN A 264 -8.97 -28.76 38.95
CA GLN A 264 -10.23 -28.40 38.32
C GLN A 264 -10.11 -28.26 36.82
N TRP A 265 -9.22 -27.41 36.32
CA TRP A 265 -9.16 -27.19 34.88
C TRP A 265 -8.36 -28.20 34.09
N GLY A 266 -7.45 -28.93 34.73
CA GLY A 266 -6.68 -29.98 34.05
C GLY A 266 -5.46 -29.47 33.29
N PHE A 267 -4.94 -28.27 33.63
CA PHE A 267 -3.76 -27.79 32.94
C PHE A 267 -2.60 -28.78 32.87
N GLN A 268 -2.09 -28.90 31.65
CA GLN A 268 -1.01 -29.88 31.42
C GLN A 268 0.39 -29.29 31.41
N GLY A 269 0.54 -27.96 31.38
CA GLY A 269 1.85 -27.29 31.18
C GLY A 269 2.50 -26.98 32.53
N TRP A 270 3.41 -26.00 32.48
CA TRP A 270 4.08 -25.56 33.71
C TRP A 270 3.82 -24.10 34.02
N VAL A 271 4.08 -23.74 35.27
CA VAL A 271 3.90 -22.39 35.75
C VAL A 271 5.27 -21.80 36.06
N MET A 272 5.57 -20.62 35.52
CA MET A 272 6.76 -19.86 35.86
C MET A 272 6.37 -18.61 36.60
N SER A 273 7.29 -18.07 37.40
CA SER A 273 6.98 -16.81 38.08
C SER A 273 7.21 -15.62 37.20
N ASP A 274 6.64 -14.50 37.59
CA ASP A 274 7.11 -13.22 37.03
C ASP A 274 8.50 -12.88 37.57
N TRP A 275 9.08 -11.80 37.07
CA TRP A 275 10.52 -11.59 37.30
C TRP A 275 10.81 -11.20 38.77
N LEU A 276 11.52 -12.09 39.46
CA LEU A 276 11.77 -11.93 40.90
C LEU A 276 10.47 -11.93 41.70
N ALA A 277 9.40 -12.59 41.21
CA ALA A 277 8.18 -12.76 41.99
C ALA A 277 8.11 -14.03 42.84
N THR A 278 9.07 -14.95 42.67
CA THR A 278 8.99 -16.20 43.44
C THR A 278 9.09 -15.90 44.95
N PRO A 279 8.16 -16.41 45.78
CA PRO A 279 8.12 -15.89 47.15
C PRO A 279 9.01 -16.69 48.09
N GLY A 280 9.38 -17.92 47.75
CA GLY A 280 10.26 -18.72 48.60
C GLY A 280 10.49 -20.04 47.90
N THR A 281 11.48 -20.78 48.41
CA THR A 281 11.80 -22.11 47.86
C THR A 281 10.59 -23.05 47.97
N ASP A 282 9.80 -22.92 49.02
CA ASP A 282 8.69 -23.84 49.20
C ASP A 282 7.60 -23.64 48.14
N ALA A 283 7.65 -22.55 47.37
CA ALA A 283 6.62 -22.35 46.35
C ALA A 283 6.57 -23.50 45.38
N ILE A 284 7.62 -24.29 45.23
CA ILE A 284 7.58 -25.41 44.27
C ILE A 284 6.58 -26.46 44.71
N THR A 285 6.20 -26.49 45.98
CA THR A 285 5.20 -27.43 46.50
C THR A 285 3.79 -26.84 46.44
N LYS A 286 3.70 -25.60 45.92
CA LYS A 286 2.42 -24.88 45.84
C LYS A 286 2.00 -24.63 44.39
N GLY A 287 2.63 -25.29 43.43
CA GLY A 287 2.23 -25.22 42.04
C GLY A 287 3.15 -24.44 41.14
N LEU A 288 4.19 -23.76 41.69
CA LEU A 288 5.15 -23.03 40.89
C LEU A 288 6.21 -24.02 40.42
N ASP A 289 6.47 -24.03 39.13
CA ASP A 289 7.45 -24.96 38.56
C ASP A 289 8.76 -24.32 38.20
N GLN A 290 8.83 -23.00 38.08
CA GLN A 290 10.03 -22.37 37.50
C GLN A 290 10.20 -20.95 37.97
N GLU A 291 11.35 -20.61 38.51
CA GLU A 291 11.66 -19.29 39.03
C GLU A 291 12.22 -18.44 37.92
N MET A 292 11.59 -17.23 37.71
CA MET A 292 12.20 -16.31 36.76
C MET A 292 12.82 -15.11 37.45
N GLY A 293 14.04 -14.74 37.07
CA GLY A 293 14.70 -13.48 37.53
C GLY A 293 15.98 -13.85 38.27
N VAL A 294 16.94 -12.95 38.12
CA VAL A 294 18.16 -12.93 38.94
C VAL A 294 18.48 -11.47 39.23
N GLU A 295 19.35 -11.25 40.21
CA GLU A 295 19.78 -9.88 40.48
C GLU A 295 20.69 -9.38 39.37
N LEU A 296 20.40 -8.19 38.87
CA LEU A 296 21.16 -7.65 37.74
C LEU A 296 21.46 -6.15 37.94
N PRO A 297 22.73 -5.80 38.16
CA PRO A 297 23.02 -4.40 38.48
C PRO A 297 22.55 -3.59 37.28
N GLY A 298 22.93 -4.01 36.08
CA GLY A 298 22.19 -3.65 34.88
C GLY A 298 22.26 -4.66 33.75
N ASP A 299 23.31 -4.57 32.96
CA ASP A 299 23.55 -5.47 31.85
C ASP A 299 24.68 -6.36 32.37
N VAL A 300 24.81 -7.57 31.85
CA VAL A 300 25.92 -8.46 32.18
C VAL A 300 26.64 -8.83 30.89
N PRO A 301 27.97 -8.56 30.81
CA PRO A 301 28.71 -8.85 29.58
C PRO A 301 28.65 -10.32 29.17
N LYS A 302 28.67 -10.52 27.86
CA LYS A 302 28.70 -11.86 27.28
C LYS A 302 29.94 -12.54 27.81
N GLY A 303 29.82 -13.84 28.06
CA GLY A 303 30.92 -14.65 28.52
C GLY A 303 31.08 -14.74 30.03
N GLU A 304 30.35 -13.93 30.81
CA GLU A 304 30.30 -14.07 32.27
C GLU A 304 29.20 -15.03 32.70
N PRO A 305 29.33 -15.60 33.90
CA PRO A 305 28.31 -16.55 34.31
C PRO A 305 26.99 -15.84 34.62
N SER A 306 25.92 -16.61 34.49
CA SER A 306 24.62 -16.13 34.96
C SER A 306 24.65 -15.96 36.49
N PRO A 307 24.16 -14.83 37.03
CA PRO A 307 24.03 -14.65 38.49
C PRO A 307 23.11 -15.74 39.05
N PRO A 308 23.27 -16.06 40.33
CA PRO A 308 22.61 -17.21 40.95
C PRO A 308 21.11 -16.98 41.13
N ALA A 309 20.37 -18.06 40.97
CA ALA A 309 18.98 -18.07 41.39
C ALA A 309 18.82 -17.87 42.91
N LYS A 310 17.82 -17.14 43.35
CA LYS A 310 17.62 -16.89 44.78
C LYS A 310 17.01 -18.08 45.49
N PHE A 311 15.86 -18.60 45.03
CA PHE A 311 15.15 -19.61 45.76
C PHE A 311 15.14 -21.00 45.13
N PHE A 312 15.27 -21.13 43.80
CA PHE A 312 15.10 -22.45 43.12
C PHE A 312 16.41 -23.00 42.57
N GLY A 313 17.53 -22.53 43.13
CA GLY A 313 18.86 -23.06 42.74
C GLY A 313 19.50 -23.79 43.90
N GLU A 314 20.57 -23.19 44.42
CA GLU A 314 21.29 -23.72 45.60
C GLU A 314 20.35 -23.97 46.75
N ALA A 315 19.44 -23.03 47.05
CA ALA A 315 18.55 -23.20 48.20
C ALA A 315 17.58 -24.37 48.02
N LEU A 316 17.18 -24.59 46.77
CA LEU A 316 16.28 -25.70 46.52
C LEU A 316 17.01 -27.03 46.65
N LYS A 317 18.23 -27.09 46.14
CA LYS A 317 19.02 -28.30 46.34
C LYS A 317 19.20 -28.58 47.83
N THR A 318 19.53 -27.56 48.62
CA THR A 318 19.68 -27.73 50.08
C THR A 318 18.39 -28.27 50.67
N ALA A 319 17.23 -27.73 50.29
CA ALA A 319 15.95 -28.16 50.88
C ALA A 319 15.56 -29.57 50.45
N VAL A 320 15.93 -29.97 49.25
CA VAL A 320 15.65 -31.34 48.83
C VAL A 320 16.52 -32.30 49.65
N LEU A 321 17.79 -31.93 49.82
CA LEU A 321 18.77 -32.86 50.43
C LEU A 321 18.54 -32.93 51.94
N ASN A 322 17.93 -31.92 52.55
CA ASN A 322 17.58 -32.02 53.96
C ASN A 322 16.14 -32.48 54.25
N GLY A 323 15.38 -32.78 53.21
CA GLY A 323 14.04 -33.31 53.37
C GLY A 323 12.94 -32.29 53.56
N THR A 324 13.20 -30.99 53.49
CA THR A 324 12.12 -30.05 53.73
C THR A 324 11.28 -29.77 52.48
N VAL A 325 11.81 -30.13 51.30
CA VAL A 325 11.05 -30.07 50.04
C VAL A 325 11.22 -31.44 49.43
N PRO A 326 10.12 -32.10 49.08
CA PRO A 326 10.23 -33.44 48.48
C PRO A 326 10.88 -33.39 47.11
N GLU A 327 11.76 -34.33 46.82
CA GLU A 327 12.37 -34.44 45.50
C GLU A 327 11.28 -34.59 44.43
N ALA A 328 10.16 -35.23 44.78
CA ALA A 328 9.03 -35.42 43.87
C ALA A 328 8.55 -34.11 43.28
N ALA A 329 8.60 -33.01 44.03
CA ALA A 329 8.19 -31.71 43.51
C ALA A 329 9.15 -31.25 42.43
N VAL A 330 10.47 -31.41 42.55
CA VAL A 330 11.37 -31.04 41.49
C VAL A 330 11.17 -31.90 40.24
N THR A 331 11.01 -33.20 40.46
CA THR A 331 10.77 -34.15 39.37
C THR A 331 9.51 -33.74 38.61
N ARG A 332 8.45 -33.46 39.36
CA ARG A 332 7.23 -33.09 38.67
C ARG A 332 7.39 -31.81 37.84
N SER A 333 8.12 -30.82 38.35
CA SER A 333 8.27 -29.59 37.60
C SER A 333 9.09 -29.84 36.37
N ALA A 334 10.22 -30.55 36.48
CA ALA A 334 10.99 -30.84 35.29
C ALA A 334 10.22 -31.66 34.25
N GLU A 335 9.43 -32.60 34.76
CA GLU A 335 8.59 -33.38 33.80
C GLU A 335 7.62 -32.48 33.03
N ARG A 336 7.03 -31.49 33.70
CA ARG A 336 6.10 -30.61 32.99
C ARG A 336 6.78 -29.83 31.89
N ILE A 337 8.00 -29.34 32.18
CA ILE A 337 8.75 -28.55 31.21
C ILE A 337 9.18 -29.41 30.02
N VAL A 338 9.86 -30.51 30.37
CA VAL A 338 10.32 -31.46 29.34
C VAL A 338 9.15 -32.03 28.52
N GLY A 339 8.00 -32.25 29.19
CA GLY A 339 6.81 -32.68 28.43
C GLY A 339 6.35 -31.67 27.39
N GLN A 340 6.40 -30.36 27.67
CA GLN A 340 6.13 -29.40 26.64
C GLN A 340 7.18 -29.37 25.54
N MET A 341 8.45 -29.52 25.92
CA MET A 341 9.49 -29.56 24.90
C MET A 341 9.26 -30.75 23.95
N GLU A 342 8.82 -31.87 24.51
CA GLU A 342 8.51 -33.02 23.66
C GLU A 342 7.35 -32.72 22.70
N LYS A 343 6.31 -32.13 23.28
CA LYS A 343 5.13 -31.84 22.45
C LYS A 343 5.45 -30.91 21.31
N PHE A 344 6.41 -30.00 21.45
CA PHE A 344 6.77 -29.02 20.45
C PHE A 344 7.91 -29.52 19.54
N GLY A 345 8.22 -30.81 19.68
CA GLY A 345 9.15 -31.41 18.70
C GLY A 345 10.61 -31.17 19.01
N LEU A 346 10.91 -30.70 20.21
CA LEU A 346 12.29 -30.31 20.51
C LEU A 346 13.17 -31.47 20.91
N LEU A 347 12.58 -32.64 21.15
CA LEU A 347 13.35 -33.81 21.63
C LEU A 347 13.66 -34.74 20.48
N LEU A 348 13.19 -34.42 19.27
CA LEU A 348 13.63 -35.22 18.12
C LEU A 348 15.13 -35.17 17.97
N ALA A 349 15.69 -36.30 17.54
CA ALA A 349 17.13 -36.39 17.31
C ALA A 349 17.53 -35.30 16.33
N THR A 350 16.70 -35.09 15.31
CA THR A 350 16.84 -34.02 14.35
C THR A 350 15.54 -33.19 14.26
N PRO A 351 15.47 -32.08 15.01
CA PRO A 351 14.25 -31.26 15.06
C PRO A 351 13.99 -30.51 13.75
N ALA A 352 12.76 -30.04 13.58
CA ALA A 352 12.40 -29.24 12.40
C ALA A 352 13.30 -28.04 12.27
N PRO A 353 13.71 -27.72 11.04
CA PRO A 353 14.60 -26.58 10.89
C PRO A 353 13.81 -25.31 11.19
N ARG A 354 14.50 -24.32 11.75
CA ARG A 354 13.83 -23.06 11.99
C ARG A 354 13.55 -22.28 10.70
N PRO A 355 12.44 -21.53 10.63
CA PRO A 355 12.15 -20.71 9.47
C PRO A 355 13.01 -19.46 9.40
N GLU A 356 13.05 -18.81 8.24
CA GLU A 356 13.50 -17.43 8.16
C GLU A 356 12.30 -16.51 8.45
N ARG A 357 12.58 -15.25 8.81
CA ARG A 357 11.55 -14.23 8.94
C ARG A 357 10.82 -14.04 7.63
N ASP A 358 9.53 -13.77 7.69
CA ASP A 358 8.76 -13.38 6.49
C ASP A 358 8.36 -11.92 6.76
N LYS A 359 9.24 -10.98 6.43
CA LYS A 359 9.04 -9.58 6.73
C LYS A 359 7.84 -8.99 6.00
N ALA A 360 7.68 -9.34 4.72
CA ALA A 360 6.52 -8.85 3.99
C ALA A 360 5.20 -9.36 4.55
N GLY A 361 5.08 -10.66 4.82
CA GLY A 361 3.85 -11.17 5.41
C GLY A 361 3.63 -10.55 6.79
N ALA A 362 4.67 -10.32 7.59
CA ALA A 362 4.51 -9.71 8.92
C ALA A 362 4.01 -8.27 8.79
N GLN A 363 4.53 -7.49 7.84
CA GLN A 363 4.07 -6.13 7.59
C GLN A 363 2.58 -6.15 7.19
N ALA A 364 2.18 -7.10 6.35
CA ALA A 364 0.81 -7.19 5.86
C ALA A 364 -0.18 -7.48 6.99
N VAL A 365 0.18 -8.44 7.83
CA VAL A 365 -0.66 -8.77 8.98
C VAL A 365 -0.67 -7.56 9.94
N SER A 366 0.47 -6.96 10.24
CA SER A 366 0.46 -5.83 11.14
CA SER A 366 0.47 -5.79 11.13
C SER A 366 -0.45 -4.71 10.60
N ARG A 367 -0.36 -4.42 9.31
CA ARG A 367 -1.27 -3.46 8.69
C ARG A 367 -2.75 -3.84 8.80
N LYS A 368 -3.05 -5.08 8.47
CA LYS A 368 -4.45 -5.50 8.46
C LYS A 368 -5.04 -5.44 9.89
N VAL A 369 -4.26 -5.86 10.90
CA VAL A 369 -4.78 -5.80 12.27
C VAL A 369 -5.06 -4.35 12.64
N ALA A 370 -4.12 -3.44 12.38
CA ALA A 370 -4.39 -2.06 12.74
C ALA A 370 -5.59 -1.49 12.01
N GLU A 371 -5.77 -1.90 10.74
CA GLU A 371 -6.93 -1.42 9.94
C GLU A 371 -8.27 -1.95 10.45
N ASN A 372 -8.24 -3.12 11.12
CA ASN A 372 -9.45 -3.80 11.56
C ASN A 372 -9.76 -3.55 13.03
N GLY A 373 -8.76 -3.08 13.78
CA GLY A 373 -8.96 -2.83 15.23
C GLY A 373 -9.05 -1.35 15.62
N ALA A 374 -8.68 -0.43 14.72
CA ALA A 374 -8.93 0.98 14.97
C ALA A 374 -10.40 1.23 15.17
N VAL A 375 -10.72 2.16 16.05
CA VAL A 375 -12.14 2.44 16.37
C VAL A 375 -12.47 3.88 16.01
N LEU A 376 -13.42 4.08 15.10
CA LEU A 376 -13.91 5.42 14.77
C LEU A 376 -14.90 5.78 15.90
N LEU A 377 -14.55 6.74 16.75
CA LEU A 377 -15.37 7.08 17.93
C LEU A 377 -16.42 8.12 17.64
N ARG A 378 -16.04 9.08 16.80
CA ARG A 378 -16.87 10.26 16.52
C ARG A 378 -16.64 10.56 15.01
N ASN A 379 -17.76 10.90 14.36
CA ASN A 379 -17.70 11.34 12.98
C ASN A 379 -18.97 12.12 12.65
N GLU A 380 -18.85 13.44 12.65
CA GLU A 380 -20.00 14.34 12.51
C GLU A 380 -20.06 14.87 11.07
N GLY A 381 -21.24 14.69 10.47
CA GLY A 381 -21.47 15.24 9.11
C GLY A 381 -20.53 14.72 8.05
N GLN A 382 -20.18 13.44 8.15
CA GLN A 382 -19.27 12.79 7.22
C GLN A 382 -17.94 13.55 7.13
N ALA A 383 -17.46 14.09 8.25
CA ALA A 383 -16.10 14.66 8.23
C ALA A 383 -15.06 13.69 7.70
N LEU A 384 -15.21 12.42 8.07
CA LEU A 384 -14.42 11.35 7.49
C LEU A 384 -15.35 10.45 6.66
N PRO A 385 -14.84 9.83 5.58
CA PRO A 385 -13.45 9.92 5.14
C PRO A 385 -13.11 11.28 4.54
N LEU A 386 -11.82 11.60 4.56
CA LEU A 386 -11.32 12.77 3.84
C LEU A 386 -11.49 12.50 2.35
N ALA A 387 -11.99 13.53 1.66
CA ALA A 387 -12.32 13.42 0.24
C ALA A 387 -12.48 14.81 -0.34
N GLY A 388 -12.35 14.84 -1.66
CA GLY A 388 -12.40 16.12 -2.38
C GLY A 388 -11.45 17.14 -1.78
N ASP A 389 -11.88 18.38 -1.72
CA ASP A 389 -10.98 19.46 -1.35
C ASP A 389 -10.54 19.29 0.11
N ALA A 390 -11.41 18.70 0.93
CA ALA A 390 -11.12 18.53 2.36
C ALA A 390 -9.90 17.64 2.56
N GLY A 391 -9.66 16.72 1.63
CA GLY A 391 -8.54 15.81 1.71
C GLY A 391 -7.28 16.29 1.01
N LYS A 392 -7.32 17.50 0.41
CA LYS A 392 -6.21 18.01 -0.39
C LYS A 392 -5.58 19.25 0.23
N SER A 393 -6.09 19.66 1.38
CA SER A 393 -5.54 20.78 2.13
C SER A 393 -5.62 20.43 3.61
N ILE A 394 -4.48 20.00 4.14
CA ILE A 394 -4.46 19.44 5.51
C ILE A 394 -3.30 20.04 6.29
N ALA A 395 -3.60 20.41 7.53
CA ALA A 395 -2.60 20.76 8.54
C ALA A 395 -2.48 19.54 9.47
N VAL A 396 -1.38 18.81 9.34
CA VAL A 396 -1.06 17.71 10.27
C VAL A 396 -0.30 18.28 11.44
N ILE A 397 -0.67 17.86 12.65
CA ILE A 397 -0.10 18.42 13.88
C ILE A 397 0.07 17.28 14.87
N GLY A 398 1.15 17.33 15.62
CA GLY A 398 1.36 16.39 16.74
C GLY A 398 2.61 15.57 16.55
N PRO A 399 3.35 15.30 17.63
CA PRO A 399 4.64 14.67 17.47
C PRO A 399 4.60 13.24 16.91
N THR A 400 3.53 12.51 17.24
CA THR A 400 3.46 11.14 16.71
C THR A 400 3.09 11.06 15.25
N ALA A 401 2.88 12.20 14.60
CA ALA A 401 2.76 12.18 13.15
C ALA A 401 4.10 12.02 12.46
N VAL A 402 5.19 12.37 13.16
CA VAL A 402 6.53 12.19 12.60
C VAL A 402 7.43 11.20 13.33
N ASP A 403 7.10 10.95 14.60
CA ASP A 403 7.80 9.92 15.34
C ASP A 403 6.74 8.95 15.85
N PRO A 404 6.45 7.90 15.06
CA PRO A 404 5.19 7.22 15.31
C PRO A 404 5.17 6.50 16.68
N LYS A 405 3.95 6.46 17.23
CA LYS A 405 3.73 5.67 18.44
C LYS A 405 3.43 4.21 18.11
N VAL A 406 4.47 3.40 18.05
CA VAL A 406 4.40 2.07 17.48
C VAL A 406 3.89 1.07 18.52
N THR A 407 4.50 1.05 19.70
CA THR A 407 4.09 0.15 20.79
C THR A 407 4.00 0.90 22.11
N GLY A 408 3.39 0.25 23.10
CA GLY A 408 3.39 0.76 24.47
C GLY A 408 4.77 0.58 25.09
N LEU A 409 4.82 0.98 26.34
CA LEU A 409 6.10 1.06 27.06
C LEU A 409 6.16 -0.09 28.08
N GLY A 410 7.38 -0.57 28.29
CA GLY A 410 7.61 -1.69 29.22
C GLY A 410 8.18 -2.88 28.50
N SER A 411 8.03 -4.04 29.15
CA SER A 411 8.57 -5.28 28.60
C SER A 411 7.95 -5.71 27.27
N ALA A 412 6.77 -5.18 26.95
CA ALA A 412 6.16 -5.47 25.66
C ALA A 412 6.69 -4.56 24.54
N HIS A 413 7.54 -3.56 24.81
CA HIS A 413 7.97 -2.63 23.77
C HIS A 413 8.81 -3.36 22.72
N VAL A 414 8.51 -3.15 21.45
CA VAL A 414 9.25 -3.74 20.33
C VAL A 414 9.68 -2.65 19.37
N VAL A 415 10.97 -2.66 19.02
CA VAL A 415 11.51 -1.81 17.98
C VAL A 415 11.50 -2.55 16.65
N PRO A 416 10.73 -2.06 15.66
CA PRO A 416 10.68 -2.77 14.37
C PRO A 416 11.90 -2.40 13.49
N ASP A 417 12.11 -3.10 12.39
CA ASP A 417 13.13 -2.65 11.43
C ASP A 417 12.94 -1.19 11.03
N SER A 418 11.70 -0.80 10.70
CA SER A 418 11.36 0.58 10.39
C SER A 418 9.85 0.72 10.61
N ALA A 419 9.43 1.97 10.72
CA ALA A 419 8.01 2.28 10.79
C ALA A 419 7.75 3.60 10.07
N ALA A 420 6.82 3.64 9.12
CA ALA A 420 6.53 4.89 8.40
C ALA A 420 5.94 5.93 9.32
N ALA A 421 6.15 7.20 8.96
CA ALA A 421 5.51 8.29 9.68
C ALA A 421 4.12 8.58 9.11
N PRO A 422 3.11 8.78 9.97
CA PRO A 422 1.81 9.17 9.43
C PRO A 422 1.83 10.41 8.54
N LEU A 423 2.68 11.38 8.84
CA LEU A 423 2.72 12.57 7.98
C LEU A 423 3.00 12.14 6.56
N ASP A 424 3.89 11.17 6.39
CA ASP A 424 4.34 10.80 5.06
C ASP A 424 3.30 9.93 4.39
N THR A 425 2.61 9.06 5.12
CA THR A 425 1.60 8.26 4.43
C THR A 425 0.37 9.11 4.09
N ILE A 426 0.04 10.13 4.90
CA ILE A 426 -1.01 11.08 4.56
C ILE A 426 -0.58 11.87 3.32
N LYS A 427 0.64 12.40 3.29
CA LYS A 427 1.09 13.12 2.09
C LYS A 427 1.02 12.28 0.82
N ALA A 428 1.50 11.05 0.89
CA ALA A 428 1.37 10.17 -0.25
C ALA A 428 -0.10 10.06 -0.66
N ARG A 429 -1.00 9.75 0.27
CA ARG A 429 -2.37 9.47 -0.10
C ARG A 429 -3.13 10.71 -0.57
N ALA A 430 -2.81 11.87 -0.02
CA ALA A 430 -3.51 13.09 -0.43
C ALA A 430 -3.26 13.45 -1.90
N GLY A 431 -2.12 13.00 -2.40
CA GLY A 431 -1.70 13.12 -3.81
C GLY A 431 -0.81 14.33 -4.01
N ALA A 432 -0.13 14.28 -5.15
CA ALA A 432 0.90 15.28 -5.42
C ALA A 432 0.35 16.69 -5.51
N GLY A 433 -0.89 16.81 -5.95
CA GLY A 433 -1.50 18.13 -5.99
C GLY A 433 -1.91 18.74 -4.67
N ALA A 434 -1.83 17.96 -3.58
CA ALA A 434 -2.31 18.45 -2.29
C ALA A 434 -1.30 19.34 -1.55
N THR A 435 -1.79 20.15 -0.63
CA THR A 435 -0.96 20.92 0.30
C THR A 435 -1.14 20.28 1.68
N VAL A 436 -0.05 19.73 2.22
CA VAL A 436 -0.10 19.08 3.54
C VAL A 436 1.03 19.70 4.34
N THR A 437 0.69 20.39 5.42
CA THR A 437 1.72 20.99 6.24
C THR A 437 1.86 20.22 7.56
N TYR A 438 2.94 20.51 8.26
CA TYR A 438 3.21 19.82 9.54
C TYR A 438 3.66 20.84 10.59
N GLU A 439 3.05 20.79 11.78
CA GLU A 439 3.60 21.48 12.94
C GLU A 439 3.67 20.53 14.14
N THR A 440 4.69 20.65 14.98
CA THR A 440 4.83 19.78 16.15
C THR A 440 3.62 19.85 17.08
N GLY A 441 3.11 21.02 17.45
CA GLY A 441 2.00 21.18 18.36
C GLY A 441 2.32 20.89 19.83
N GLU A 442 2.99 19.76 20.09
CA GLU A 442 3.24 19.28 21.45
C GLU A 442 4.71 18.88 21.47
N GLU A 443 5.54 19.65 22.18
CA GLU A 443 6.95 19.30 22.29
C GLU A 443 7.19 18.32 23.46
N THR A 444 8.09 17.38 23.30
CA THR A 444 8.33 16.41 24.38
C THR A 444 9.65 16.58 25.12
N PHE A 445 10.59 17.27 24.49
CA PHE A 445 11.85 17.53 25.14
C PHE A 445 12.06 19.00 25.51
N GLY A 446 11.75 19.87 24.56
CA GLY A 446 11.88 21.33 24.70
C GLY A 446 13.30 21.79 24.50
N THR A 447 13.97 22.15 25.58
CA THR A 447 15.39 22.50 25.49
C THR A 447 16.11 22.04 26.77
N GLN A 448 17.42 21.89 26.68
CA GLN A 448 18.20 21.50 27.86
C GLN A 448 17.97 22.55 28.93
N ILE A 449 17.82 22.09 30.17
CA ILE A 449 17.54 23.01 31.25
C ILE A 449 18.71 23.96 31.41
N PRO A 450 18.45 25.27 31.50
CA PRO A 450 19.61 26.18 31.61
C PRO A 450 20.48 25.86 32.80
N ALA A 451 21.81 25.96 32.66
CA ALA A 451 22.69 25.76 33.79
C ALA A 451 22.32 26.74 34.92
N GLY A 452 21.73 27.89 34.58
CA GLY A 452 21.19 28.80 35.58
C GLY A 452 20.47 28.04 36.69
N ASN A 453 19.58 27.15 36.27
CA ASN A 453 18.56 26.54 37.15
C ASN A 453 19.04 25.26 37.84
N LEU A 454 20.31 24.87 37.71
CA LEU A 454 20.74 23.60 38.26
C LEU A 454 21.94 23.84 39.16
N SER A 455 21.89 23.26 40.36
CA SER A 455 23.03 23.34 41.27
CA SER A 455 22.98 23.36 41.34
C SER A 455 23.28 22.02 41.98
N PRO A 456 24.46 21.41 41.69
CA PRO A 456 25.54 21.80 40.76
C PRO A 456 25.11 21.66 39.30
N ALA A 457 25.96 22.04 38.36
CA ALA A 457 25.52 21.97 36.97
C ALA A 457 25.45 20.48 36.66
N PHE A 458 24.58 20.13 35.73
CA PHE A 458 24.47 18.74 35.31
C PHE A 458 25.31 18.65 34.03
N ASN A 459 26.23 17.69 34.00
CA ASN A 459 27.02 17.44 32.81
C ASN A 459 26.18 16.61 31.84
N GLN A 460 25.59 17.33 30.89
CA GLN A 460 24.76 16.74 29.85
C GLN A 460 25.56 15.84 28.93
N GLY A 461 24.94 14.74 28.51
CA GLY A 461 25.49 13.92 27.44
C GLY A 461 26.02 12.67 28.11
N HIS A 462 27.28 12.35 27.82
CA HIS A 462 27.91 11.14 28.31
C HIS A 462 27.88 10.98 29.83
N GLN A 463 27.44 9.82 30.30
CA GLN A 463 27.35 9.55 31.74
C GLN A 463 28.27 8.44 32.24
N LEU A 464 28.32 7.35 31.48
CA LEU A 464 28.88 6.08 31.95
C LEU A 464 29.49 5.29 30.80
N GLU A 465 30.62 4.65 31.05
CA GLU A 465 31.29 3.87 30.02
C GLU A 465 30.68 2.47 30.00
N PRO A 466 30.71 1.81 28.83
CA PRO A 466 29.92 0.58 28.74
C PRO A 466 30.12 -0.26 29.99
N GLY A 467 29.05 -0.87 30.49
CA GLY A 467 29.13 -1.77 31.63
C GLY A 467 28.84 -1.17 32.99
N LYS A 468 29.29 0.06 33.21
CA LYS A 468 29.26 0.65 34.55
C LYS A 468 27.87 1.12 35.00
N ALA A 469 27.65 1.09 36.32
CA ALA A 469 26.50 1.68 36.98
C ALA A 469 26.99 2.72 37.97
N GLY A 470 26.08 3.54 38.52
CA GLY A 470 26.42 4.56 39.49
C GLY A 470 25.28 5.51 39.82
N ALA A 471 25.43 6.27 40.90
CA ALA A 471 24.75 7.55 41.07
C ALA A 471 25.27 8.53 40.02
N LEU A 472 24.43 9.46 39.58
CA LEU A 472 24.82 10.31 38.47
C LEU A 472 24.81 11.81 38.81
N TYR A 473 23.91 12.18 39.72
CA TYR A 473 23.62 13.59 40.01
C TYR A 473 22.95 13.68 41.36
N ASP A 474 23.36 14.67 42.15
CA ASP A 474 22.67 14.90 43.42
C ASP A 474 22.64 16.40 43.61
N GLY A 475 21.47 17.02 43.49
CA GLY A 475 21.47 18.48 43.35
C GLY A 475 20.06 19.02 43.47
N THR A 476 19.88 20.18 42.84
CA THR A 476 18.70 21.01 43.01
C THR A 476 18.30 21.60 41.67
N LEU A 477 17.01 21.55 41.34
CA LEU A 477 16.47 22.33 40.23
C LEU A 477 15.71 23.54 40.74
N THR A 478 16.04 24.71 40.19
CA THR A 478 15.32 25.93 40.50
C THR A 478 14.35 26.27 39.37
N VAL A 479 13.08 26.42 39.74
CA VAL A 479 11.97 26.67 38.83
C VAL A 479 11.66 28.19 38.84
N PRO A 480 11.57 28.83 37.67
CA PRO A 480 11.47 30.29 37.61
C PRO A 480 10.12 30.83 38.04
N ALA A 481 9.06 30.02 37.98
CA ALA A 481 7.70 30.51 38.16
C ALA A 481 6.75 29.35 38.44
N ASP A 482 5.73 29.51 39.28
CA ASP A 482 4.76 28.44 39.47
C ASP A 482 4.20 28.03 38.11
N GLY A 483 4.19 26.74 37.82
CA GLY A 483 3.50 26.34 36.59
C GLY A 483 3.59 24.85 36.37
N GLU A 484 3.09 24.45 35.21
CA GLU A 484 3.19 23.06 34.75
C GLU A 484 4.32 22.94 33.72
N TYR A 485 5.34 22.15 34.05
CA TYR A 485 6.55 21.96 33.22
C TYR A 485 6.64 20.50 32.80
N ARG A 486 6.89 20.22 31.53
CA ARG A 486 7.51 18.92 31.29
C ARG A 486 8.95 18.89 31.76
N ILE A 487 9.31 17.85 32.50
CA ILE A 487 10.69 17.59 32.84
C ILE A 487 11.14 16.38 32.02
N ALA A 488 12.05 16.60 31.08
CA ALA A 488 12.35 15.65 30.01
C ALA A 488 13.66 14.94 30.22
N VAL A 489 13.64 13.62 30.07
CA VAL A 489 14.85 12.81 30.23
C VAL A 489 15.00 11.98 28.99
N ARG A 490 16.16 12.11 28.34
CA ARG A 490 16.43 11.45 27.08
C ARG A 490 17.69 10.61 27.29
N ALA A 491 17.54 9.30 27.48
CA ALA A 491 18.64 8.35 27.74
C ALA A 491 18.95 7.59 26.46
N THR A 492 20.23 7.32 26.21
CA THR A 492 20.58 6.31 25.20
C THR A 492 21.62 5.39 25.81
N GLY A 493 21.64 4.14 25.38
CA GLY A 493 22.77 3.27 25.72
C GLY A 493 22.66 2.67 27.10
N GLY A 494 21.53 2.87 27.77
CA GLY A 494 21.31 2.36 29.10
C GLY A 494 20.01 2.90 29.65
N TYR A 495 19.88 2.88 30.97
CA TYR A 495 18.66 3.26 31.68
C TYR A 495 19.09 4.29 32.72
N ALA A 496 18.17 5.19 33.06
CA ALA A 496 18.34 6.14 34.16
C ALA A 496 17.03 6.33 34.91
N THR A 497 17.13 6.78 36.14
CA THR A 497 15.98 7.00 37.00
C THR A 497 16.19 8.38 37.62
N VAL A 498 15.27 9.30 37.37
CA VAL A 498 15.36 10.66 37.87
C VAL A 498 14.28 10.84 38.93
N GLN A 499 14.66 11.40 40.07
CA GLN A 499 13.72 11.66 41.16
C GLN A 499 13.77 13.19 41.26
N LEU A 500 12.63 13.82 41.05
CA LEU A 500 12.46 15.26 41.21
C LEU A 500 11.34 15.49 42.21
N GLY A 501 11.69 16.00 43.39
CA GLY A 501 10.70 16.02 44.47
C GLY A 501 10.11 14.63 44.64
N SER A 502 8.78 14.56 44.68
CA SER A 502 8.05 13.30 44.87
C SER A 502 7.87 12.50 43.58
N HIS A 503 8.35 13.02 42.45
CA HIS A 503 8.11 12.34 41.19
C HIS A 503 9.27 11.48 40.74
N THR A 504 8.97 10.32 40.16
CA THR A 504 10.02 9.43 39.67
C THR A 504 9.88 9.25 38.16
N ILE A 505 10.97 9.39 37.40
CA ILE A 505 10.90 9.32 35.92
C ILE A 505 11.89 8.23 35.51
N GLU A 506 11.42 7.22 34.77
CA GLU A 506 12.34 6.23 34.26
C GLU A 506 12.61 6.48 32.79
N ALA A 507 13.84 6.27 32.32
CA ALA A 507 14.15 6.53 30.93
C ALA A 507 15.07 5.45 30.40
N GLY A 508 14.90 5.04 29.13
CA GLY A 508 15.67 3.95 28.57
C GLY A 508 14.83 3.31 27.48
N GLN A 509 15.40 2.35 26.74
CA GLN A 509 14.75 1.89 25.52
C GLN A 509 13.31 1.43 25.64
N VAL A 510 12.95 0.63 26.67
CA VAL A 510 11.56 0.16 26.73
C VAL A 510 10.60 1.27 27.14
N TYR A 511 11.15 2.42 27.58
CA TYR A 511 10.35 3.57 27.95
C TYR A 511 10.29 4.60 26.81
N GLY A 512 10.81 4.24 25.64
CA GLY A 512 10.73 5.13 24.48
C GLY A 512 11.84 6.16 24.46
N LYS A 513 11.82 6.96 23.40
CA LYS A 513 12.94 7.87 23.15
C LYS A 513 13.12 8.90 24.25
N VAL A 514 12.01 9.49 24.71
CA VAL A 514 12.04 10.48 25.79
C VAL A 514 10.96 10.21 26.81
N SER A 515 11.33 10.37 28.08
CA SER A 515 10.35 10.42 29.18
C SER A 515 10.20 11.85 29.68
N SER A 516 8.97 12.36 29.68
CA SER A 516 8.77 13.78 29.93
CA SER A 516 8.71 13.78 29.82
C SER A 516 7.37 14.07 30.49
N PRO A 517 7.15 13.67 31.75
CA PRO A 517 5.91 13.98 32.45
C PRO A 517 5.71 15.47 32.68
N LEU A 518 4.47 15.90 32.64
CA LEU A 518 4.08 17.26 32.99
C LEU A 518 3.90 17.30 34.52
N LEU A 519 4.67 18.18 35.16
CA LEU A 519 4.68 18.25 36.62
C LEU A 519 4.27 19.63 37.05
N LYS A 520 3.47 19.73 38.09
CA LYS A 520 3.07 21.03 38.61
C LYS A 520 4.10 21.44 39.67
N LEU A 521 4.86 22.50 39.40
CA LEU A 521 5.99 22.88 40.24
C LEU A 521 5.79 24.31 40.70
N THR A 522 6.14 24.57 41.96
CA THR A 522 6.17 25.94 42.46
C THR A 522 7.53 26.60 42.16
N LYS A 523 7.51 27.92 42.10
CA LYS A 523 8.74 28.69 41.97
C LYS A 523 9.74 28.31 43.07
N GLY A 524 11.03 28.18 42.74
CA GLY A 524 11.97 27.88 43.82
C GLY A 524 12.63 26.54 43.62
N THR A 525 13.18 26.00 44.70
CA THR A 525 14.08 24.88 44.54
C THR A 525 13.32 23.57 44.67
N HIS A 526 13.90 22.51 44.09
CA HIS A 526 13.31 21.19 44.18
C HIS A 526 14.48 20.23 44.11
N LYS A 527 14.40 19.19 44.93
CA LYS A 527 15.43 18.17 44.97
C LYS A 527 15.48 17.30 43.71
N LEU A 528 16.68 17.13 43.17
CA LEU A 528 16.87 16.41 41.92
C LEU A 528 17.98 15.40 42.05
N THR A 529 17.65 14.12 41.96
CA THR A 529 18.69 13.11 42.01
C THR A 529 18.55 12.22 40.79
N ILE A 530 19.69 11.76 40.28
CA ILE A 530 19.72 10.86 39.12
C ILE A 530 20.62 9.66 39.37
N SER A 531 20.27 8.50 38.83
CA SER A 531 21.20 7.36 38.84
C SER A 531 20.83 6.54 37.61
N GLY A 532 21.66 5.56 37.29
CA GLY A 532 21.43 4.82 36.06
C GLY A 532 22.51 3.79 35.83
N PHE A 533 22.54 3.23 34.62
CA PHE A 533 23.50 2.18 34.27
C PHE A 533 23.67 2.09 32.76
N ALA A 534 24.87 1.71 32.33
CA ALA A 534 25.15 1.53 30.91
C ALA A 534 24.93 0.07 30.50
N MET A 535 24.59 -0.13 29.23
CA MET A 535 24.57 -1.46 28.60
C MET A 535 26.01 -1.85 28.29
N SER A 536 26.20 -3.10 27.89
CA SER A 536 27.55 -3.64 27.72
C SER A 536 28.33 -3.03 26.55
N ALA A 537 27.67 -2.87 25.40
CA ALA A 537 28.25 -2.35 24.16
C ALA A 537 28.41 -0.82 24.09
N THR A 538 27.73 -0.13 24.99
CA THR A 538 27.35 1.27 24.78
C THR A 538 27.43 2.03 26.11
N PRO A 539 28.04 3.22 26.06
CA PRO A 539 28.06 4.11 27.21
C PRO A 539 26.63 4.66 27.42
N LEU A 540 26.28 5.00 28.66
CA LEU A 540 24.99 5.67 28.86
C LEU A 540 25.22 7.15 28.60
N SER A 541 24.33 7.76 27.83
CA SER A 541 24.34 9.21 27.66
C SER A 541 22.94 9.69 28.05
N LEU A 542 22.85 10.90 28.56
CA LEU A 542 21.61 11.38 29.16
C LEU A 542 21.51 12.90 29.05
N GLU A 543 20.36 13.36 28.57
CA GLU A 543 20.07 14.79 28.51
C GLU A 543 18.85 15.08 29.36
N LEU A 544 18.91 16.22 30.03
CA LEU A 544 17.83 16.70 30.87
C LEU A 544 17.33 18.02 30.29
N GLY A 545 16.05 18.01 29.94
CA GLY A 545 15.38 19.13 29.28
C GLY A 545 14.13 19.54 30.03
N TRP A 546 13.54 20.64 29.60
CA TRP A 546 12.20 21.01 30.03
C TRP A 546 11.40 21.69 28.94
N VAL A 547 10.09 21.56 29.06
CA VAL A 547 9.14 22.34 28.26
C VAL A 547 8.38 23.24 29.23
N THR A 548 8.72 24.53 29.23
CA THR A 548 8.06 25.45 30.15
C THR A 548 6.68 25.81 29.65
N PRO A 549 5.85 26.45 30.50
CA PRO A 549 4.52 26.81 30.02
C PRO A 549 4.56 27.71 28.79
N ALA A 550 5.50 28.65 28.80
CA ALA A 550 5.67 29.57 27.70
C ALA A 550 6.05 28.89 26.42
N ALA A 551 6.98 27.93 26.51
CA ALA A 551 7.45 27.17 25.34
C ALA A 551 6.30 26.36 24.78
N ALA A 552 5.49 25.74 25.62
CA ALA A 552 4.28 25.04 25.15
C ALA A 552 3.31 25.97 24.45
N ASP A 553 3.07 27.17 25.00
CA ASP A 553 2.15 28.11 24.36
C ASP A 553 2.65 28.52 22.98
N ALA A 554 3.96 28.72 22.85
CA ALA A 554 4.50 29.12 21.54
C ALA A 554 4.39 28.01 20.51
N THR A 555 4.63 26.76 20.92
CA THR A 555 4.49 25.65 19.98
C THR A 555 3.03 25.48 19.62
N ILE A 556 2.12 25.65 20.58
CA ILE A 556 0.69 25.60 20.28
C ILE A 556 0.29 26.68 19.27
N ALA A 557 0.82 27.89 19.46
CA ALA A 557 0.41 28.99 18.59
C ALA A 557 0.83 28.72 17.14
N GLU A 558 2.00 28.13 16.95
CA GLU A 558 2.52 27.81 15.61
C GLU A 558 1.64 26.77 14.94
N ALA A 559 1.24 25.76 15.72
CA ALA A 559 0.26 24.79 15.21
C ALA A 559 -1.08 25.40 14.86
N VAL A 560 -1.59 26.28 15.71
CA VAL A 560 -2.86 26.95 15.44
C VAL A 560 -2.76 27.73 14.12
N LYS A 561 -1.62 28.33 13.84
CA LYS A 561 -1.53 29.18 12.65
C LYS A 561 -1.63 28.28 11.44
N SER A 562 -0.98 27.13 11.51
CA SER A 562 -1.05 26.22 10.38
C SER A 562 -2.49 25.71 10.20
N ALA A 563 -3.23 25.52 11.29
CA ALA A 563 -4.60 25.07 11.18
C ALA A 563 -5.54 26.09 10.54
N ARG A 564 -5.25 27.39 10.74
CA ARG A 564 -6.11 28.43 10.18
C ARG A 564 -5.95 28.44 8.68
N LYS A 565 -4.77 28.07 8.21
CA LYS A 565 -4.46 28.11 6.79
C LYS A 565 -4.99 26.93 5.97
N ALA A 566 -5.34 25.80 6.60
CA ALA A 566 -5.67 24.61 5.83
C ALA A 566 -7.16 24.37 5.92
N ARG A 567 -7.75 23.64 4.97
CA ARG A 567 -9.14 23.28 5.10
C ARG A 567 -9.43 22.37 6.31
N THR A 568 -8.54 21.39 6.49
CA THR A 568 -8.75 20.33 7.48
C THR A 568 -7.54 20.25 8.40
N ALA A 569 -7.76 20.08 9.70
CA ALA A 569 -6.68 19.95 10.69
C ALA A 569 -6.76 18.49 11.21
N VAL A 570 -5.64 17.80 11.14
CA VAL A 570 -5.55 16.43 11.68
C VAL A 570 -4.50 16.45 12.78
N VAL A 571 -4.99 16.33 14.01
CA VAL A 571 -4.15 16.39 15.20
C VAL A 571 -3.96 14.98 15.76
N PHE A 572 -2.71 14.56 15.81
CA PHE A 572 -2.33 13.29 16.48
C PHE A 572 -2.02 13.56 17.92
N ALA A 573 -2.56 12.69 18.77
CA ALA A 573 -2.38 12.86 20.21
C ALA A 573 -2.06 11.48 20.76
N TYR A 574 -1.30 11.38 21.84
CA TYR A 574 -0.77 10.08 22.28
C TYR A 574 -0.84 10.04 23.81
N ASP A 575 -0.74 8.83 24.36
CA ASP A 575 -0.50 8.66 25.80
C ASP A 575 0.70 7.80 26.10
N ASP A 576 0.95 7.67 27.41
CA ASP A 576 2.23 7.20 27.95
C ASP A 576 2.06 6.02 28.90
N GLY A 577 1.04 5.20 28.69
CA GLY A 577 0.90 3.92 29.40
C GLY A 577 2.14 3.08 29.38
N THR A 578 2.46 2.60 30.60
CA THR A 578 3.66 1.83 30.82
C THR A 578 3.47 0.70 31.83
N GLU A 579 4.22 -0.37 31.66
CA GLU A 579 4.40 -1.31 32.75
C GLU A 579 5.06 -0.58 33.93
N GLY A 580 4.69 -0.95 35.14
CA GLY A 580 5.44 -0.57 36.34
C GLY A 580 4.71 0.45 37.17
N VAL A 581 4.02 1.39 36.54
CA VAL A 581 3.20 2.37 37.26
C VAL A 581 1.90 2.61 36.49
N ASP A 582 0.85 3.04 37.17
CA ASP A 582 -0.41 3.38 36.50
C ASP A 582 -0.37 4.82 36.06
N ARG A 583 -1.25 5.17 35.14
CA ARG A 583 -1.36 6.57 34.74
C ARG A 583 -1.88 7.39 35.91
N PRO A 584 -1.26 8.57 36.11
CA PRO A 584 -1.70 9.36 37.23
C PRO A 584 -3.11 9.93 37.06
N ASN A 585 -3.52 10.15 35.81
CA ASN A 585 -4.89 10.54 35.55
C ASN A 585 -5.24 10.06 34.14
N LEU A 586 -6.49 10.31 33.76
CA LEU A 586 -7.03 9.79 32.50
C LEU A 586 -6.89 10.80 31.39
N SER A 587 -6.28 11.94 31.65
CA SER A 587 -6.14 12.93 30.59
C SER A 587 -4.97 12.63 29.65
N LEU A 588 -5.04 13.21 28.44
CA LEU A 588 -3.84 13.18 27.61
C LEU A 588 -2.68 13.81 28.38
N PRO A 589 -1.48 13.21 28.28
CA PRO A 589 -0.35 13.84 28.96
C PRO A 589 0.05 15.18 28.36
N GLY A 590 0.76 15.95 29.17
CA GLY A 590 1.27 17.24 28.71
C GLY A 590 0.19 18.25 28.46
N THR A 591 0.45 19.04 27.42
CA THR A 591 -0.44 20.15 27.09
C THR A 591 -1.31 19.80 25.89
N GLN A 592 -1.52 18.51 25.65
CA GLN A 592 -2.24 18.13 24.42
C GLN A 592 -3.71 18.50 24.44
N ASP A 593 -4.35 18.54 25.61
CA ASP A 593 -5.71 19.06 25.68
C ASP A 593 -5.81 20.51 25.20
N LYS A 594 -4.84 21.30 25.66
CA LYS A 594 -4.86 22.72 25.32
C LYS A 594 -4.62 22.89 23.83
N LEU A 595 -3.73 22.07 23.28
CA LEU A 595 -3.45 22.03 21.84
C LEU A 595 -4.68 21.72 21.01
N ILE A 596 -5.35 20.61 21.32
CA ILE A 596 -6.52 20.24 20.54
C ILE A 596 -7.59 21.30 20.65
N SER A 597 -7.81 21.85 21.85
CA SER A 597 -8.86 22.86 22.03
C SER A 597 -8.55 24.11 21.20
N ALA A 598 -7.30 24.54 21.19
CA ALA A 598 -6.91 25.76 20.46
C ALA A 598 -7.01 25.51 18.95
N VAL A 599 -6.56 24.36 18.47
CA VAL A 599 -6.65 24.01 17.06
C VAL A 599 -8.12 23.91 16.65
N ALA A 600 -8.97 23.24 17.43
CA ALA A 600 -10.39 23.10 17.08
C ALA A 600 -11.15 24.43 17.15
N ASP A 601 -10.68 25.37 17.95
CA ASP A 601 -11.27 26.71 17.97
C ASP A 601 -10.93 27.48 16.70
N ALA A 602 -9.75 27.23 16.15
CA ALA A 602 -9.27 27.92 14.96
C ALA A 602 -9.70 27.30 13.63
N ASN A 603 -9.96 26.00 13.61
CA ASN A 603 -10.37 25.29 12.39
C ASN A 603 -11.56 24.39 12.69
N PRO A 604 -12.71 24.65 12.04
CA PRO A 604 -13.98 23.96 12.31
C PRO A 604 -14.01 22.52 11.76
N ASN A 605 -12.94 22.12 11.10
CA ASN A 605 -12.81 20.77 10.57
C ASN A 605 -11.62 20.07 11.20
N THR A 606 -11.71 19.89 12.51
CA THR A 606 -10.60 19.27 13.25
C THR A 606 -10.86 17.79 13.48
N ILE A 607 -9.93 16.95 13.03
CA ILE A 607 -10.03 15.49 13.21
C ILE A 607 -8.91 15.12 14.20
N VAL A 608 -9.24 14.36 15.24
CA VAL A 608 -8.21 13.89 16.16
C VAL A 608 -7.94 12.43 15.85
N VAL A 609 -6.67 12.11 15.67
CA VAL A 609 -6.19 10.73 15.61
C VAL A 609 -5.53 10.38 16.93
N LEU A 610 -6.12 9.45 17.66
CA LEU A 610 -5.58 9.03 18.97
C LEU A 610 -4.60 7.88 18.85
N ASN A 611 -3.40 8.03 19.39
CA ASN A 611 -2.44 6.94 19.60
C ASN A 611 -2.38 6.72 21.10
N THR A 612 -3.48 6.23 21.66
CA THR A 612 -3.67 6.13 23.12
C THR A 612 -3.99 4.64 23.43
N GLY A 613 -3.49 4.15 24.55
CA GLY A 613 -3.53 2.71 24.79
C GLY A 613 -4.80 2.24 25.47
N SER A 614 -5.63 3.14 26.02
CA SER A 614 -6.80 2.76 26.83
C SER A 614 -7.82 3.88 26.80
N SER A 615 -8.61 4.02 27.86
CA SER A 615 -9.54 5.16 27.88
C SER A 615 -8.77 6.46 28.06
N VAL A 616 -9.34 7.54 27.53
CA VAL A 616 -8.80 8.88 27.74
C VAL A 616 -9.99 9.83 27.78
N LEU A 617 -9.82 10.86 28.62
CA LEU A 617 -10.82 11.94 28.66
C LEU A 617 -10.66 12.85 27.45
N MET A 618 -11.79 13.42 27.05
CA MET A 618 -11.87 14.25 25.84
C MET A 618 -12.72 15.51 26.07
N PRO A 619 -12.22 16.45 26.91
CA PRO A 619 -13.01 17.65 27.23
C PRO A 619 -13.29 18.51 25.99
N TRP A 620 -12.43 18.41 24.98
CA TRP A 620 -12.60 19.11 23.70
C TRP A 620 -13.47 18.37 22.68
N LEU A 621 -14.10 17.26 23.05
CA LEU A 621 -14.77 16.41 22.07
C LEU A 621 -15.76 17.16 21.18
N SER A 622 -16.60 17.99 21.77
CA SER A 622 -17.67 18.62 20.99
C SER A 622 -17.11 19.64 20.01
N LYS A 623 -15.87 20.08 20.21
CA LYS A 623 -15.27 21.02 19.26
C LYS A 623 -14.70 20.36 18.01
N THR A 624 -14.57 19.02 18.02
CA THR A 624 -13.96 18.31 16.92
C THR A 624 -15.07 17.76 16.03
N ARG A 625 -14.72 17.45 14.79
CA ARG A 625 -15.67 16.78 13.93
C ARG A 625 -15.49 15.25 13.87
N ALA A 626 -14.29 14.72 14.14
CA ALA A 626 -14.14 13.26 14.15
C ALA A 626 -12.99 12.91 15.08
N VAL A 627 -13.04 11.69 15.61
CA VAL A 627 -11.98 11.17 16.47
C VAL A 627 -11.83 9.68 16.02
N LEU A 628 -10.62 9.32 15.64
CA LEU A 628 -10.28 7.98 15.17
C LEU A 628 -9.22 7.46 16.14
N ASP A 629 -9.56 6.38 16.83
CA ASP A 629 -8.64 5.79 17.79
C ASP A 629 -7.82 4.68 17.16
N MET A 630 -6.54 4.90 16.92
CA MET A 630 -5.65 3.92 16.32
C MET A 630 -4.93 3.05 17.36
N TRP A 631 -5.17 3.31 18.65
CA TRP A 631 -4.47 2.62 19.72
C TRP A 631 -2.95 2.85 19.55
N TYR A 632 -2.10 1.86 19.84
CA TYR A 632 -0.70 1.92 19.43
C TYR A 632 -0.68 1.01 18.23
N PRO A 633 -0.55 1.53 17.00
CA PRO A 633 -0.98 0.72 15.86
C PRO A 633 0.10 -0.13 15.21
N GLY A 634 1.27 -0.29 15.83
CA GLY A 634 2.27 -1.19 15.30
C GLY A 634 3.05 -0.61 14.14
N GLN A 635 3.89 -1.44 13.57
CA GLN A 635 4.91 -0.89 12.64
C GLN A 635 4.27 -0.37 11.33
N ALA A 636 3.09 -0.88 10.96
CA ALA A 636 2.41 -0.45 9.71
C ALA A 636 1.26 0.49 10.09
N GLY A 637 1.34 1.11 11.27
CA GLY A 637 0.26 1.95 11.74
C GLY A 637 0.04 3.17 10.86
N ALA A 638 1.11 3.75 10.36
CA ALA A 638 0.92 4.95 9.55
C ALA A 638 0.18 4.63 8.25
N GLU A 639 0.51 3.50 7.64
CA GLU A 639 -0.16 3.08 6.38
C GLU A 639 -1.64 2.84 6.69
N ALA A 640 -1.91 2.15 7.81
CA ALA A 640 -3.29 1.87 8.17
C ALA A 640 -4.04 3.17 8.45
N THR A 641 -3.41 4.14 9.12
CA THR A 641 -4.07 5.38 9.51
C THR A 641 -4.47 6.17 8.25
N ALA A 642 -3.55 6.27 7.27
CA ALA A 642 -3.91 7.02 6.05
C ALA A 642 -5.04 6.32 5.28
N ALA A 643 -4.97 5.00 5.27
CA ALA A 643 -6.03 4.23 4.59
C ALA A 643 -7.39 4.41 5.21
N LEU A 644 -7.45 4.37 6.55
CA LEU A 644 -8.70 4.65 7.23
C LEU A 644 -9.16 6.08 7.03
N LEU A 645 -8.25 7.06 7.16
CA LEU A 645 -8.68 8.45 7.01
C LEU A 645 -9.32 8.74 5.64
N TYR A 646 -8.78 8.12 4.59
CA TYR A 646 -9.28 8.33 3.22
C TYR A 646 -10.36 7.32 2.82
N GLY A 647 -10.74 6.45 3.73
CA GLY A 647 -11.75 5.44 3.40
C GLY A 647 -11.34 4.37 2.41
N ASP A 648 -10.06 4.18 2.16
CA ASP A 648 -9.57 3.01 1.43
C ASP A 648 -9.94 1.76 2.22
N VAL A 649 -9.94 1.90 3.55
CA VAL A 649 -10.47 0.89 4.45
C VAL A 649 -11.59 1.56 5.23
N ASN A 650 -12.66 0.82 5.53
CA ASN A 650 -13.77 1.34 6.31
C ASN A 650 -13.56 0.92 7.77
N PRO A 651 -13.42 1.89 8.69
CA PRO A 651 -13.29 1.55 10.12
C PRO A 651 -14.31 0.50 10.52
N SER A 652 -13.81 -0.45 11.30
CA SER A 652 -14.69 -1.49 11.80
C SER A 652 -14.42 -1.97 13.23
N GLY A 653 -13.43 -1.38 13.87
CA GLY A 653 -13.15 -1.80 15.26
C GLY A 653 -14.26 -1.39 16.20
N LYS A 654 -14.34 -2.06 17.34
CA LYS A 654 -15.29 -1.68 18.38
C LYS A 654 -14.50 -1.61 19.69
N LEU A 655 -14.99 -0.77 20.59
CA LEU A 655 -14.31 -0.74 21.91
C LEU A 655 -14.49 -2.04 22.68
N THR A 656 -13.39 -2.48 23.33
CA THR A 656 -13.41 -3.61 24.27
C THR A 656 -13.46 -3.20 25.72
N GLN A 657 -13.61 -1.89 25.95
CA GLN A 657 -13.66 -1.32 27.30
C GLN A 657 -14.48 -0.04 27.29
N SER A 658 -14.89 0.37 28.46
CA SER A 658 -15.72 1.59 28.61
C SER A 658 -14.77 2.74 28.90
N PHE A 659 -15.01 3.89 28.29
CA PHE A 659 -14.21 5.10 28.56
C PHE A 659 -14.96 5.96 29.57
N PRO A 660 -14.40 6.20 30.75
CA PRO A 660 -15.14 7.02 31.73
C PRO A 660 -15.34 8.45 31.23
N ALA A 661 -16.45 9.04 31.72
CA ALA A 661 -16.73 10.44 31.44
C ALA A 661 -16.03 11.41 32.35
N ALA A 662 -15.47 10.94 33.46
CA ALA A 662 -14.79 11.84 34.41
C ALA A 662 -13.75 11.02 35.14
N GLU A 663 -12.72 11.75 35.55
CA GLU A 663 -11.57 11.19 36.22
C GLU A 663 -11.93 10.23 37.37
N ASN A 664 -12.90 10.64 38.18
CA ASN A 664 -13.30 9.90 39.38
C ASN A 664 -14.69 9.30 39.30
N GLN A 665 -15.15 8.94 38.10
CA GLN A 665 -16.44 8.29 37.95
C GLN A 665 -16.21 7.01 37.14
N HIS A 666 -15.99 5.93 37.88
CA HIS A 666 -15.69 4.64 37.25
C HIS A 666 -15.70 3.61 38.35
N ALA A 667 -15.56 2.35 37.95
CA ALA A 667 -15.84 1.29 38.90
C ALA A 667 -14.97 1.18 40.12
N VAL A 668 -13.76 1.74 40.11
CA VAL A 668 -12.88 1.67 41.26
C VAL A 668 -12.57 3.01 41.90
N ALA A 669 -13.33 4.05 41.55
CA ALA A 669 -13.00 5.39 42.04
C ALA A 669 -13.44 5.61 43.51
N GLY A 670 -12.68 6.51 44.14
CA GLY A 670 -13.08 7.03 45.44
C GLY A 670 -12.99 6.10 46.63
N ASP A 671 -12.19 5.04 46.53
CA ASP A 671 -12.11 4.05 47.60
C ASP A 671 -10.72 3.46 47.57
N PRO A 672 -9.78 3.93 48.38
CA PRO A 672 -8.42 3.40 48.41
C PRO A 672 -8.38 1.89 48.73
N THR A 673 -9.39 1.32 49.36
CA THR A 673 -9.39 -0.12 49.67
C THR A 673 -9.74 -0.90 48.40
N SER A 674 -10.33 -0.27 47.38
CA SER A 674 -10.58 -0.95 46.10
C SER A 674 -9.43 -0.65 45.14
N TYR A 675 -8.97 0.58 45.02
CA TYR A 675 -7.81 0.93 44.21
C TYR A 675 -7.10 2.12 44.83
N PRO A 676 -5.78 2.03 45.01
CA PRO A 676 -4.85 0.96 44.66
C PRO A 676 -4.65 -0.03 45.79
N GLY A 677 -5.33 0.08 46.94
CA GLY A 677 -5.04 -0.71 48.14
C GLY A 677 -4.43 0.20 49.18
N VAL A 678 -4.53 -0.31 50.41
CA VAL A 678 -3.92 0.35 51.56
C VAL A 678 -3.27 -0.74 52.40
N ASP A 679 -2.08 -0.46 52.96
CA ASP A 679 -1.33 -1.47 53.72
C ASP A 679 -1.24 -2.81 52.98
N ASN A 680 -1.02 -2.64 51.68
CA ASN A 680 -0.82 -3.78 50.77
C ASN A 680 -2.04 -4.67 50.64
N GLN A 681 -3.22 -4.12 50.85
CA GLN A 681 -4.45 -4.89 50.79
CA GLN A 681 -4.45 -4.90 50.76
C GLN A 681 -5.47 -4.13 49.93
N GLN A 682 -6.03 -4.81 48.96
CA GLN A 682 -7.20 -4.29 48.29
C GLN A 682 -8.29 -5.34 48.20
N THR A 683 -9.53 -4.89 48.02
CA THR A 683 -10.66 -5.76 47.83
C THR A 683 -11.42 -5.30 46.58
N TYR A 684 -11.82 -6.23 45.71
CA TYR A 684 -12.50 -5.88 44.47
C TYR A 684 -14.00 -5.69 44.76
N ARG A 685 -14.26 -4.51 45.34
CA ARG A 685 -15.59 -4.29 45.91
C ARG A 685 -16.70 -4.21 44.87
N GLU A 686 -16.34 -3.96 43.62
CA GLU A 686 -17.36 -3.90 42.58
C GLU A 686 -17.86 -5.29 42.21
N GLY A 687 -17.11 -6.35 42.55
CA GLY A 687 -17.46 -7.73 42.21
C GLY A 687 -17.54 -7.85 40.70
N ILE A 688 -18.62 -8.49 40.25
CA ILE A 688 -18.78 -8.69 38.80
C ILE A 688 -19.15 -7.41 38.09
N HIS A 689 -19.52 -6.33 38.81
CA HIS A 689 -20.03 -5.08 38.17
C HIS A 689 -18.85 -4.16 37.74
N VAL A 690 -18.02 -4.65 36.82
CA VAL A 690 -16.83 -3.91 36.37
C VAL A 690 -17.04 -3.52 34.94
N GLY A 691 -16.36 -2.49 34.47
CA GLY A 691 -16.54 -2.07 33.09
C GLY A 691 -17.97 -1.67 32.78
N TYR A 692 -18.49 -2.06 31.62
CA TYR A 692 -19.86 -1.65 31.27
C TYR A 692 -20.85 -2.20 32.27
N ARG A 693 -20.57 -3.31 32.95
CA ARG A 693 -21.49 -3.83 33.96
C ARG A 693 -21.63 -2.79 35.09
N TRP A 694 -20.56 -2.06 35.42
CA TRP A 694 -20.64 -1.03 36.48
C TRP A 694 -21.42 0.17 35.95
N PHE A 695 -21.15 0.66 34.76
CA PHE A 695 -21.90 1.79 34.20
C PHE A 695 -23.36 1.43 34.15
N ASP A 696 -23.73 0.21 33.82
CA ASP A 696 -25.13 -0.19 33.75
C ASP A 696 -25.75 -0.27 35.15
N LYS A 697 -25.07 -0.85 36.11
CA LYS A 697 -25.60 -0.92 37.48
C LYS A 697 -25.82 0.47 38.09
N GLU A 698 -24.87 1.37 37.89
CA GLU A 698 -24.91 2.70 38.51
C GLU A 698 -25.69 3.74 37.69
N ASN A 699 -26.19 3.39 36.51
CA ASN A 699 -26.91 4.30 35.61
C ASN A 699 -26.03 5.49 35.28
N VAL A 700 -24.78 5.20 34.91
CA VAL A 700 -23.83 6.25 34.53
C VAL A 700 -23.56 6.17 33.04
N LYS A 701 -23.58 7.27 32.30
CA LYS A 701 -23.28 7.28 30.88
C LYS A 701 -21.76 7.51 30.72
N PRO A 702 -21.01 6.53 30.19
CA PRO A 702 -19.60 6.72 29.94
C PRO A 702 -19.37 7.70 28.78
N LEU A 703 -18.14 8.19 28.64
CA LEU A 703 -17.76 8.99 27.48
C LEU A 703 -18.08 8.21 26.20
N PHE A 704 -17.62 6.94 26.15
CA PHE A 704 -17.98 5.99 25.08
C PHE A 704 -18.20 4.62 25.72
N PRO A 705 -19.19 3.88 25.22
CA PRO A 705 -19.56 2.61 25.86
C PRO A 705 -18.86 1.42 25.19
N PHE A 706 -18.89 0.32 25.91
CA PHE A 706 -18.37 -0.93 25.43
C PHE A 706 -19.01 -1.33 24.10
N GLY A 707 -18.21 -1.76 23.13
CA GLY A 707 -18.74 -2.29 21.90
C GLY A 707 -19.02 -1.18 20.89
N HIS A 708 -18.72 0.08 21.22
CA HIS A 708 -19.00 1.20 20.31
C HIS A 708 -17.94 1.29 19.22
N GLY A 709 -18.41 1.57 18.01
CA GLY A 709 -17.48 1.88 16.93
C GLY A 709 -18.30 2.23 15.70
N LEU A 710 -17.97 3.34 15.08
CA LEU A 710 -18.73 3.81 13.90
C LEU A 710 -18.13 3.29 12.63
N SER A 711 -18.86 3.52 11.54
CA SER A 711 -18.48 3.08 10.19
C SER A 711 -18.78 4.23 9.22
N TYR A 712 -18.14 4.16 8.05
CA TYR A 712 -18.49 5.03 6.93
C TYR A 712 -19.70 4.55 6.16
N THR A 713 -20.25 3.38 6.50
CA THR A 713 -21.54 2.97 5.96
C THR A 713 -22.53 2.77 7.08
N SER A 714 -23.79 2.52 6.72
CA SER A 714 -24.80 2.23 7.70
C SER A 714 -25.25 0.77 7.54
N PHE A 715 -25.79 0.23 8.63
CA PHE A 715 -26.28 -1.14 8.64
C PHE A 715 -27.63 -1.19 9.33
N THR A 716 -28.46 -2.08 8.83
CA THR A 716 -29.72 -2.40 9.51
C THR A 716 -29.66 -3.86 9.96
N GLN A 717 -30.33 -4.14 11.05
CA GLN A 717 -30.42 -5.50 11.58
C GLN A 717 -31.89 -5.91 11.77
N SER A 718 -32.20 -7.16 11.39
CA SER A 718 -33.51 -7.71 11.75
C SER A 718 -33.61 -8.02 13.24
N ALA A 719 -34.80 -8.38 13.72
CA ALA A 719 -34.97 -8.97 15.02
C ALA A 719 -34.22 -10.30 15.04
N PRO A 720 -33.72 -10.66 16.23
CA PRO A 720 -33.02 -11.95 16.31
C PRO A 720 -33.98 -13.13 16.35
N THR A 721 -33.58 -14.26 15.74
CA THR A 721 -34.29 -15.52 15.89
C THR A 721 -33.37 -16.39 16.74
N VAL A 722 -33.89 -17.14 17.71
CA VAL A 722 -33.07 -17.94 18.61
C VAL A 722 -33.55 -19.37 18.64
N VAL A 723 -32.61 -20.32 18.59
CA VAL A 723 -32.95 -21.73 18.77
C VAL A 723 -31.94 -22.34 19.71
N ARG A 724 -32.36 -23.16 20.65
CA ARG A 724 -31.46 -23.84 21.54
C ARG A 724 -30.61 -24.85 20.79
N THR A 725 -29.34 -25.01 21.14
CA THR A 725 -28.46 -25.99 20.53
C THR A 725 -28.50 -27.30 21.29
N SER A 726 -27.92 -28.34 20.69
CA SER A 726 -27.96 -29.65 21.35
C SER A 726 -27.26 -29.73 22.70
N THR A 727 -26.40 -28.75 22.97
CA THR A 727 -25.74 -28.64 24.27
C THR A 727 -26.42 -27.66 25.24
N GLY A 728 -27.53 -27.05 24.85
CA GLY A 728 -28.25 -26.10 25.69
C GLY A 728 -27.77 -24.68 25.55
N GLY A 729 -26.81 -24.45 24.67
CA GLY A 729 -26.47 -23.07 24.24
C GLY A 729 -27.52 -22.51 23.30
N LEU A 730 -27.24 -21.37 22.67
CA LEU A 730 -28.20 -20.75 21.78
C LEU A 730 -27.55 -20.47 20.46
N LYS A 731 -28.31 -20.62 19.38
CA LYS A 731 -27.91 -20.16 18.09
C LYS A 731 -28.78 -18.96 17.76
N VAL A 732 -28.19 -17.77 17.65
CA VAL A 732 -28.93 -16.54 17.43
C VAL A 732 -28.69 -16.11 15.98
N THR A 733 -29.73 -15.78 15.22
CA THR A 733 -29.61 -15.45 13.80
C THR A 733 -30.12 -14.02 13.62
N VAL A 734 -29.35 -13.16 12.94
CA VAL A 734 -29.74 -11.77 12.67
C VAL A 734 -29.39 -11.46 11.21
N THR A 735 -30.35 -10.97 10.42
CA THR A 735 -30.00 -10.57 9.06
C THR A 735 -29.57 -9.09 9.11
N VAL A 736 -28.37 -8.86 8.57
CA VAL A 736 -27.70 -7.56 8.57
C VAL A 736 -27.64 -7.10 7.12
N ARG A 737 -28.09 -5.88 6.86
CA ARG A 737 -27.98 -5.25 5.53
C ARG A 737 -27.07 -4.04 5.59
N ASN A 738 -26.15 -3.92 4.64
CA ASN A 738 -25.41 -2.68 4.42
C ASN A 738 -26.30 -1.70 3.65
N SER A 739 -26.83 -0.74 4.37
CA SER A 739 -27.81 0.15 3.73
C SER A 739 -27.15 1.41 3.22
N GLY A 740 -25.82 1.43 3.13
CA GLY A 740 -25.13 2.64 2.71
C GLY A 740 -24.45 2.43 1.37
N LYS A 741 -23.47 3.29 1.13
CA LYS A 741 -22.84 3.35 -0.18
C LYS A 741 -21.45 2.75 -0.26
N ARG A 742 -20.94 2.34 0.91
CA ARG A 742 -19.58 1.78 0.99
C ARG A 742 -19.60 0.35 1.55
N ALA A 743 -18.74 -0.51 1.03
CA ALA A 743 -18.50 -1.80 1.70
C ALA A 743 -18.06 -1.56 3.15
N GLY A 744 -18.45 -2.46 4.05
CA GLY A 744 -17.92 -2.32 5.41
C GLY A 744 -18.21 -3.56 6.22
N GLN A 745 -17.62 -3.59 7.41
CA GLN A 745 -17.89 -4.67 8.37
C GLN A 745 -18.62 -4.14 9.58
N GLU A 746 -19.52 -4.98 10.11
CA GLU A 746 -20.31 -4.68 11.30
C GLU A 746 -20.04 -5.82 12.30
N VAL A 747 -20.08 -5.52 13.59
CA VAL A 747 -19.97 -6.59 14.62
C VAL A 747 -21.33 -6.67 15.29
N VAL A 748 -21.99 -7.80 15.04
CA VAL A 748 -23.27 -8.07 15.69
C VAL A 748 -23.00 -8.62 17.08
N GLN A 749 -23.51 -7.96 18.10
CA GLN A 749 -23.26 -8.26 19.52
C GLN A 749 -24.55 -8.75 20.15
N ALA A 750 -24.50 -9.79 20.96
CA ALA A 750 -25.67 -10.32 21.68
C ALA A 750 -25.45 -10.15 23.18
N TYR A 751 -26.43 -9.58 23.87
CA TYR A 751 -26.37 -9.32 25.30
C TYR A 751 -27.54 -10.04 25.95
N LEU A 752 -27.36 -10.66 27.11
CA LEU A 752 -28.42 -11.37 27.80
C LEU A 752 -28.66 -10.73 29.15
N GLY A 753 -29.94 -10.52 29.48
CA GLY A 753 -30.32 -9.99 30.77
C GLY A 753 -30.37 -10.99 31.89
N ALA A 754 -30.61 -10.51 33.11
CA ALA A 754 -30.52 -11.38 34.30
C ALA A 754 -31.60 -12.47 34.30
N SER A 755 -31.32 -13.62 34.89
CA SER A 755 -32.30 -14.70 35.10
C SER A 755 -33.21 -14.27 36.25
N PRO A 756 -34.53 -14.44 36.07
CA PRO A 756 -35.47 -14.18 37.17
C PRO A 756 -35.43 -15.26 38.26
N ASN A 757 -34.69 -16.34 38.02
CA ASN A 757 -34.61 -17.46 38.96
C ASN A 757 -33.31 -17.50 39.75
N VAL A 758 -32.48 -16.46 39.64
CA VAL A 758 -31.18 -16.46 40.32
C VAL A 758 -31.11 -15.32 41.33
N THR A 759 -30.60 -15.57 42.53
CA THR A 759 -30.46 -14.52 43.55
C THR A 759 -29.02 -14.01 43.71
N ALA A 760 -28.08 -14.75 43.15
CA ALA A 760 -26.68 -14.34 43.15
C ALA A 760 -26.51 -13.07 42.28
N PRO A 761 -25.43 -12.31 42.47
CA PRO A 761 -25.17 -11.16 41.62
C PRO A 761 -25.23 -11.49 40.14
N GLN A 762 -25.90 -10.60 39.41
CA GLN A 762 -26.00 -10.70 37.95
C GLN A 762 -25.84 -9.35 37.32
N ALA A 763 -25.21 -9.32 36.16
CA ALA A 763 -25.09 -8.08 35.42
C ALA A 763 -26.44 -7.67 34.82
N LYS A 764 -26.69 -6.37 34.67
CA LYS A 764 -27.92 -5.93 33.99
C LYS A 764 -28.01 -6.54 32.58
N LYS A 765 -26.88 -6.53 31.90
CA LYS A 765 -26.77 -7.25 30.64
C LYS A 765 -25.36 -7.78 30.49
N LYS A 766 -25.24 -8.95 29.88
CA LYS A 766 -23.97 -9.69 29.75
C LYS A 766 -23.74 -9.96 28.25
N LEU A 767 -22.58 -9.58 27.69
CA LEU A 767 -22.21 -10.00 26.35
C LEU A 767 -22.05 -11.52 26.33
N VAL A 768 -22.84 -12.14 25.45
CA VAL A 768 -22.83 -13.60 25.41
C VAL A 768 -22.43 -14.17 24.06
N GLY A 769 -22.25 -13.35 23.06
CA GLY A 769 -21.71 -13.79 21.77
C GLY A 769 -21.59 -12.61 20.86
N TYR A 770 -20.83 -12.81 19.80
CA TYR A 770 -20.71 -11.80 18.75
C TYR A 770 -20.18 -12.41 17.47
N THR A 771 -20.43 -11.77 16.34
CA THR A 771 -19.90 -12.22 15.08
C THR A 771 -19.72 -11.01 14.18
N LYS A 772 -18.53 -10.88 13.61
CA LYS A 772 -18.27 -9.84 12.66
C LYS A 772 -18.58 -10.27 11.25
N VAL A 773 -19.16 -9.35 10.45
CA VAL A 773 -19.61 -9.71 9.10
C VAL A 773 -19.14 -8.63 8.12
N SER A 774 -18.79 -9.06 6.90
CA SER A 774 -18.36 -8.14 5.84
C SER A 774 -19.44 -8.06 4.78
N LEU A 775 -19.80 -6.84 4.39
CA LEU A 775 -20.93 -6.64 3.47
C LEU A 775 -20.54 -5.62 2.42
N ALA A 776 -20.81 -5.96 1.17
CA ALA A 776 -20.75 -4.92 0.13
C ALA A 776 -21.91 -3.93 0.28
N ALA A 777 -21.76 -2.72 -0.26
CA ALA A 777 -22.86 -1.77 -0.27
C ALA A 777 -24.13 -2.42 -0.83
N GLY A 778 -25.25 -2.26 -0.13
CA GLY A 778 -26.50 -2.91 -0.53
C GLY A 778 -26.68 -4.37 -0.17
N GLU A 779 -25.62 -5.04 0.27
CA GLU A 779 -25.62 -6.50 0.52
C GLU A 779 -26.22 -6.83 1.89
N ALA A 780 -26.97 -7.92 1.95
CA ALA A 780 -27.45 -8.50 3.23
C ALA A 780 -26.87 -9.90 3.38
N LYS A 781 -26.55 -10.25 4.64
CA LYS A 781 -26.20 -11.61 5.02
C LYS A 781 -26.92 -11.93 6.32
N THR A 782 -27.36 -13.18 6.44
CA THR A 782 -27.87 -13.65 7.71
C THR A 782 -26.72 -14.19 8.55
N VAL A 783 -26.54 -13.54 9.68
CA VAL A 783 -25.38 -13.82 10.54
C VAL A 783 -25.79 -14.72 11.70
N THR A 784 -24.94 -15.71 11.99
CA THR A 784 -25.11 -16.56 13.15
C THR A 784 -24.21 -16.10 14.28
N VAL A 785 -24.83 -15.91 15.45
CA VAL A 785 -24.09 -15.62 16.67
C VAL A 785 -24.28 -16.80 17.58
N ASN A 786 -23.19 -17.52 17.86
CA ASN A 786 -23.22 -18.68 18.74
C ASN A 786 -23.12 -18.22 20.20
N VAL A 787 -23.92 -18.80 21.07
CA VAL A 787 -23.84 -18.57 22.51
C VAL A 787 -23.55 -19.88 23.18
N ASP A 788 -22.36 -19.97 23.79
CA ASP A 788 -22.03 -21.22 24.49
C ASP A 788 -22.91 -21.41 25.74
N ARG A 789 -23.18 -22.67 26.10
CA ARG A 789 -23.96 -22.95 27.27
C ARG A 789 -23.42 -22.24 28.51
N ARG A 790 -22.08 -22.21 28.64
CA ARG A 790 -21.47 -21.57 29.81
C ARG A 790 -21.91 -20.11 30.01
N GLN A 791 -22.22 -19.44 28.91
CA GLN A 791 -22.66 -18.05 29.02
C GLN A 791 -24.00 -17.85 29.69
N LEU A 792 -24.80 -18.93 29.69
CA LEU A 792 -26.13 -18.88 30.31
C LEU A 792 -26.05 -19.24 31.80
N GLN A 793 -24.83 -19.49 32.31
CA GLN A 793 -24.61 -19.96 33.67
C GLN A 793 -23.95 -18.87 34.51
N PHE A 794 -24.08 -19.03 35.81
CA PHE A 794 -23.33 -18.23 36.78
C PHE A 794 -22.56 -19.12 37.72
N TRP A 795 -21.58 -18.56 38.41
CA TRP A 795 -20.84 -19.35 39.37
C TRP A 795 -21.60 -19.29 40.70
N ASP A 796 -22.05 -20.47 41.16
CA ASP A 796 -22.84 -20.62 42.39
C ASP A 796 -21.89 -20.93 43.54
N ALA A 797 -21.61 -19.94 44.37
CA ALA A 797 -20.54 -20.04 45.37
C ALA A 797 -20.99 -20.88 46.56
N ALA A 798 -22.21 -21.41 46.49
CA ALA A 798 -22.64 -22.49 47.38
C ALA A 798 -22.20 -23.84 46.78
N THR A 799 -22.85 -24.26 45.69
CA THR A 799 -22.46 -25.52 45.06
C THR A 799 -20.99 -25.61 44.63
N ASP A 800 -20.24 -24.51 44.71
CA ASP A 800 -18.93 -24.41 44.07
C ASP A 800 -18.95 -24.95 42.64
N ASN A 801 -19.91 -24.48 41.83
CA ASN A 801 -19.94 -24.93 40.45
C ASN A 801 -20.81 -23.98 39.65
N TRP A 802 -20.77 -24.17 38.34
CA TRP A 802 -21.57 -23.39 37.42
C TRP A 802 -23.01 -23.88 37.55
N LYS A 803 -23.93 -22.93 37.49
CA LYS A 803 -25.38 -23.24 37.52
C LYS A 803 -26.06 -22.42 36.43
N THR A 804 -27.03 -23.04 35.75
CA THR A 804 -27.72 -22.35 34.64
C THR A 804 -28.71 -21.34 35.23
N GLY A 805 -28.72 -20.12 34.71
CA GLY A 805 -29.73 -19.11 35.08
C GLY A 805 -30.94 -19.23 34.17
N THR A 806 -31.98 -19.85 34.73
CA THR A 806 -33.11 -20.28 33.93
C THR A 806 -34.21 -19.22 33.89
N GLY A 807 -35.24 -19.55 33.12
CA GLY A 807 -36.35 -18.63 33.06
C GLY A 807 -36.32 -17.66 31.89
N ASN A 808 -37.35 -16.84 31.77
CA ASN A 808 -37.47 -15.93 30.67
C ASN A 808 -36.49 -14.73 30.84
N ARG A 809 -35.58 -14.61 29.88
CA ARG A 809 -34.52 -13.61 29.92
C ARG A 809 -34.50 -12.82 28.64
N LEU A 810 -34.09 -11.55 28.75
CA LEU A 810 -34.01 -10.66 27.63
C LEU A 810 -32.73 -10.88 26.82
N LEU A 811 -32.88 -11.21 25.56
CA LEU A 811 -31.76 -11.27 24.62
C LEU A 811 -31.84 -10.07 23.72
N GLN A 812 -30.79 -9.26 23.66
CA GLN A 812 -30.73 -8.08 22.82
C GLN A 812 -29.60 -8.23 21.83
N THR A 813 -29.81 -7.74 20.62
CA THR A 813 -28.78 -7.74 19.58
C THR A 813 -28.60 -6.36 19.01
N GLY A 814 -27.38 -6.04 18.59
CA GLY A 814 -27.18 -4.76 17.95
C GLY A 814 -25.72 -4.54 17.66
N SER A 815 -25.30 -3.29 17.60
CA SER A 815 -23.97 -3.02 17.08
C SER A 815 -23.08 -2.34 18.10
N SER A 816 -23.63 -2.13 19.29
CA SER A 816 -22.82 -1.69 20.45
C SER A 816 -23.57 -1.99 21.71
N SER A 817 -22.98 -1.89 22.89
CA SER A 817 -23.76 -2.12 24.10
C SER A 817 -24.84 -1.04 24.27
N ALA A 818 -24.67 0.10 23.60
CA ALA A 818 -25.59 1.23 23.77
C ALA A 818 -26.51 1.38 22.56
N ASP A 819 -26.37 0.56 21.52
CA ASP A 819 -27.22 0.65 20.33
C ASP A 819 -27.79 -0.74 20.04
N LEU A 820 -28.77 -1.15 20.86
CA LEU A 820 -29.41 -2.46 20.86
C LEU A 820 -30.88 -2.32 20.47
N ARG A 821 -31.12 -2.66 19.20
CA ARG A 821 -32.39 -2.42 18.54
C ARG A 821 -33.23 -3.69 18.57
N GLY A 822 -32.58 -4.85 18.53
CA GLY A 822 -33.30 -6.10 18.37
C GLY A 822 -33.42 -6.81 19.70
N SER A 823 -34.52 -7.53 19.87
CA SER A 823 -34.72 -8.26 21.11
C SER A 823 -35.53 -9.53 20.91
N ALA A 824 -35.38 -10.46 21.85
CA ALA A 824 -36.19 -11.66 21.92
C ALA A 824 -36.26 -12.07 23.37
N THR A 825 -37.31 -12.77 23.78
CA THR A 825 -37.41 -13.40 25.08
C THR A 825 -36.94 -14.84 24.90
N VAL A 826 -35.98 -15.23 25.71
CA VAL A 826 -35.46 -16.60 25.65
C VAL A 826 -35.74 -17.27 26.97
N ASN A 827 -36.48 -18.39 26.94
CA ASN A 827 -36.69 -19.18 28.14
C ASN A 827 -35.53 -20.15 28.27
N VAL A 828 -34.60 -19.84 29.16
CA VAL A 828 -33.41 -20.68 29.33
C VAL A 828 -33.72 -21.84 30.26
N TRP A 829 -33.29 -23.04 29.88
CA TRP A 829 -33.55 -24.17 30.78
C TRP A 829 -32.43 -25.18 30.69
N TYR B 50 -27.92 -14.34 -29.28
CA TYR B 50 -29.01 -13.44 -29.74
C TYR B 50 -29.26 -13.69 -31.23
N THR B 51 -30.39 -13.23 -31.75
CA THR B 51 -30.67 -13.32 -33.18
C THR B 51 -30.46 -11.97 -33.86
N SER B 52 -29.58 -11.88 -34.85
CA SER B 52 -29.22 -10.57 -35.38
C SER B 52 -30.35 -9.96 -36.21
N ARG B 53 -30.67 -8.69 -35.98
CA ARG B 53 -31.70 -7.96 -36.74
C ARG B 53 -31.13 -6.73 -37.46
N ALA B 54 -29.82 -6.59 -37.40
CA ALA B 54 -29.19 -5.42 -37.97
C ALA B 54 -29.53 -5.14 -39.41
N ALA B 55 -29.44 -6.17 -40.25
CA ALA B 55 -29.75 -5.96 -41.65
C ALA B 55 -31.21 -5.53 -41.88
N GLU B 56 -32.12 -6.23 -41.22
CA GLU B 56 -33.51 -5.89 -41.49
C GLU B 56 -33.88 -4.52 -40.89
N LEU B 57 -33.22 -4.13 -39.81
CA LEU B 57 -33.43 -2.77 -39.27
C LEU B 57 -32.87 -1.70 -40.19
N VAL B 58 -31.64 -1.91 -40.67
CA VAL B 58 -31.13 -0.92 -41.59
C VAL B 58 -31.95 -0.79 -42.87
N ALA B 59 -32.56 -1.89 -43.29
CA ALA B 59 -33.37 -1.90 -44.52
C ALA B 59 -34.61 -1.04 -44.36
N GLN B 60 -35.04 -0.82 -43.14
CA GLN B 60 -36.17 0.09 -42.86
C GLN B 60 -35.79 1.55 -42.79
N MET B 61 -34.50 1.88 -42.77
CA MET B 61 -34.11 3.24 -42.52
C MET B 61 -34.24 4.11 -43.78
N THR B 62 -34.46 5.40 -43.52
CA THR B 62 -34.36 6.33 -44.63
C THR B 62 -32.89 6.60 -44.94
N LEU B 63 -32.63 7.18 -46.12
CA LEU B 63 -31.26 7.56 -46.43
C LEU B 63 -30.64 8.50 -45.40
N ASP B 64 -31.41 9.48 -44.93
CA ASP B 64 -30.90 10.37 -43.90
C ASP B 64 -30.56 9.59 -42.63
N GLU B 65 -31.40 8.64 -42.24
CA GLU B 65 -31.09 7.86 -41.05
C GLU B 65 -29.80 7.01 -41.25
N LYS B 66 -29.63 6.38 -42.39
CA LYS B 66 -28.36 5.66 -42.60
C LYS B 66 -27.14 6.58 -42.57
N ILE B 67 -27.26 7.74 -43.22
CA ILE B 67 -26.17 8.68 -43.21
C ILE B 67 -25.82 9.17 -41.82
N SER B 68 -26.80 9.23 -40.91
CA SER B 68 -26.47 9.65 -39.54
C SER B 68 -25.44 8.77 -38.81
N PHE B 69 -25.28 7.53 -39.28
CA PHE B 69 -24.30 6.64 -38.64
C PHE B 69 -22.89 6.86 -39.14
N VAL B 70 -22.78 7.42 -40.33
CA VAL B 70 -21.49 7.31 -41.03
C VAL B 70 -20.59 8.54 -40.88
N HIS B 71 -20.95 9.41 -39.93
CA HIS B 71 -20.05 10.54 -39.62
C HIS B 71 -20.27 10.85 -38.15
N TRP B 72 -19.21 10.93 -37.37
CA TRP B 72 -19.34 11.27 -35.95
C TRP B 72 -19.75 12.75 -35.83
N ALA B 73 -20.78 12.97 -35.01
CA ALA B 73 -21.14 14.35 -34.62
C ALA B 73 -20.50 14.69 -33.30
N LEU B 74 -20.67 15.94 -32.83
CA LEU B 74 -20.21 16.32 -31.51
C LEU B 74 -21.04 15.70 -30.40
N ASP B 75 -20.36 15.37 -29.32
CA ASP B 75 -21.03 14.92 -28.10
C ASP B 75 -21.98 16.02 -27.58
N PRO B 76 -23.27 15.70 -27.39
CA PRO B 76 -24.15 16.70 -26.71
C PRO B 76 -23.58 17.20 -25.40
N ASP B 77 -22.84 16.36 -24.69
CA ASP B 77 -22.27 16.68 -23.38
C ASP B 77 -20.86 17.22 -23.44
N ARG B 78 -20.33 17.33 -24.65
CA ARG B 78 -19.10 18.09 -24.92
C ARG B 78 -17.92 17.53 -24.16
N GLN B 79 -17.84 16.20 -24.04
CA GLN B 79 -16.79 15.54 -23.28
C GLN B 79 -15.87 14.69 -24.17
N ASN B 80 -16.46 14.04 -25.17
CA ASN B 80 -15.71 12.95 -25.80
C ASN B 80 -15.32 13.30 -27.24
N VAL B 81 -14.88 12.29 -28.01
CA VAL B 81 -14.54 12.47 -29.41
C VAL B 81 -15.73 12.50 -30.34
N GLY B 82 -16.62 11.53 -30.23
CA GLY B 82 -17.70 11.35 -31.21
C GLY B 82 -19.01 10.86 -30.62
N TYR B 83 -20.09 11.29 -31.27
CA TYR B 83 -21.44 10.84 -30.94
C TYR B 83 -22.24 10.56 -32.21
N LEU B 84 -23.11 9.56 -32.18
CA LEU B 84 -24.13 9.30 -33.18
C LEU B 84 -25.51 9.36 -32.50
N PRO B 85 -26.53 9.86 -33.20
CA PRO B 85 -27.82 9.98 -32.54
C PRO B 85 -28.55 8.65 -32.50
N GLY B 86 -28.22 7.67 -33.33
CA GLY B 86 -29.01 6.46 -33.43
C GLY B 86 -30.35 6.69 -34.09
N VAL B 87 -31.22 5.69 -33.99
CA VAL B 87 -32.53 5.77 -34.63
C VAL B 87 -33.53 5.23 -33.60
N PRO B 88 -34.12 6.13 -32.80
CA PRO B 88 -35.00 5.69 -31.71
C PRO B 88 -36.16 4.82 -32.16
N ARG B 89 -36.78 5.09 -33.30
CA ARG B 89 -37.97 4.35 -33.70
C ARG B 89 -37.66 2.89 -34.00
N LEU B 90 -36.37 2.62 -34.22
CA LEU B 90 -35.92 1.23 -34.50
C LEU B 90 -35.21 0.65 -33.28
N GLY B 91 -35.28 1.31 -32.15
CA GLY B 91 -34.68 0.75 -30.94
C GLY B 91 -33.15 0.80 -30.97
N ILE B 92 -32.60 1.69 -31.79
CA ILE B 92 -31.14 1.79 -31.85
C ILE B 92 -30.74 3.06 -31.10
N PRO B 93 -30.02 2.92 -29.99
CA PRO B 93 -29.66 4.05 -29.15
C PRO B 93 -28.53 4.89 -29.71
N GLU B 94 -28.17 5.92 -28.96
CA GLU B 94 -27.06 6.79 -29.30
C GLU B 94 -25.75 6.00 -29.14
N LEU B 95 -24.66 6.47 -29.75
CA LEU B 95 -23.33 5.85 -29.67
C LEU B 95 -22.33 6.93 -29.29
N ARG B 96 -21.44 6.65 -28.32
CA ARG B 96 -20.40 7.59 -27.91
C ARG B 96 -19.03 6.90 -27.92
N ALA B 97 -18.06 7.63 -28.47
CA ALA B 97 -16.67 7.16 -28.47
C ALA B 97 -15.75 8.17 -27.78
N ALA B 98 -14.81 7.66 -27.02
CA ALA B 98 -13.79 8.44 -26.31
C ALA B 98 -12.39 7.86 -26.52
N ASP B 99 -11.37 8.71 -26.57
CA ASP B 99 -10.02 8.21 -26.37
C ASP B 99 -9.90 7.64 -24.96
N GLY B 100 -8.93 6.81 -24.63
CA GLY B 100 -7.80 6.43 -25.48
C GLY B 100 -7.09 5.21 -24.93
N PRO B 101 -5.93 4.87 -25.52
CA PRO B 101 -5.25 3.61 -25.21
C PRO B 101 -4.80 3.35 -23.78
N ASN B 102 -4.72 4.37 -22.93
CA ASN B 102 -4.31 4.18 -21.53
C ASN B 102 -5.32 4.74 -20.52
N GLY B 103 -6.57 4.74 -20.95
CA GLY B 103 -7.67 5.15 -20.05
C GLY B 103 -8.62 6.08 -20.75
N ILE B 104 -9.81 6.23 -20.16
CA ILE B 104 -10.87 7.01 -20.77
C ILE B 104 -10.62 8.51 -20.59
N ARG B 105 -10.49 9.26 -21.68
CA ARG B 105 -10.24 10.70 -21.63
C ARG B 105 -11.55 11.43 -21.96
N LEU B 106 -12.00 12.24 -20.98
CA LEU B 106 -13.21 13.03 -21.16
C LEU B 106 -12.97 14.42 -20.57
N VAL B 107 -13.33 15.43 -21.34
CA VAL B 107 -13.22 16.81 -20.83
C VAL B 107 -14.04 16.97 -19.55
N GLY B 108 -13.40 17.44 -18.48
CA GLY B 108 -14.12 17.70 -17.23
C GLY B 108 -14.56 16.47 -16.49
N GLN B 109 -14.04 15.28 -16.81
CA GLN B 109 -14.43 14.09 -16.07
C GLN B 109 -13.22 13.15 -15.93
N THR B 110 -12.71 12.91 -14.72
CA THR B 110 -11.55 12.06 -14.52
C THR B 110 -11.91 10.60 -14.73
N ALA B 111 -10.88 9.78 -14.96
CA ALA B 111 -11.02 8.34 -15.11
C ALA B 111 -9.67 7.76 -14.71
N THR B 112 -9.55 6.43 -14.72
CA THR B 112 -8.28 5.77 -14.40
C THR B 112 -7.24 6.14 -15.46
N ALA B 113 -6.12 6.67 -14.99
CA ALA B 113 -4.93 6.89 -15.83
C ALA B 113 -4.02 5.69 -15.68
N LEU B 114 -4.13 4.74 -16.62
CA LEU B 114 -3.36 3.50 -16.54
C LEU B 114 -1.92 3.75 -16.97
N PRO B 115 -0.99 2.86 -16.63
CA PRO B 115 0.39 2.99 -17.15
C PRO B 115 0.38 3.01 -18.68
N ALA B 116 1.46 3.56 -19.25
CA ALA B 116 1.50 3.70 -20.70
C ALA B 116 1.36 2.34 -21.36
N PRO B 117 0.81 2.30 -22.58
CA PRO B 117 0.78 1.08 -23.35
C PRO B 117 2.10 0.35 -23.44
N VAL B 118 3.20 1.08 -23.61
CA VAL B 118 4.50 0.39 -23.68
C VAL B 118 4.86 -0.32 -22.34
N ALA B 119 4.46 0.28 -21.23
CA ALA B 119 4.67 -0.35 -19.93
C ALA B 119 3.81 -1.61 -19.82
N LEU B 120 2.54 -1.53 -20.23
CA LEU B 120 1.75 -2.76 -20.30
C LEU B 120 2.47 -3.84 -21.12
N ALA B 121 2.91 -3.51 -22.33
CA ALA B 121 3.47 -4.55 -23.17
C ALA B 121 4.72 -5.14 -22.54
N SER B 122 5.51 -4.30 -21.87
CA SER B 122 6.75 -4.74 -21.21
C SER B 122 6.48 -5.71 -20.03
N THR B 123 5.21 -5.91 -19.66
CA THR B 123 4.97 -7.00 -18.69
C THR B 123 5.19 -8.34 -19.36
N PHE B 124 5.13 -8.51 -20.68
CA PHE B 124 5.18 -9.81 -21.32
C PHE B 124 4.15 -10.78 -20.71
N ASP B 125 3.00 -10.26 -20.34
CA ASP B 125 2.03 -11.04 -19.54
C ASP B 125 0.62 -10.73 -20.01
N ASP B 126 0.03 -11.66 -20.74
CA ASP B 126 -1.32 -11.47 -21.28
C ASP B 126 -2.34 -11.19 -20.19
N THR B 127 -2.14 -11.76 -19.00
CA THR B 127 -3.11 -11.53 -17.92
C THR B 127 -3.09 -10.08 -17.47
N MET B 128 -1.94 -9.40 -17.56
CA MET B 128 -1.93 -8.00 -17.21
C MET B 128 -2.75 -7.17 -18.19
N ALA B 129 -2.63 -7.51 -19.46
CA ALA B 129 -3.39 -6.82 -20.50
C ALA B 129 -4.89 -7.03 -20.37
N ASP B 130 -5.26 -8.24 -19.93
CA ASP B 130 -6.66 -8.52 -19.66
C ASP B 130 -7.18 -7.61 -18.52
N SER B 131 -6.43 -7.53 -17.43
CA SER B 131 -6.83 -6.68 -16.29
C SER B 131 -6.91 -5.21 -16.67
N TYR B 132 -5.88 -4.75 -17.39
CA TYR B 132 -5.85 -3.38 -17.88
C TYR B 132 -7.08 -3.08 -18.75
N GLY B 133 -7.39 -3.97 -19.69
CA GLY B 133 -8.58 -3.76 -20.52
C GLY B 133 -9.89 -3.77 -19.74
N LYS B 134 -9.95 -4.66 -18.74
CA LYS B 134 -11.18 -4.70 -17.90
C LYS B 134 -11.44 -3.36 -17.23
N VAL B 135 -10.39 -2.73 -16.73
CA VAL B 135 -10.57 -1.44 -16.06
C VAL B 135 -11.03 -0.39 -17.05
N MET B 136 -10.39 -0.32 -18.21
CA MET B 136 -10.78 0.63 -19.23
C MET B 136 -12.23 0.45 -19.66
N GLY B 137 -12.63 -0.80 -19.89
CA GLY B 137 -14.00 -1.05 -20.31
C GLY B 137 -15.01 -0.60 -19.27
N ARG B 138 -14.76 -0.95 -18.02
CA ARG B 138 -15.71 -0.60 -16.98
C ARG B 138 -15.73 0.91 -16.82
N ASP B 139 -14.58 1.57 -16.84
CA ASP B 139 -14.66 3.02 -16.72
C ASP B 139 -15.44 3.63 -17.89
N GLY B 140 -15.20 3.20 -19.13
CA GLY B 140 -15.95 3.74 -20.24
C GLY B 140 -17.44 3.52 -20.08
N ARG B 141 -17.81 2.31 -19.68
CA ARG B 141 -19.25 2.06 -19.52
C ARG B 141 -19.81 2.93 -18.40
N ALA B 142 -19.09 3.07 -17.30
CA ALA B 142 -19.60 3.84 -16.17
C ALA B 142 -19.77 5.29 -16.56
N LEU B 143 -18.95 5.79 -17.50
CA LEU B 143 -18.90 7.21 -17.85
C LEU B 143 -19.65 7.52 -19.15
N ASN B 144 -20.61 6.67 -19.50
CA ASN B 144 -21.60 6.91 -20.56
C ASN B 144 -21.07 6.74 -21.99
N GLN B 145 -19.93 6.04 -22.07
CA GLN B 145 -19.34 5.80 -23.40
C GLN B 145 -19.73 4.39 -23.85
N ASP B 146 -19.63 4.21 -25.16
CA ASP B 146 -19.85 2.89 -25.77
C ASP B 146 -18.60 2.29 -26.37
N MET B 147 -17.62 3.12 -26.69
CA MET B 147 -16.37 2.67 -27.31
C MET B 147 -15.18 3.41 -26.76
N VAL B 148 -14.04 2.74 -26.71
CA VAL B 148 -12.75 3.41 -26.55
C VAL B 148 -12.00 3.37 -27.86
N LEU B 149 -11.37 4.50 -28.18
CA LEU B 149 -10.60 4.61 -29.42
C LEU B 149 -9.18 4.11 -29.15
N GLY B 150 -9.09 2.79 -29.03
CA GLY B 150 -7.81 2.07 -28.89
C GLY B 150 -8.13 0.60 -28.73
N PRO B 151 -7.04 -0.18 -28.62
CA PRO B 151 -5.65 0.24 -28.50
C PRO B 151 -4.98 0.62 -29.83
N MET B 152 -3.92 1.40 -29.63
CA MET B 152 -2.94 1.61 -30.72
C MET B 152 -2.00 0.41 -30.80
N MET B 153 -1.64 0.00 -32.01
CA MET B 153 -0.77 -1.16 -32.18
C MET B 153 0.18 -1.01 -33.36
N ASN B 154 0.45 0.20 -33.83
CA ASN B 154 1.48 0.33 -34.87
C ASN B 154 2.83 -0.11 -34.34
N ASN B 155 3.62 -0.65 -35.26
CA ASN B 155 4.95 -1.08 -34.85
C ASN B 155 5.83 0.07 -34.39
N ILE B 156 6.69 -0.14 -33.39
CA ILE B 156 7.75 0.80 -33.06
C ILE B 156 8.87 0.64 -34.08
N ARG B 157 8.93 1.57 -35.03
CA ARG B 157 9.91 1.61 -36.13
C ARG B 157 10.95 2.69 -35.90
N VAL B 158 10.51 3.87 -35.49
CA VAL B 158 11.36 5.05 -35.46
C VAL B 158 11.61 5.38 -33.99
N PRO B 159 12.86 5.43 -33.50
CA PRO B 159 13.08 5.67 -32.06
C PRO B 159 12.46 7.00 -31.65
N HIS B 160 12.48 8.01 -32.55
CA HIS B 160 11.92 9.32 -32.25
C HIS B 160 10.41 9.40 -32.20
N GLY B 161 9.72 8.35 -32.65
CA GLY B 161 8.28 8.46 -32.89
C GLY B 161 7.55 8.99 -31.67
N GLY B 162 6.80 10.07 -31.85
CA GLY B 162 6.23 10.71 -30.66
C GLY B 162 5.28 9.80 -29.90
N ARG B 163 4.56 8.92 -30.59
CA ARG B 163 3.55 8.09 -29.91
C ARG B 163 4.09 6.69 -29.61
N ASN B 164 5.41 6.51 -29.64
CA ASN B 164 5.98 5.20 -29.24
C ASN B 164 5.46 4.77 -27.86
N TYR B 165 5.26 5.71 -26.94
CA TYR B 165 4.77 5.31 -25.61
C TYR B 165 3.37 4.73 -25.65
N GLU B 166 2.61 5.09 -26.67
CA GLU B 166 1.18 4.81 -26.79
C GLU B 166 0.94 3.48 -27.48
N THR B 167 1.98 2.81 -27.95
CA THR B 167 1.86 1.53 -28.64
C THR B 167 2.73 0.50 -27.90
N PHE B 168 2.89 -0.66 -28.52
CA PHE B 168 3.37 -1.81 -27.72
C PHE B 168 4.83 -2.22 -27.90
N SER B 169 5.29 -2.34 -29.16
CA SER B 169 6.55 -3.07 -29.39
C SER B 169 7.04 -2.77 -30.80
N GLU B 170 8.33 -3.07 -30.92
CA GLU B 170 8.94 -3.20 -32.26
C GLU B 170 8.81 -4.60 -32.81
N ASP B 171 8.17 -5.50 -32.06
CA ASP B 171 8.01 -6.88 -32.46
C ASP B 171 6.54 -7.24 -32.67
N PRO B 172 6.16 -7.83 -33.79
CA PRO B 172 4.78 -8.09 -34.06
C PRO B 172 4.16 -9.11 -33.12
N LEU B 173 4.92 -10.07 -32.60
CA LEU B 173 4.27 -11.03 -31.70
C LEU B 173 3.87 -10.39 -30.37
N VAL B 174 4.75 -9.58 -29.81
CA VAL B 174 4.39 -8.86 -28.59
C VAL B 174 3.21 -7.93 -28.85
N SER B 175 3.25 -7.22 -29.97
CA SER B 175 2.11 -6.30 -30.25
C SER B 175 0.81 -7.06 -30.37
N SER B 176 0.81 -8.21 -31.03
CA SER B 176 -0.41 -8.98 -31.28
C SER B 176 -0.93 -9.53 -29.97
N ARG B 177 -0.05 -10.12 -29.18
CA ARG B 177 -0.53 -10.72 -27.91
C ARG B 177 -1.11 -9.66 -27.00
N THR B 178 -0.45 -8.52 -26.90
CA THR B 178 -0.88 -7.48 -25.96
C THR B 178 -2.21 -6.89 -26.47
N ALA B 179 -2.29 -6.63 -27.77
CA ALA B 179 -3.51 -6.07 -28.32
C ALA B 179 -4.68 -7.01 -28.08
N VAL B 180 -4.53 -8.29 -28.35
CA VAL B 180 -5.64 -9.22 -28.28
C VAL B 180 -6.08 -9.38 -26.84
N ALA B 181 -5.14 -9.51 -25.91
CA ALA B 181 -5.53 -9.74 -24.52
C ALA B 181 -6.23 -8.47 -24.01
N GLN B 182 -5.75 -7.29 -24.40
CA GLN B 182 -6.41 -6.07 -23.92
C GLN B 182 -7.79 -5.95 -24.53
N ILE B 183 -7.92 -6.19 -25.83
CA ILE B 183 -9.19 -6.09 -26.47
C ILE B 183 -10.26 -7.02 -25.86
N LYS B 184 -9.86 -8.27 -25.60
CA LYS B 184 -10.84 -9.18 -25.01
C LYS B 184 -11.19 -8.70 -23.60
N GLY B 185 -10.26 -8.12 -22.86
CA GLY B 185 -10.60 -7.54 -21.54
C GLY B 185 -11.57 -6.39 -21.68
N ILE B 186 -11.33 -5.46 -22.59
CA ILE B 186 -12.21 -4.29 -22.73
C ILE B 186 -13.61 -4.74 -23.17
N GLN B 187 -13.65 -5.56 -24.22
CA GLN B 187 -14.91 -5.98 -24.81
C GLN B 187 -15.69 -6.91 -23.88
N GLY B 188 -14.98 -7.72 -23.09
CA GLY B 188 -15.66 -8.53 -22.09
C GLY B 188 -16.34 -7.70 -21.03
N ALA B 189 -15.87 -6.49 -20.79
CA ALA B 189 -16.51 -5.52 -19.90
C ALA B 189 -17.57 -4.67 -20.57
N GLY B 190 -17.89 -4.98 -21.82
CA GLY B 190 -19.02 -4.39 -22.51
C GLY B 190 -18.74 -3.17 -23.36
N LEU B 191 -17.46 -2.79 -23.49
CA LEU B 191 -17.15 -1.58 -24.24
C LEU B 191 -16.49 -1.97 -25.56
N MET B 192 -16.88 -1.32 -26.66
CA MET B 192 -16.22 -1.58 -27.94
C MET B 192 -14.81 -1.01 -27.99
N THR B 193 -13.98 -1.62 -28.85
CA THR B 193 -12.63 -1.12 -29.12
C THR B 193 -12.47 -0.66 -30.55
N THR B 194 -11.35 0.02 -30.78
CA THR B 194 -10.97 0.53 -32.10
C THR B 194 -9.47 0.32 -32.28
N ALA B 195 -9.15 -0.72 -33.05
CA ALA B 195 -7.73 -0.96 -33.35
C ALA B 195 -7.20 0.16 -34.25
N LYS B 196 -6.08 0.74 -33.85
CA LYS B 196 -5.59 1.93 -34.62
C LYS B 196 -4.08 1.89 -34.67
N HIS B 197 -3.47 2.58 -35.63
CA HIS B 197 -4.06 3.27 -36.77
C HIS B 197 -3.66 2.49 -38.03
N PHE B 198 -4.64 1.97 -38.74
CA PHE B 198 -4.40 0.99 -39.81
C PHE B 198 -4.07 1.78 -41.10
N ALA B 199 -2.84 1.77 -41.63
CA ALA B 199 -1.67 1.04 -41.15
C ALA B 199 -0.43 1.87 -41.47
N ALA B 200 0.68 1.56 -40.82
CA ALA B 200 1.99 2.16 -41.05
C ALA B 200 2.09 3.59 -40.52
N ASN B 201 1.28 3.88 -39.49
CA ASN B 201 1.40 5.15 -38.81
C ASN B 201 2.46 5.04 -37.73
N ASN B 202 3.71 5.01 -38.16
CA ASN B 202 4.86 4.75 -37.27
C ASN B 202 5.64 5.99 -36.88
N GLN B 203 5.16 7.17 -37.27
CA GLN B 203 5.79 8.42 -36.88
C GLN B 203 4.73 9.53 -36.86
N GLU B 204 5.03 10.59 -36.12
CA GLU B 204 4.13 11.76 -36.11
C GLU B 204 4.57 12.81 -37.13
N ASN B 205 5.86 12.83 -37.50
CA ASN B 205 6.37 13.91 -38.37
C ASN B 205 5.69 13.81 -39.73
N ASN B 206 4.98 14.89 -40.10
CA ASN B 206 4.28 14.93 -41.37
C ASN B 206 3.24 13.82 -41.56
N ARG B 207 2.68 13.31 -40.46
CA ARG B 207 1.68 12.26 -40.62
C ARG B 207 0.50 12.59 -41.52
N PHE B 208 0.17 13.89 -41.49
CA PHE B 208 -0.98 14.29 -42.27
C PHE B 208 -0.79 14.20 -43.79
N SER B 209 0.47 14.25 -44.25
CA SER B 209 0.73 14.35 -45.68
C SER B 209 1.62 13.25 -46.22
N VAL B 210 2.39 12.56 -45.39
CA VAL B 210 3.38 11.61 -45.91
C VAL B 210 2.73 10.36 -46.45
N ASN B 211 3.31 9.80 -47.48
CA ASN B 211 2.91 8.49 -48.04
C ASN B 211 4.08 7.55 -47.76
N ALA B 212 3.76 6.41 -47.10
CA ALA B 212 4.76 5.38 -46.81
C ALA B 212 4.72 4.26 -47.85
N ASN B 213 5.85 4.06 -48.54
CA ASN B 213 5.99 2.94 -49.46
C ASN B 213 6.67 1.81 -48.69
N VAL B 214 5.91 0.72 -48.59
CA VAL B 214 6.29 -0.42 -47.74
C VAL B 214 5.98 -1.66 -48.54
N ASP B 215 7.01 -2.51 -48.65
CA ASP B 215 6.86 -3.78 -49.36
C ASP B 215 5.88 -4.73 -48.68
N GLU B 216 5.27 -5.59 -49.49
CA GLU B 216 4.20 -6.41 -48.96
C GLU B 216 4.64 -7.33 -47.83
N GLN B 217 5.76 -8.04 -47.96
CA GLN B 217 6.18 -8.90 -46.88
C GLN B 217 6.42 -8.16 -45.60
N THR B 218 6.98 -6.96 -45.64
CA THR B 218 7.17 -6.13 -44.45
C THR B 218 5.82 -5.78 -43.80
N LEU B 219 4.83 -5.40 -44.60
CA LEU B 219 3.49 -5.17 -44.04
C LEU B 219 2.96 -6.44 -43.37
N ARG B 220 3.03 -7.54 -44.10
CA ARG B 220 2.37 -8.76 -43.66
C ARG B 220 3.04 -9.35 -42.39
N GLU B 221 4.36 -9.22 -42.26
CA GLU B 221 5.12 -9.87 -41.19
C GLU B 221 5.36 -8.92 -40.06
N ILE B 222 5.37 -7.60 -40.28
CA ILE B 222 5.74 -6.68 -39.22
C ILE B 222 4.53 -5.82 -38.78
N GLU B 223 3.97 -5.05 -39.69
CA GLU B 223 2.99 -4.05 -39.26
C GLU B 223 1.62 -4.65 -39.07
N PHE B 224 1.22 -5.53 -39.97
CA PHE B 224 -0.13 -6.09 -39.96
C PHE B 224 -0.48 -7.14 -38.86
N PRO B 225 0.45 -7.98 -38.36
CA PRO B 225 0.01 -9.05 -37.48
C PRO B 225 -0.84 -8.64 -36.29
N ALA B 226 -0.55 -7.51 -35.66
CA ALA B 226 -1.37 -7.15 -34.49
C ALA B 226 -2.78 -6.75 -34.91
N PHE B 227 -2.91 -6.07 -36.07
CA PHE B 227 -4.21 -5.79 -36.66
C PHE B 227 -4.95 -7.05 -37.06
N GLU B 228 -4.25 -8.00 -37.70
CA GLU B 228 -4.90 -9.24 -38.11
C GLU B 228 -5.45 -9.98 -36.86
N ALA B 229 -4.61 -10.05 -35.84
CA ALA B 229 -5.04 -10.76 -34.63
C ALA B 229 -6.22 -10.05 -33.98
N SER B 230 -6.18 -8.72 -34.03
CA SER B 230 -7.26 -7.94 -33.43
C SER B 230 -8.55 -8.16 -34.22
N SER B 231 -8.51 -8.19 -35.55
CA SER B 231 -9.69 -8.52 -36.35
C SER B 231 -10.22 -9.92 -35.98
N LYS B 232 -9.32 -10.90 -35.89
CA LYS B 232 -9.78 -12.27 -35.62
C LYS B 232 -10.33 -12.42 -34.21
N ALA B 233 -9.92 -11.54 -33.29
CA ALA B 233 -10.41 -11.50 -31.90
C ALA B 233 -11.76 -10.78 -31.79
N GLY B 234 -12.22 -10.22 -32.91
CA GLY B 234 -13.51 -9.54 -32.92
C GLY B 234 -13.43 -8.11 -32.43
N ALA B 235 -12.33 -7.38 -32.62
CA ALA B 235 -12.38 -5.92 -32.38
C ALA B 235 -13.58 -5.33 -33.12
N ALA B 236 -14.33 -4.45 -32.43
CA ALA B 236 -15.52 -3.90 -33.02
C ALA B 236 -15.27 -3.03 -34.23
N SER B 237 -14.16 -2.30 -34.15
CA SER B 237 -13.89 -1.33 -35.19
C SER B 237 -12.39 -1.17 -35.37
N PHE B 238 -12.03 -0.57 -36.51
CA PHE B 238 -10.69 -0.15 -36.89
C PHE B 238 -10.70 1.37 -37.14
N MET B 239 -9.57 1.99 -36.89
CA MET B 239 -9.39 3.41 -37.29
C MET B 239 -8.29 3.41 -38.35
N CYS B 240 -8.55 3.93 -39.55
CA CYS B 240 -7.52 4.03 -40.57
C CYS B 240 -6.66 5.27 -40.31
N ALA B 241 -5.41 5.19 -40.78
CA ALA B 241 -4.34 6.12 -40.45
C ALA B 241 -4.31 7.40 -41.30
N TYR B 242 -3.72 8.45 -40.72
CA TYR B 242 -3.46 9.70 -41.43
C TYR B 242 -2.57 9.47 -42.65
N ASN B 243 -1.57 8.62 -42.57
CA ASN B 243 -0.56 8.57 -43.64
C ASN B 243 -1.10 7.80 -44.83
N GLY B 244 -0.50 8.07 -45.99
CA GLY B 244 -0.70 7.22 -47.16
C GLY B 244 0.07 5.92 -46.99
N LEU B 245 -0.46 4.90 -47.64
CA LEU B 245 0.22 3.61 -47.71
C LEU B 245 0.24 3.18 -49.17
N ASN B 246 1.46 3.13 -49.72
CA ASN B 246 1.67 2.61 -51.07
C ASN B 246 0.88 3.35 -52.12
N GLY B 247 0.77 4.66 -51.89
CA GLY B 247 0.27 5.52 -52.99
C GLY B 247 -1.18 5.95 -52.84
N LYS B 248 -1.90 5.46 -51.84
CA LYS B 248 -3.28 5.89 -51.56
C LYS B 248 -3.38 6.20 -50.08
N PRO B 249 -4.17 7.20 -49.67
CA PRO B 249 -4.46 7.46 -48.26
C PRO B 249 -4.90 6.18 -47.57
N SER B 250 -4.47 5.88 -46.35
CA SER B 250 -4.95 4.65 -45.71
C SER B 250 -6.47 4.63 -45.68
N CYS B 251 -7.08 5.79 -45.44
CA CYS B 251 -8.53 5.94 -45.39
C CYS B 251 -9.26 5.87 -46.73
N GLY B 252 -8.53 5.74 -47.84
CA GLY B 252 -9.15 5.64 -49.14
C GLY B 252 -8.46 4.52 -49.90
N ASN B 253 -7.93 3.51 -49.18
CA ASN B 253 -7.15 2.46 -49.83
C ASN B 253 -8.00 1.19 -49.87
N ASP B 254 -8.62 0.87 -50.99
CA ASP B 254 -9.46 -0.30 -51.11
C ASP B 254 -8.78 -1.66 -50.91
N GLU B 255 -7.54 -1.69 -51.38
CA GLU B 255 -6.74 -2.91 -51.19
C GLU B 255 -6.60 -3.18 -49.69
N LEU B 256 -6.34 -2.14 -48.91
CA LEU B 256 -6.10 -2.26 -47.46
C LEU B 256 -7.42 -2.55 -46.74
N LEU B 257 -8.44 -1.74 -46.99
CA LEU B 257 -9.64 -1.77 -46.14
C LEU B 257 -10.69 -2.78 -46.58
N ASN B 258 -10.66 -3.16 -47.85
CA ASN B 258 -11.59 -4.17 -48.36
C ASN B 258 -10.86 -5.49 -48.65
N ASN B 259 -9.80 -5.47 -49.46
CA ASN B 259 -9.22 -6.77 -49.86
C ASN B 259 -8.52 -7.48 -48.69
N VAL B 260 -7.61 -6.78 -48.03
CA VAL B 260 -6.88 -7.35 -46.91
C VAL B 260 -7.81 -7.53 -45.73
N LEU B 261 -8.44 -6.45 -45.26
CA LEU B 261 -9.17 -6.51 -44.01
C LEU B 261 -10.41 -7.41 -44.11
N ARG B 262 -11.16 -7.38 -45.22
CA ARG B 262 -12.42 -8.12 -45.32
C ARG B 262 -12.26 -9.42 -46.09
N THR B 263 -11.87 -9.31 -47.36
CA THR B 263 -11.85 -10.49 -48.21
C THR B 263 -10.87 -11.50 -47.65
N GLN B 264 -9.70 -11.05 -47.24
CA GLN B 264 -8.74 -11.99 -46.68
C GLN B 264 -8.93 -12.31 -45.21
N TRP B 265 -8.90 -11.30 -44.33
CA TRP B 265 -8.98 -11.57 -42.90
C TRP B 265 -10.38 -11.83 -42.36
N GLY B 266 -11.42 -11.39 -43.06
CA GLY B 266 -12.79 -11.64 -42.62
C GLY B 266 -13.28 -10.71 -41.52
N PHE B 267 -12.70 -9.52 -41.42
CA PHE B 267 -13.16 -8.58 -40.41
C PHE B 267 -14.65 -8.31 -40.49
N GLN B 268 -15.25 -8.35 -39.31
CA GLN B 268 -16.71 -8.23 -39.26
C GLN B 268 -17.21 -6.83 -38.85
N GLY B 269 -16.32 -5.96 -38.37
CA GLY B 269 -16.67 -4.66 -37.79
C GLY B 269 -16.68 -3.56 -38.83
N TRP B 270 -16.49 -2.33 -38.30
CA TRP B 270 -16.49 -1.19 -39.24
C TRP B 270 -15.17 -0.44 -39.12
N VAL B 271 -14.92 0.36 -40.16
CA VAL B 271 -13.71 1.18 -40.21
C VAL B 271 -14.11 2.67 -40.11
N MET B 272 -13.43 3.38 -39.21
CA MET B 272 -13.61 4.85 -39.15
C MET B 272 -12.30 5.52 -39.49
N SER B 273 -12.35 6.77 -39.92
CA SER B 273 -11.15 7.53 -40.21
C SER B 273 -10.59 8.09 -38.93
N ASP B 274 -9.32 8.47 -39.01
CA ASP B 274 -8.74 9.41 -38.05
C ASP B 274 -9.34 10.81 -38.25
N TRP B 275 -9.01 11.71 -37.34
CA TRP B 275 -9.76 13.00 -37.24
C TRP B 275 -9.42 13.89 -38.44
N LEU B 276 -10.41 14.09 -39.30
CA LEU B 276 -10.19 14.82 -40.57
C LEU B 276 -9.23 14.10 -41.51
N ALA B 277 -9.14 12.77 -41.43
CA ALA B 277 -8.34 11.98 -42.36
C ALA B 277 -9.10 11.50 -43.58
N THR B 278 -10.43 11.60 -43.59
CA THR B 278 -11.20 11.07 -44.71
C THR B 278 -10.78 11.79 -46.00
N PRO B 279 -10.45 11.06 -47.08
CA PRO B 279 -9.85 11.79 -48.22
C PRO B 279 -10.88 12.27 -49.22
N GLY B 280 -12.09 11.70 -49.23
CA GLY B 280 -13.11 12.06 -50.21
C GLY B 280 -14.36 11.26 -49.93
N THR B 281 -15.47 11.71 -50.50
CA THR B 281 -16.72 11.00 -50.39
C THR B 281 -16.62 9.57 -50.90
N ASP B 282 -15.87 9.37 -51.98
CA ASP B 282 -15.86 8.04 -52.59
C ASP B 282 -15.10 7.02 -51.74
N ALA B 283 -14.51 7.47 -50.63
CA ALA B 283 -13.83 6.49 -49.77
C ALA B 283 -14.85 5.50 -49.22
N ILE B 284 -16.12 5.88 -49.15
CA ILE B 284 -17.12 4.94 -48.64
C ILE B 284 -17.30 3.71 -49.53
N THR B 285 -16.84 3.81 -50.77
CA THR B 285 -16.89 2.66 -51.65
C THR B 285 -15.57 1.89 -51.63
N LYS B 286 -14.62 2.30 -50.79
CA LYS B 286 -13.28 1.70 -50.73
C LYS B 286 -13.06 1.07 -49.35
N GLY B 287 -14.11 0.87 -48.55
CA GLY B 287 -13.94 0.19 -47.26
C GLY B 287 -14.00 1.07 -46.02
N LEU B 288 -14.05 2.39 -46.20
CA LEU B 288 -14.21 3.30 -45.08
C LEU B 288 -15.71 3.37 -44.75
N ASP B 289 -16.08 3.18 -43.50
CA ASP B 289 -17.51 3.21 -43.12
C ASP B 289 -17.91 4.48 -42.38
N GLN B 290 -16.98 5.27 -41.86
CA GLN B 290 -17.41 6.35 -40.97
C GLN B 290 -16.34 7.43 -40.97
N GLU B 291 -16.79 8.66 -41.18
CA GLU B 291 -15.88 9.81 -41.15
C GLU B 291 -15.82 10.38 -39.73
N MET B 292 -14.61 10.59 -39.24
CA MET B 292 -14.38 11.29 -37.96
C MET B 292 -13.79 12.66 -38.20
N GLY B 293 -14.41 13.63 -37.53
CA GLY B 293 -13.81 14.96 -37.52
C GLY B 293 -14.68 15.98 -38.23
N VAL B 294 -14.64 17.21 -37.68
CA VAL B 294 -15.31 18.37 -38.28
C VAL B 294 -14.43 19.56 -37.93
N GLU B 295 -14.62 20.67 -38.64
CA GLU B 295 -13.89 21.91 -38.34
C GLU B 295 -14.36 22.49 -37.01
N LEU B 296 -13.44 22.80 -36.10
CA LEU B 296 -13.84 23.32 -34.79
C LEU B 296 -13.24 24.69 -34.50
N PRO B 297 -14.09 25.63 -34.04
CA PRO B 297 -13.59 26.97 -33.69
C PRO B 297 -12.94 27.03 -32.29
N GLY B 298 -12.94 25.91 -31.59
CA GLY B 298 -12.55 25.82 -30.18
C GLY B 298 -13.55 24.88 -29.51
N ASP B 299 -13.90 25.17 -28.26
CA ASP B 299 -14.94 24.46 -27.54
C ASP B 299 -16.33 24.98 -27.94
N VAL B 300 -17.23 24.10 -28.40
CA VAL B 300 -18.53 24.50 -28.91
C VAL B 300 -19.54 24.50 -27.77
N PRO B 301 -20.28 25.61 -27.56
CA PRO B 301 -21.26 25.60 -26.46
C PRO B 301 -22.33 24.51 -26.59
N LYS B 302 -22.73 23.97 -25.45
CA LYS B 302 -23.87 23.07 -25.46
C LYS B 302 -25.08 23.70 -26.14
N GLY B 303 -25.91 22.85 -26.71
CA GLY B 303 -27.16 23.27 -27.35
C GLY B 303 -27.04 23.67 -28.80
N GLU B 304 -25.81 23.97 -29.26
CA GLU B 304 -25.57 24.32 -30.65
C GLU B 304 -25.44 23.08 -31.51
N PRO B 305 -25.73 23.20 -32.82
CA PRO B 305 -25.59 22.03 -33.67
C PRO B 305 -24.13 21.70 -33.94
N SER B 306 -23.90 20.44 -34.28
CA SER B 306 -22.59 20.02 -34.69
C SER B 306 -22.21 20.67 -36.05
N PRO B 307 -20.97 21.15 -36.24
CA PRO B 307 -20.57 21.64 -37.56
C PRO B 307 -20.71 20.54 -38.60
N PRO B 308 -20.80 20.90 -39.88
CA PRO B 308 -21.10 19.85 -40.85
C PRO B 308 -19.91 18.93 -41.19
N ALA B 309 -20.27 17.68 -41.48
CA ALA B 309 -19.31 16.77 -42.05
C ALA B 309 -18.89 17.18 -43.45
N LYS B 310 -17.61 17.00 -43.78
CA LYS B 310 -17.06 17.42 -45.06
C LYS B 310 -17.43 16.47 -46.17
N PHE B 311 -17.24 15.15 -46.00
CA PHE B 311 -17.40 14.24 -47.11
C PHE B 311 -18.54 13.22 -46.95
N PHE B 312 -18.88 12.83 -45.71
CA PHE B 312 -19.88 11.76 -45.49
C PHE B 312 -21.20 12.23 -44.91
N GLY B 313 -21.46 13.51 -45.15
CA GLY B 313 -22.75 14.05 -44.70
C GLY B 313 -23.55 14.47 -45.91
N GLU B 314 -23.86 15.78 -45.99
CA GLU B 314 -24.64 16.24 -47.14
C GLU B 314 -23.97 15.93 -48.48
N ALA B 315 -22.65 15.99 -48.57
CA ALA B 315 -22.01 15.66 -49.84
C ALA B 315 -22.25 14.17 -50.25
N LEU B 316 -22.32 13.32 -49.23
CA LEU B 316 -22.63 11.88 -49.49
C LEU B 316 -24.09 11.74 -49.92
N LYS B 317 -25.02 12.42 -49.26
CA LYS B 317 -26.40 12.43 -49.74
C LYS B 317 -26.49 12.90 -51.19
N THR B 318 -25.84 14.01 -51.54
CA THR B 318 -25.81 14.47 -52.93
C THR B 318 -25.31 13.41 -53.90
N ALA B 319 -24.22 12.76 -53.52
CA ALA B 319 -23.59 11.78 -54.40
C ALA B 319 -24.46 10.51 -54.54
N VAL B 320 -25.21 10.15 -53.50
CA VAL B 320 -26.11 9.00 -53.67
C VAL B 320 -27.28 9.41 -54.56
N LEU B 321 -27.85 10.59 -54.32
CA LEU B 321 -29.00 11.01 -55.12
C LEU B 321 -28.65 11.23 -56.58
N ASN B 322 -27.42 11.65 -56.89
CA ASN B 322 -27.05 11.86 -58.27
C ASN B 322 -26.39 10.64 -58.93
N GLY B 323 -26.33 9.52 -58.20
CA GLY B 323 -25.93 8.25 -58.82
C GLY B 323 -24.43 8.07 -58.86
N THR B 324 -23.67 8.91 -58.17
CA THR B 324 -22.23 8.79 -58.24
C THR B 324 -21.63 7.86 -57.17
N VAL B 325 -22.32 7.73 -56.04
CA VAL B 325 -22.01 6.72 -55.02
C VAL B 325 -23.24 5.83 -54.78
N PRO B 326 -23.04 4.50 -54.78
CA PRO B 326 -24.22 3.66 -54.55
C PRO B 326 -24.82 3.79 -53.16
N GLU B 327 -26.15 3.81 -53.01
CA GLU B 327 -26.76 3.79 -51.70
C GLU B 327 -26.23 2.60 -50.84
N ALA B 328 -26.03 1.49 -51.58
CA ALA B 328 -25.56 0.24 -50.94
C ALA B 328 -24.31 0.46 -50.11
N ALA B 329 -23.44 1.40 -50.48
CA ALA B 329 -22.24 1.64 -49.68
C ALA B 329 -22.60 2.24 -48.32
N VAL B 330 -23.60 3.12 -48.30
CA VAL B 330 -24.10 3.66 -47.03
C VAL B 330 -24.82 2.60 -46.23
N THR B 331 -25.62 1.78 -46.90
CA THR B 331 -26.32 0.68 -46.20
C THR B 331 -25.35 -0.29 -45.54
N ARG B 332 -24.32 -0.65 -46.30
CA ARG B 332 -23.34 -1.60 -45.72
C ARG B 332 -22.62 -1.01 -44.51
N SER B 333 -22.28 0.29 -44.59
CA SER B 333 -21.61 0.92 -43.48
C SER B 333 -22.48 0.98 -42.24
N ALA B 334 -23.72 1.44 -42.42
CA ALA B 334 -24.67 1.48 -41.29
C ALA B 334 -24.93 0.08 -40.72
N GLU B 335 -25.02 -0.95 -41.59
CA GLU B 335 -25.24 -2.29 -41.07
C GLU B 335 -24.03 -2.78 -40.24
N ARG B 336 -22.82 -2.40 -40.65
CA ARG B 336 -21.65 -2.84 -39.89
C ARG B 336 -21.62 -2.22 -38.50
N ILE B 337 -22.02 -0.95 -38.39
CA ILE B 337 -22.02 -0.27 -37.10
C ILE B 337 -23.15 -0.78 -36.23
N VAL B 338 -24.35 -0.83 -36.79
CA VAL B 338 -25.48 -1.39 -36.04
C VAL B 338 -25.28 -2.82 -35.61
N GLY B 339 -24.62 -3.59 -36.49
CA GLY B 339 -24.34 -4.98 -36.12
C GLY B 339 -23.42 -5.11 -34.92
N GLN B 340 -22.40 -4.25 -34.76
CA GLN B 340 -21.63 -4.23 -33.53
C GLN B 340 -22.43 -3.73 -32.35
N MET B 341 -23.24 -2.70 -32.59
CA MET B 341 -24.09 -2.26 -31.47
C MET B 341 -24.94 -3.39 -30.89
N GLU B 342 -25.47 -4.18 -31.80
CA GLU B 342 -26.29 -5.29 -31.39
C GLU B 342 -25.50 -6.36 -30.64
N LYS B 343 -24.29 -6.66 -31.10
CA LYS B 343 -23.45 -7.67 -30.46
C LYS B 343 -23.13 -7.22 -29.03
N PHE B 344 -23.04 -5.93 -28.78
CA PHE B 344 -22.69 -5.40 -27.46
C PHE B 344 -23.91 -5.14 -26.59
N GLY B 345 -25.09 -5.63 -27.02
CA GLY B 345 -26.31 -5.59 -26.20
C GLY B 345 -27.01 -4.25 -26.29
N LEU B 346 -26.65 -3.35 -27.22
CA LEU B 346 -27.19 -2.00 -27.13
C LEU B 346 -28.60 -1.96 -27.72
N LEU B 347 -29.02 -2.99 -28.44
CA LEU B 347 -30.38 -3.06 -28.99
C LEU B 347 -31.39 -3.83 -28.13
N LEU B 348 -30.97 -4.29 -26.96
CA LEU B 348 -31.89 -4.90 -26.00
C LEU B 348 -32.98 -3.88 -25.66
N ALA B 349 -34.23 -4.36 -25.53
CA ALA B 349 -35.32 -3.52 -25.01
C ALA B 349 -34.93 -2.99 -23.64
N THR B 350 -34.32 -3.86 -22.83
CA THR B 350 -33.67 -3.43 -21.60
C THR B 350 -32.15 -3.65 -21.57
N PRO B 351 -31.38 -2.63 -21.98
CA PRO B 351 -29.93 -2.86 -22.01
C PRO B 351 -29.33 -3.05 -20.61
N ALA B 352 -28.18 -3.72 -20.50
CA ALA B 352 -27.50 -3.85 -19.22
C ALA B 352 -27.36 -2.46 -18.57
N PRO B 353 -27.78 -2.32 -17.31
CA PRO B 353 -27.46 -1.03 -16.68
C PRO B 353 -25.95 -0.77 -16.57
N ARG B 354 -25.55 0.50 -16.68
CA ARG B 354 -24.14 0.82 -16.60
C ARG B 354 -23.62 0.67 -15.17
N PRO B 355 -22.38 0.21 -15.02
CA PRO B 355 -21.74 0.02 -13.72
C PRO B 355 -21.35 1.37 -13.13
N GLU B 356 -21.07 1.41 -11.83
CA GLU B 356 -20.38 2.53 -11.22
C GLU B 356 -18.88 2.27 -11.42
N ARG B 357 -18.09 3.35 -11.36
CA ARG B 357 -16.64 3.20 -11.30
C ARG B 357 -16.19 2.39 -10.09
N ASP B 358 -15.21 1.54 -10.27
CA ASP B 358 -14.54 0.87 -9.15
C ASP B 358 -13.14 1.47 -8.98
N LYS B 359 -13.06 2.55 -8.21
CA LYS B 359 -11.82 3.29 -8.11
C LYS B 359 -10.73 2.48 -7.43
N ALA B 360 -11.08 1.73 -6.39
CA ALA B 360 -10.08 0.92 -5.70
C ALA B 360 -9.50 -0.19 -6.56
N GLY B 361 -10.35 -0.89 -7.31
CA GLY B 361 -9.86 -1.97 -8.16
C GLY B 361 -8.99 -1.36 -9.28
N ALA B 362 -9.42 -0.19 -9.75
CA ALA B 362 -8.67 0.47 -10.84
C ALA B 362 -7.29 0.88 -10.38
N GLN B 363 -7.21 1.40 -9.16
CA GLN B 363 -5.91 1.76 -8.59
C GLN B 363 -5.03 0.53 -8.40
N ALA B 364 -5.61 -0.58 -7.94
CA ALA B 364 -4.85 -1.79 -7.79
C ALA B 364 -4.29 -2.35 -9.10
N VAL B 365 -5.11 -2.32 -10.14
CA VAL B 365 -4.64 -2.79 -11.44
C VAL B 365 -3.59 -1.81 -11.96
N SER B 366 -3.80 -0.51 -11.88
CA SER B 366 -2.80 0.46 -12.33
CA SER B 366 -2.80 0.44 -12.36
C SER B 366 -1.48 0.18 -11.63
N ARG B 367 -1.51 -0.06 -10.31
CA ARG B 367 -0.28 -0.29 -9.56
C ARG B 367 0.38 -1.58 -10.01
N LYS B 368 -0.40 -2.65 -10.13
CA LYS B 368 0.24 -3.89 -10.51
C LYS B 368 0.86 -3.90 -11.92
N VAL B 369 0.15 -3.27 -12.86
CA VAL B 369 0.72 -3.15 -14.20
C VAL B 369 2.05 -2.39 -14.15
N ALA B 370 2.08 -1.26 -13.44
CA ALA B 370 3.34 -0.51 -13.34
C ALA B 370 4.46 -1.32 -12.74
N GLU B 371 4.12 -2.11 -11.71
CA GLU B 371 5.08 -2.94 -11.01
C GLU B 371 5.60 -4.08 -11.86
N ASN B 372 4.79 -4.54 -12.82
CA ASN B 372 5.18 -5.66 -13.63
C ASN B 372 5.75 -5.30 -15.01
N GLY B 373 5.58 -4.04 -15.38
CA GLY B 373 6.04 -3.53 -16.70
C GLY B 373 7.29 -2.68 -16.57
N ALA B 374 7.59 -2.11 -15.40
CA ALA B 374 8.84 -1.40 -15.22
C ALA B 374 10.02 -2.29 -15.56
N VAL B 375 11.06 -1.72 -16.16
CA VAL B 375 12.21 -2.51 -16.53
C VAL B 375 13.43 -2.02 -15.80
N LEU B 376 14.05 -2.94 -15.06
CA LEU B 376 15.33 -2.66 -14.43
C LEU B 376 16.43 -2.81 -15.46
N LEU B 377 17.04 -1.69 -15.89
CA LEU B 377 18.00 -1.75 -17.01
C LEU B 377 19.44 -2.01 -16.57
N ARG B 378 19.78 -1.40 -15.44
CA ARG B 378 21.14 -1.47 -14.90
C ARG B 378 21.02 -1.61 -13.39
N ASN B 379 21.91 -2.42 -12.82
CA ASN B 379 21.98 -2.59 -11.35
C ASN B 379 23.35 -3.15 -10.99
N GLU B 380 24.26 -2.25 -10.59
CA GLU B 380 25.65 -2.69 -10.36
C GLU B 380 25.89 -2.89 -8.86
N GLY B 381 26.44 -4.06 -8.52
CA GLY B 381 26.81 -4.37 -7.12
C GLY B 381 25.63 -4.30 -6.18
N GLN B 382 24.45 -4.73 -6.61
CA GLN B 382 23.27 -4.70 -5.76
C GLN B 382 22.90 -3.31 -5.21
N ALA B 383 23.13 -2.28 -6.01
CA ALA B 383 22.76 -0.92 -5.66
C ALA B 383 21.26 -0.86 -5.33
N LEU B 384 20.46 -1.62 -6.09
CA LEU B 384 19.06 -1.85 -5.74
C LEU B 384 18.89 -3.34 -5.43
N PRO B 385 17.97 -3.67 -4.50
CA PRO B 385 17.03 -2.72 -3.89
C PRO B 385 17.71 -1.86 -2.82
N LEU B 386 17.16 -0.68 -2.54
CA LEU B 386 17.58 0.12 -1.38
C LEU B 386 17.28 -0.67 -0.11
N ALA B 387 18.29 -0.71 0.75
CA ALA B 387 18.24 -1.49 2.00
C ALA B 387 19.18 -0.89 3.01
N GLY B 388 18.86 -1.08 4.29
CA GLY B 388 19.71 -0.56 5.37
C GLY B 388 19.99 0.91 5.22
N ASP B 389 21.23 1.30 5.49
CA ASP B 389 21.56 2.73 5.53
C ASP B 389 21.41 3.41 4.17
N ALA B 390 21.72 2.69 3.10
CA ALA B 390 21.51 3.18 1.73
C ALA B 390 20.07 3.65 1.50
N GLY B 391 19.13 3.01 2.18
CA GLY B 391 17.70 3.28 2.00
C GLY B 391 17.16 4.30 2.97
N LYS B 392 18.03 4.77 3.86
CA LYS B 392 17.65 5.71 4.90
C LYS B 392 18.28 7.09 4.81
N SER B 393 19.13 7.32 3.81
CA SER B 393 19.73 8.63 3.55
C SER B 393 19.71 8.90 2.04
N ILE B 394 18.72 9.66 1.61
CA ILE B 394 18.43 9.83 0.17
C ILE B 394 18.25 11.28 -0.24
N ALA B 395 18.93 11.66 -1.32
CA ALA B 395 18.65 12.91 -2.00
C ALA B 395 17.82 12.61 -3.26
N VAL B 396 16.54 12.96 -3.18
CA VAL B 396 15.61 12.82 -4.32
C VAL B 396 15.71 14.12 -5.14
N ILE B 397 15.86 13.95 -6.45
CA ILE B 397 16.09 15.06 -7.40
C ILE B 397 15.20 14.84 -8.63
N GLY B 398 14.62 15.91 -9.15
CA GLY B 398 14.01 15.94 -10.48
C GLY B 398 12.53 16.31 -10.38
N PRO B 399 11.97 17.00 -11.39
CA PRO B 399 10.64 17.56 -11.22
C PRO B 399 9.55 16.49 -11.12
N THR B 400 9.74 15.34 -11.77
CA THR B 400 8.66 14.35 -11.72
C THR B 400 8.67 13.54 -10.42
N ALA B 401 9.61 13.80 -9.52
CA ALA B 401 9.50 13.26 -8.16
C ALA B 401 8.39 13.99 -7.41
N VAL B 402 7.99 15.19 -7.80
CA VAL B 402 6.94 15.94 -7.12
C VAL B 402 5.71 16.26 -7.97
N ASP B 403 5.89 16.31 -9.29
CA ASP B 403 4.76 16.44 -10.21
C ASP B 403 4.82 15.19 -11.09
N PRO B 404 4.09 14.13 -10.71
CA PRO B 404 4.40 12.84 -11.35
C PRO B 404 4.05 12.81 -12.84
N LYS B 405 4.88 12.05 -13.55
CA LYS B 405 4.62 11.84 -14.96
C LYS B 405 3.65 10.67 -15.17
N VAL B 406 2.37 10.98 -15.22
CA VAL B 406 1.35 9.94 -15.15
C VAL B 406 1.11 9.32 -16.53
N THR B 407 0.84 10.16 -17.53
CA THR B 407 0.61 9.67 -18.89
C THR B 407 1.41 10.48 -19.88
N GLY B 408 1.50 9.97 -21.10
CA GLY B 408 2.09 10.80 -22.16
C GLY B 408 1.10 11.84 -22.65
N LEU B 409 1.52 12.58 -23.68
CA LEU B 409 0.84 13.79 -24.15
C LEU B 409 0.08 13.56 -25.45
N GLY B 410 -1.02 14.27 -25.65
CA GLY B 410 -1.87 14.06 -26.82
C GLY B 410 -3.21 13.47 -26.44
N SER B 411 -3.88 12.91 -27.43
CA SER B 411 -5.21 12.37 -27.20
C SER B 411 -5.29 11.22 -26.19
N ALA B 412 -4.17 10.57 -25.92
CA ALA B 412 -4.16 9.55 -24.89
C ALA B 412 -4.00 10.12 -23.50
N HIS B 413 -3.78 11.41 -23.29
CA HIS B 413 -3.57 11.94 -21.95
C HIS B 413 -4.80 11.79 -21.08
N VAL B 414 -4.61 11.30 -19.85
CA VAL B 414 -5.75 11.15 -18.92
C VAL B 414 -5.36 11.73 -17.57
N VAL B 415 -6.24 12.61 -17.07
CA VAL B 415 -6.04 13.17 -15.73
C VAL B 415 -6.84 12.31 -14.74
N PRO B 416 -6.13 11.65 -13.81
CA PRO B 416 -6.81 10.81 -12.81
C PRO B 416 -7.36 11.66 -11.68
N ASP B 417 -8.11 11.04 -10.77
CA ASP B 417 -8.60 11.87 -9.64
C ASP B 417 -7.47 12.41 -8.80
N SER B 418 -6.45 11.58 -8.61
CA SER B 418 -5.24 12.04 -7.96
C SER B 418 -4.11 11.10 -8.34
N ALA B 419 -2.89 11.54 -8.12
CA ALA B 419 -1.75 10.67 -8.29
C ALA B 419 -0.71 11.02 -7.23
N ALA B 420 -0.22 10.03 -6.51
CA ALA B 420 0.81 10.29 -5.50
C ALA B 420 2.13 10.76 -6.11
N ALA B 421 2.87 11.57 -5.35
CA ALA B 421 4.24 11.92 -5.75
C ALA B 421 5.25 10.89 -5.33
N PRO B 422 6.18 10.49 -6.19
CA PRO B 422 7.27 9.62 -5.75
C PRO B 422 8.08 10.12 -4.55
N LEU B 423 8.31 11.42 -4.40
CA LEU B 423 9.00 11.87 -3.19
C LEU B 423 8.27 11.38 -1.96
N ASP B 424 6.93 11.45 -1.99
CA ASP B 424 6.18 11.06 -0.81
C ASP B 424 6.11 9.57 -0.57
N THR B 425 5.94 8.78 -1.62
CA THR B 425 5.97 7.33 -1.45
C THR B 425 7.34 6.82 -1.04
N ILE B 426 8.39 7.47 -1.52
CA ILE B 426 9.75 7.14 -1.06
C ILE B 426 9.94 7.52 0.41
N LYS B 427 9.50 8.71 0.78
CA LYS B 427 9.61 9.08 2.21
C LYS B 427 8.85 8.13 3.12
N ALA B 428 7.61 7.79 2.72
CA ALA B 428 6.83 6.86 3.50
C ALA B 428 7.58 5.54 3.67
N ARG B 429 8.08 4.96 2.58
CA ARG B 429 8.74 3.68 2.63
C ARG B 429 10.08 3.69 3.36
N ALA B 430 10.76 4.83 3.31
CA ALA B 430 12.08 4.87 3.92
C ALA B 430 11.98 4.79 5.43
N GLY B 431 10.86 5.25 5.98
CA GLY B 431 10.66 5.08 7.42
C GLY B 431 10.79 6.43 8.10
N ALA B 432 10.19 6.56 9.27
CA ALA B 432 10.19 7.81 10.02
C ALA B 432 11.62 8.23 10.41
N GLY B 433 12.51 7.27 10.66
CA GLY B 433 13.89 7.59 11.01
C GLY B 433 14.78 8.14 9.90
N ALA B 434 14.37 7.97 8.64
CA ALA B 434 15.22 8.33 7.49
C ALA B 434 15.27 9.83 7.24
N THR B 435 16.33 10.20 6.51
CA THR B 435 16.48 11.57 6.01
C THR B 435 16.37 11.55 4.48
N VAL B 436 15.30 12.16 3.98
CA VAL B 436 15.03 12.27 2.54
C VAL B 436 14.86 13.73 2.13
N THR B 437 15.79 14.22 1.31
CA THR B 437 15.77 15.60 0.84
C THR B 437 15.24 15.64 -0.59
N TYR B 438 14.86 16.82 -1.04
CA TYR B 438 14.35 17.01 -2.40
C TYR B 438 14.94 18.31 -2.96
N GLU B 439 15.42 18.22 -4.21
CA GLU B 439 15.77 19.40 -4.99
C GLU B 439 15.18 19.23 -6.40
N THR B 440 14.65 20.30 -6.98
CA THR B 440 14.09 20.27 -8.32
C THR B 440 15.03 19.69 -9.40
N GLY B 441 16.25 20.19 -9.49
CA GLY B 441 17.21 19.67 -10.48
C GLY B 441 17.06 20.24 -11.89
N GLU B 442 15.83 20.16 -12.38
CA GLU B 442 15.48 20.56 -13.76
C GLU B 442 14.20 21.38 -13.66
N GLU B 443 14.26 22.68 -13.98
CA GLU B 443 13.07 23.53 -13.93
C GLU B 443 12.29 23.42 -15.23
N THR B 444 10.97 23.54 -15.17
CA THR B 444 10.17 23.47 -16.38
C THR B 444 9.60 24.83 -16.80
N PHE B 445 9.30 25.71 -15.84
CA PHE B 445 8.73 27.01 -16.21
C PHE B 445 9.83 28.05 -16.05
N GLY B 446 10.57 28.02 -14.94
CA GLY B 446 11.58 29.03 -14.69
C GLY B 446 10.95 30.27 -14.06
N THR B 447 10.93 31.34 -14.84
CA THR B 447 10.39 32.62 -14.40
C THR B 447 9.78 33.29 -15.61
N GLN B 448 8.80 34.16 -15.40
CA GLN B 448 8.12 34.86 -16.49
C GLN B 448 9.16 35.60 -17.30
N ILE B 449 8.99 35.58 -18.62
CA ILE B 449 9.93 36.28 -19.47
C ILE B 449 9.78 37.73 -19.06
N PRO B 450 10.91 38.41 -18.77
CA PRO B 450 10.83 39.84 -18.41
C PRO B 450 10.08 40.69 -19.42
N ALA B 451 9.29 41.67 -18.93
CA ALA B 451 8.49 42.51 -19.83
C ALA B 451 9.40 43.23 -20.84
N GLY B 452 10.61 43.57 -20.43
CA GLY B 452 11.54 44.31 -21.30
C GLY B 452 12.04 43.49 -22.49
N ASN B 453 11.88 42.16 -22.41
CA ASN B 453 12.25 41.30 -23.55
C ASN B 453 11.13 41.09 -24.57
N LEU B 454 9.95 41.59 -24.25
CA LEU B 454 8.77 41.48 -25.09
C LEU B 454 8.31 42.84 -25.63
N SER B 455 8.05 42.91 -26.93
CA SER B 455 7.59 44.14 -27.55
C SER B 455 6.42 43.82 -28.48
N PRO B 456 5.19 44.29 -28.17
CA PRO B 456 4.87 45.05 -26.95
C PRO B 456 4.83 44.14 -25.74
N ALA B 457 4.61 44.67 -24.54
CA ALA B 457 4.52 43.81 -23.36
C ALA B 457 3.40 42.77 -23.52
N PHE B 458 3.63 41.56 -22.99
CA PHE B 458 2.62 40.51 -22.97
C PHE B 458 1.86 40.62 -21.65
N ASN B 459 0.54 40.67 -21.74
CA ASN B 459 -0.30 40.68 -20.55
C ASN B 459 -0.36 39.25 -20.01
N GLN B 460 0.46 38.95 -19.00
CA GLN B 460 0.51 37.63 -18.37
C GLN B 460 -0.82 37.38 -17.68
N GLY B 461 -1.32 36.15 -17.71
CA GLY B 461 -2.50 35.74 -16.97
C GLY B 461 -3.75 35.67 -17.81
N HIS B 462 -4.83 36.27 -17.30
CA HIS B 462 -6.14 36.14 -17.93
C HIS B 462 -6.05 36.59 -19.40
N GLN B 463 -6.54 35.78 -20.33
CA GLN B 463 -6.50 36.05 -21.76
C GLN B 463 -7.90 36.21 -22.35
N LEU B 464 -8.78 35.29 -21.99
CA LEU B 464 -10.09 35.17 -22.64
C LEU B 464 -11.12 34.78 -21.62
N GLU B 465 -12.29 35.42 -21.74
CA GLU B 465 -13.49 35.05 -21.00
C GLU B 465 -13.97 33.69 -21.50
N PRO B 466 -14.69 32.93 -20.66
CA PRO B 466 -15.21 31.62 -21.07
C PRO B 466 -15.85 31.65 -22.44
N GLY B 467 -15.53 30.64 -23.24
CA GLY B 467 -16.08 30.49 -24.59
C GLY B 467 -15.59 31.43 -25.67
N LYS B 468 -14.59 32.26 -25.39
CA LYS B 468 -14.14 33.21 -26.40
C LYS B 468 -12.91 32.64 -27.07
N ALA B 469 -12.55 33.14 -28.24
CA ALA B 469 -11.39 32.61 -28.97
C ALA B 469 -10.80 33.76 -29.77
N GLY B 470 -9.48 33.72 -30.01
CA GLY B 470 -8.88 34.69 -30.90
C GLY B 470 -7.38 34.84 -30.78
N ALA B 471 -6.86 35.81 -31.52
CA ALA B 471 -5.48 36.26 -31.41
C ALA B 471 -5.21 36.90 -30.05
N LEU B 472 -4.11 36.51 -29.42
CA LEU B 472 -3.78 37.01 -28.08
C LEU B 472 -2.58 37.96 -28.04
N TYR B 473 -1.66 37.82 -28.99
CA TYR B 473 -0.38 38.51 -28.90
C TYR B 473 0.26 38.53 -30.27
N ASP B 474 0.78 39.69 -30.67
CA ASP B 474 1.47 39.83 -31.94
C ASP B 474 2.67 40.75 -31.70
N GLY B 475 3.85 40.16 -31.56
CA GLY B 475 5.01 40.94 -31.22
C GLY B 475 6.32 40.22 -31.46
N THR B 476 7.27 40.49 -30.58
CA THR B 476 8.64 40.10 -30.74
C THR B 476 9.27 39.76 -29.38
N LEU B 477 10.05 38.68 -29.35
CA LEU B 477 10.91 38.36 -28.22
C LEU B 477 12.35 38.73 -28.52
N THR B 478 12.98 39.46 -27.60
CA THR B 478 14.41 39.71 -27.73
C THR B 478 15.24 38.80 -26.88
N VAL B 479 16.09 38.02 -27.53
CA VAL B 479 16.94 37.09 -26.81
C VAL B 479 18.27 37.77 -26.56
N PRO B 480 18.79 37.70 -25.33
CA PRO B 480 20.00 38.43 -24.97
C PRO B 480 21.32 37.87 -25.48
N ALA B 481 21.36 36.57 -25.74
CA ALA B 481 22.62 35.95 -26.15
C ALA B 481 22.26 34.59 -26.74
N ASP B 482 23.08 34.11 -27.67
CA ASP B 482 22.86 32.79 -28.27
C ASP B 482 22.85 31.81 -27.11
N GLY B 483 21.96 30.81 -27.18
CA GLY B 483 22.00 29.74 -26.17
C GLY B 483 20.76 28.89 -26.27
N GLU B 484 20.73 27.91 -25.38
CA GLU B 484 19.57 27.02 -25.28
C GLU B 484 18.68 27.43 -24.12
N TYR B 485 17.45 27.81 -24.48
CA TYR B 485 16.49 28.34 -23.52
C TYR B 485 15.31 27.39 -23.49
N ARG B 486 14.83 26.99 -22.31
CA ARG B 486 13.45 26.55 -22.31
C ARG B 486 12.48 27.70 -22.48
N ILE B 487 11.53 27.61 -23.40
CA ILE B 487 10.44 28.56 -23.51
C ILE B 487 9.18 27.91 -23.04
N ALA B 488 8.68 28.41 -21.92
CA ALA B 488 7.63 27.72 -21.15
C ALA B 488 6.29 28.40 -21.33
N VAL B 489 5.28 27.60 -21.61
CA VAL B 489 3.95 28.09 -21.86
C VAL B 489 3.00 27.36 -20.93
N ARG B 490 2.32 28.09 -20.06
CA ARG B 490 1.49 27.47 -19.01
C ARG B 490 0.07 28.00 -19.17
N ALA B 491 -0.83 27.14 -19.68
CA ALA B 491 -2.18 27.51 -20.03
C ALA B 491 -3.10 26.84 -19.02
N THR B 492 -4.14 27.56 -18.59
CA THR B 492 -5.21 26.94 -17.82
C THR B 492 -6.55 27.35 -18.41
N GLY B 493 -7.50 26.42 -18.35
CA GLY B 493 -8.89 26.66 -18.74
C GLY B 493 -9.11 26.82 -20.23
N GLY B 494 -8.14 26.39 -21.04
CA GLY B 494 -8.29 26.44 -22.49
C GLY B 494 -6.99 26.01 -23.16
N TYR B 495 -6.87 26.33 -24.44
CA TYR B 495 -5.72 25.94 -25.25
C TYR B 495 -5.11 27.18 -25.89
N ALA B 496 -3.79 27.15 -26.06
CA ALA B 496 -3.06 28.22 -26.71
C ALA B 496 -2.01 27.63 -27.64
N THR B 497 -1.75 28.38 -28.71
CA THR B 497 -0.66 28.02 -29.61
C THR B 497 0.29 29.20 -29.70
N VAL B 498 1.55 28.96 -29.40
CA VAL B 498 2.60 29.98 -29.44
C VAL B 498 3.51 29.67 -30.64
N GLN B 499 3.73 30.69 -31.45
CA GLN B 499 4.70 30.61 -32.54
C GLN B 499 5.87 31.55 -32.25
N LEU B 500 7.03 30.95 -32.00
CA LEU B 500 8.25 31.72 -31.75
C LEU B 500 9.20 31.42 -32.90
N GLY B 501 9.41 32.41 -33.77
CA GLY B 501 10.12 32.11 -35.04
C GLY B 501 9.52 30.87 -35.67
N SER B 502 10.36 29.88 -35.98
CA SER B 502 9.88 28.67 -36.67
C SER B 502 9.25 27.63 -35.75
N HIS B 503 9.29 27.89 -34.45
CA HIS B 503 8.86 26.93 -33.44
C HIS B 503 7.41 27.10 -33.01
N THR B 504 6.67 26.00 -33.03
CA THR B 504 5.27 25.99 -32.60
C THR B 504 5.20 25.30 -31.23
N ILE B 505 4.60 25.96 -30.26
CA ILE B 505 4.42 25.35 -28.94
C ILE B 505 2.94 25.30 -28.65
N GLU B 506 2.41 24.09 -28.47
CA GLU B 506 1.03 23.94 -28.07
C GLU B 506 0.94 23.77 -26.56
N ALA B 507 -0.07 24.39 -25.95
CA ALA B 507 -0.28 24.27 -24.50
C ALA B 507 -1.78 24.09 -24.17
N GLY B 508 -2.06 23.35 -23.11
CA GLY B 508 -3.45 23.06 -22.74
C GLY B 508 -3.43 21.67 -22.16
N GLN B 509 -4.59 21.21 -21.71
CA GLN B 509 -4.62 20.04 -20.82
C GLN B 509 -3.90 18.79 -21.37
N VAL B 510 -4.19 18.39 -22.60
CA VAL B 510 -3.60 17.18 -23.21
C VAL B 510 -2.11 17.32 -23.39
N TYR B 511 -1.57 18.54 -23.24
CA TYR B 511 -0.13 18.82 -23.41
C TYR B 511 0.61 18.95 -22.06
N GLY B 512 -0.15 18.70 -20.99
CA GLY B 512 0.44 18.73 -19.67
C GLY B 512 0.37 20.12 -19.06
N LYS B 513 0.81 20.20 -17.82
CA LYS B 513 0.63 21.45 -17.06
C LYS B 513 1.46 22.58 -17.67
N VAL B 514 2.64 22.27 -18.19
CA VAL B 514 3.48 23.30 -18.81
C VAL B 514 4.13 22.68 -20.04
N SER B 515 4.07 23.40 -21.17
CA SER B 515 4.84 23.04 -22.36
C SER B 515 6.16 23.79 -22.37
N SER B 516 7.30 23.10 -22.40
CA SER B 516 8.58 23.72 -22.14
C SER B 516 9.73 23.17 -22.99
N PRO B 517 9.64 23.37 -24.32
CA PRO B 517 10.70 22.82 -25.16
C PRO B 517 12.00 23.58 -24.96
N LEU B 518 13.14 22.89 -25.05
CA LEU B 518 14.44 23.54 -25.09
C LEU B 518 14.75 24.00 -26.52
N LEU B 519 14.94 25.30 -26.74
CA LEU B 519 15.11 25.85 -28.10
C LEU B 519 16.47 26.52 -28.18
N LYS B 520 17.20 26.23 -29.26
CA LYS B 520 18.46 26.89 -29.53
C LYS B 520 18.15 28.21 -30.23
N LEU B 521 18.36 29.31 -29.50
CA LEU B 521 17.93 30.62 -29.97
C LEU B 521 19.12 31.53 -30.22
N THR B 522 19.10 32.31 -31.30
CA THR B 522 20.22 33.22 -31.57
C THR B 522 19.87 34.54 -30.89
N LYS B 523 20.93 35.25 -30.50
CA LYS B 523 20.76 36.62 -30.00
C LYS B 523 19.97 37.46 -31.02
N GLY B 524 19.08 38.29 -30.49
CA GLY B 524 18.33 39.23 -31.31
C GLY B 524 16.84 39.01 -31.24
N THR B 525 16.16 39.45 -32.30
CA THR B 525 14.71 39.51 -32.31
C THR B 525 14.11 38.27 -32.96
N HIS B 526 13.07 37.71 -32.33
CA HIS B 526 12.34 36.59 -32.90
C HIS B 526 10.85 36.90 -32.87
N LYS B 527 10.16 36.63 -33.97
CA LYS B 527 8.74 36.95 -34.08
C LYS B 527 8.03 36.06 -33.07
N LEU B 528 7.07 36.65 -32.37
CA LEU B 528 6.31 35.90 -31.37
C LEU B 528 4.83 36.20 -31.55
N THR B 529 4.06 35.17 -31.87
CA THR B 529 2.60 35.36 -31.99
C THR B 529 1.87 34.30 -31.16
N ILE B 530 0.69 34.63 -30.65
CA ILE B 530 -0.05 33.69 -29.80
C ILE B 530 -1.52 33.78 -30.14
N SER B 531 -2.19 32.62 -30.23
CA SER B 531 -3.64 32.59 -30.34
C SER B 531 -4.16 31.53 -29.37
N GLY B 532 -5.44 31.57 -29.04
CA GLY B 532 -5.94 30.55 -28.14
C GLY B 532 -7.46 30.51 -28.07
N PHE B 533 -7.95 29.58 -27.27
CA PHE B 533 -9.36 29.57 -26.95
C PHE B 533 -9.67 29.16 -25.50
N ALA B 534 -10.71 29.75 -24.92
CA ALA B 534 -11.22 29.35 -23.61
C ALA B 534 -12.26 28.23 -23.76
N MET B 535 -12.25 27.29 -22.83
CA MET B 535 -13.34 26.31 -22.75
C MET B 535 -14.66 27.01 -22.41
N SER B 536 -15.77 26.28 -22.49
CA SER B 536 -17.07 26.94 -22.40
C SER B 536 -17.32 27.69 -21.09
N ALA B 537 -16.84 27.11 -19.98
CA ALA B 537 -17.15 27.57 -18.63
C ALA B 537 -15.94 28.08 -17.84
N THR B 538 -14.77 28.13 -18.46
CA THR B 538 -13.55 28.57 -17.78
C THR B 538 -12.85 29.65 -18.60
N PRO B 539 -12.26 30.64 -17.92
CA PRO B 539 -11.51 31.56 -18.75
C PRO B 539 -10.17 30.93 -19.10
N LEU B 540 -9.57 31.35 -20.23
CA LEU B 540 -8.20 30.94 -20.56
C LEU B 540 -7.27 31.93 -19.88
N SER B 541 -6.32 31.38 -19.13
CA SER B 541 -5.22 32.12 -18.51
C SER B 541 -3.96 31.57 -19.17
N LEU B 542 -2.97 32.41 -19.42
CA LEU B 542 -1.73 31.98 -20.06
C LEU B 542 -0.57 32.74 -19.45
N GLU B 543 0.46 32.02 -19.04
CA GLU B 543 1.75 32.60 -18.70
C GLU B 543 2.87 32.09 -19.60
N LEU B 544 3.80 33.00 -19.85
CA LEU B 544 5.00 32.75 -20.66
C LEU B 544 6.24 32.90 -19.79
N GLY B 545 7.03 31.84 -19.72
CA GLY B 545 8.23 31.81 -18.92
C GLY B 545 9.41 31.34 -19.75
N TRP B 546 10.58 31.44 -19.13
CA TRP B 546 11.76 30.77 -19.70
C TRP B 546 12.73 30.29 -18.64
N VAL B 547 13.52 29.30 -19.00
CA VAL B 547 14.64 28.83 -18.21
C VAL B 547 15.87 29.16 -19.06
N THR B 548 16.62 30.15 -18.59
CA THR B 548 17.82 30.56 -19.30
C THR B 548 18.96 29.57 -19.02
N PRO B 549 20.02 29.57 -19.85
CA PRO B 549 21.12 28.67 -19.53
C PRO B 549 21.70 28.86 -18.13
N ALA B 550 21.78 30.11 -17.68
CA ALA B 550 22.32 30.37 -16.36
C ALA B 550 21.44 29.81 -15.25
N ALA B 551 20.12 30.00 -15.39
CA ALA B 551 19.13 29.55 -14.41
C ALA B 551 19.20 28.03 -14.30
N ALA B 552 19.29 27.34 -15.44
CA ALA B 552 19.49 25.89 -15.40
C ALA B 552 20.75 25.44 -14.65
N ASP B 553 21.88 26.11 -14.88
CA ASP B 553 23.10 25.72 -14.17
C ASP B 553 22.98 25.93 -12.67
N ALA B 554 22.27 26.97 -12.24
CA ALA B 554 22.13 27.29 -10.82
C ALA B 554 21.25 26.23 -10.13
N THR B 555 20.25 25.74 -10.88
CA THR B 555 19.33 24.75 -10.33
C THR B 555 20.05 23.41 -10.22
N ILE B 556 20.84 23.06 -11.23
CA ILE B 556 21.67 21.87 -11.17
C ILE B 556 22.60 21.93 -9.95
N ALA B 557 23.22 23.08 -9.74
CA ALA B 557 24.17 23.21 -8.64
C ALA B 557 23.53 22.94 -7.28
N GLU B 558 22.31 23.43 -7.07
CA GLU B 558 21.56 23.19 -5.85
C GLU B 558 21.25 21.70 -5.64
N ALA B 559 20.94 21.01 -6.73
CA ALA B 559 20.70 19.56 -6.63
C ALA B 559 22.00 18.82 -6.33
N VAL B 560 23.10 19.29 -6.90
CA VAL B 560 24.37 18.60 -6.68
C VAL B 560 24.75 18.69 -5.19
N LYS B 561 24.53 19.86 -4.62
CA LYS B 561 24.77 20.09 -3.18
C LYS B 561 23.98 19.13 -2.33
N SER B 562 22.73 18.85 -2.69
CA SER B 562 21.99 17.87 -1.90
C SER B 562 22.48 16.43 -2.05
N ALA B 563 22.89 16.06 -3.25
CA ALA B 563 23.50 14.75 -3.48
C ALA B 563 24.78 14.52 -2.68
N ARG B 564 25.55 15.57 -2.44
CA ARG B 564 26.82 15.37 -1.71
C ARG B 564 26.51 15.03 -0.26
N LYS B 565 25.36 15.45 0.23
CA LYS B 565 25.01 15.26 1.64
C LYS B 565 24.32 13.94 1.99
N ALA B 566 23.87 13.19 0.98
CA ALA B 566 23.08 12.00 1.26
C ALA B 566 23.89 10.79 0.83
N ARG B 567 23.66 9.65 1.47
CA ARG B 567 24.28 8.41 1.03
C ARG B 567 23.94 8.00 -0.41
N THR B 568 22.67 8.13 -0.76
CA THR B 568 22.12 7.70 -2.06
C THR B 568 21.47 8.90 -2.75
N ALA B 569 21.69 9.05 -4.06
CA ALA B 569 20.94 10.06 -4.84
C ALA B 569 20.01 9.32 -5.80
N VAL B 570 18.74 9.72 -5.78
CA VAL B 570 17.76 9.15 -6.72
C VAL B 570 17.28 10.28 -7.62
N VAL B 571 17.69 10.22 -8.88
CA VAL B 571 17.34 11.25 -9.85
C VAL B 571 16.22 10.73 -10.78
N PHE B 572 15.11 11.46 -10.76
CA PHE B 572 14.01 11.21 -11.68
C PHE B 572 14.29 12.07 -12.93
N ALA B 573 14.21 11.41 -14.08
CA ALA B 573 14.33 12.13 -15.35
C ALA B 573 13.19 11.71 -16.25
N TYR B 574 12.76 12.56 -17.17
CA TYR B 574 11.52 12.36 -17.90
C TYR B 574 11.69 12.75 -19.36
N ASP B 575 10.78 12.31 -20.22
CA ASP B 575 10.65 12.97 -21.54
C ASP B 575 9.22 13.27 -21.90
N ASP B 576 9.04 13.79 -23.12
CA ASP B 576 7.86 14.55 -23.48
C ASP B 576 7.23 14.01 -24.76
N GLY B 577 7.23 12.69 -24.93
CA GLY B 577 6.46 12.05 -26.02
C GLY B 577 5.04 12.59 -26.18
N THR B 578 4.74 13.00 -27.42
CA THR B 578 3.47 13.64 -27.69
C THR B 578 2.97 13.22 -29.08
N GLU B 579 1.66 13.07 -29.18
CA GLU B 579 1.01 12.99 -30.46
C GLU B 579 1.32 14.27 -31.24
N GLY B 580 1.51 14.11 -32.54
CA GLY B 580 1.62 15.29 -33.41
C GLY B 580 3.02 15.66 -33.83
N VAL B 581 4.00 15.37 -32.98
CA VAL B 581 5.39 15.64 -33.36
C VAL B 581 6.29 14.54 -32.84
N ASP B 582 7.36 14.28 -33.56
CA ASP B 582 8.38 13.37 -33.07
C ASP B 582 9.40 14.12 -32.22
N ARG B 583 10.08 13.39 -31.35
CA ARG B 583 11.17 13.96 -30.60
C ARG B 583 12.26 14.42 -31.57
N PRO B 584 12.81 15.61 -31.27
CA PRO B 584 13.86 16.14 -32.13
C PRO B 584 15.14 15.30 -32.09
N ASN B 585 15.39 14.70 -30.92
CA ASN B 585 16.51 13.79 -30.81
C ASN B 585 16.22 12.77 -29.70
N LEU B 586 17.16 11.87 -29.44
CA LEU B 586 16.91 10.73 -28.55
C LEU B 586 17.49 11.06 -27.17
N SER B 587 17.94 12.29 -26.91
CA SER B 587 18.44 12.64 -25.59
C SER B 587 17.28 13.03 -24.66
N LEU B 588 17.50 12.93 -23.35
CA LEU B 588 16.61 13.59 -22.39
C LEU B 588 16.39 15.06 -22.76
N PRO B 589 15.15 15.56 -22.66
CA PRO B 589 14.94 16.95 -23.01
C PRO B 589 15.55 17.88 -21.97
N GLY B 590 15.80 19.11 -22.40
CA GLY B 590 16.38 20.12 -21.52
C GLY B 590 17.83 19.84 -21.17
N THR B 591 18.10 20.12 -19.90
CA THR B 591 19.43 20.01 -19.34
C THR B 591 19.54 18.81 -18.39
N GLN B 592 18.65 17.83 -18.60
CA GLN B 592 18.67 16.69 -17.67
C GLN B 592 19.92 15.81 -17.75
N ASP B 593 20.54 15.70 -18.93
CA ASP B 593 21.78 14.95 -19.02
C ASP B 593 22.85 15.63 -18.17
N LYS B 594 22.93 16.96 -18.25
CA LYS B 594 23.90 17.70 -17.46
C LYS B 594 23.64 17.50 -15.98
N LEU B 595 22.37 17.51 -15.59
CA LEU B 595 21.94 17.21 -14.22
C LEU B 595 22.43 15.84 -13.74
N ILE B 596 22.14 14.80 -14.51
CA ILE B 596 22.49 13.48 -14.03
C ILE B 596 24.01 13.33 -13.99
N SER B 597 24.71 13.86 -15.00
CA SER B 597 26.17 13.77 -15.00
C SER B 597 26.78 14.44 -13.77
N ALA B 598 26.28 15.61 -13.39
CA ALA B 598 26.90 16.35 -12.29
C ALA B 598 26.55 15.65 -10.97
N VAL B 599 25.33 15.15 -10.86
CA VAL B 599 24.96 14.41 -9.65
C VAL B 599 25.75 13.15 -9.46
N ALA B 600 25.92 12.37 -10.54
CA ALA B 600 26.65 11.11 -10.48
C ALA B 600 28.13 11.35 -10.18
N ASP B 601 28.69 12.50 -10.58
CA ASP B 601 30.09 12.76 -10.24
C ASP B 601 30.15 13.10 -8.75
N ALA B 602 29.09 13.69 -8.21
CA ALA B 602 29.13 14.19 -6.85
C ALA B 602 28.80 13.06 -5.88
N ASN B 603 28.02 12.08 -6.33
CA ASN B 603 27.60 10.99 -5.44
C ASN B 603 27.80 9.65 -6.16
N PRO B 604 28.63 8.73 -5.63
CA PRO B 604 28.87 7.48 -6.35
C PRO B 604 27.76 6.44 -6.16
N ASN B 605 26.68 6.80 -5.47
CA ASN B 605 25.52 5.92 -5.40
C ASN B 605 24.33 6.61 -6.06
N THR B 606 24.46 6.88 -7.36
CA THR B 606 23.36 7.51 -8.07
C THR B 606 22.54 6.47 -8.80
N ILE B 607 21.24 6.53 -8.54
CA ILE B 607 20.23 5.69 -9.17
C ILE B 607 19.36 6.64 -9.98
N VAL B 608 19.12 6.29 -11.24
CA VAL B 608 18.25 7.07 -12.10
C VAL B 608 16.90 6.32 -12.24
N VAL B 609 15.79 7.01 -12.02
CA VAL B 609 14.44 6.51 -12.33
C VAL B 609 13.97 7.24 -13.59
N LEU B 610 13.77 6.49 -14.66
CA LEU B 610 13.35 7.12 -15.91
C LEU B 610 11.84 7.12 -15.95
N ASN B 611 11.26 8.28 -16.20
CA ASN B 611 9.88 8.40 -16.64
C ASN B 611 9.88 8.85 -18.12
N THR B 612 10.31 7.91 -18.95
CA THR B 612 10.53 8.17 -20.37
C THR B 612 9.67 7.18 -21.16
N GLY B 613 9.22 7.62 -22.32
CA GLY B 613 8.22 6.87 -23.10
C GLY B 613 8.70 5.77 -24.01
N SER B 614 10.00 5.81 -24.36
CA SER B 614 10.58 4.98 -25.41
C SER B 614 12.09 4.89 -25.15
N SER B 615 12.89 4.74 -26.20
CA SER B 615 14.34 4.66 -26.02
C SER B 615 14.86 6.03 -25.61
N VAL B 616 15.98 6.05 -24.88
CA VAL B 616 16.63 7.34 -24.61
C VAL B 616 18.12 7.06 -24.51
N LEU B 617 18.94 8.02 -24.96
CA LEU B 617 20.39 7.88 -24.81
C LEU B 617 20.78 8.10 -23.37
N MET B 618 21.90 7.45 -23.01
CA MET B 618 22.35 7.57 -21.61
C MET B 618 23.86 7.75 -21.54
N PRO B 619 24.36 8.97 -21.86
CA PRO B 619 25.82 9.12 -22.00
C PRO B 619 26.50 8.98 -20.62
N TRP B 620 25.72 9.24 -19.56
CA TRP B 620 26.14 9.20 -18.16
C TRP B 620 25.99 7.80 -17.54
N LEU B 621 25.61 6.81 -18.35
CA LEU B 621 25.30 5.46 -17.84
C LEU B 621 26.36 4.87 -16.91
N SER B 622 27.62 4.86 -17.34
CA SER B 622 28.70 4.20 -16.57
C SER B 622 28.95 4.86 -15.22
N LYS B 623 28.50 6.11 -15.05
CA LYS B 623 28.69 6.82 -13.79
C LYS B 623 27.60 6.51 -12.76
N THR B 624 26.50 5.90 -13.19
CA THR B 624 25.39 5.55 -12.30
C THR B 624 25.58 4.13 -11.77
N ARG B 625 24.93 3.85 -10.64
CA ARG B 625 24.88 2.47 -10.17
C ARG B 625 23.61 1.69 -10.56
N ALA B 626 22.49 2.35 -10.88
CA ALA B 626 21.30 1.64 -11.35
C ALA B 626 20.44 2.57 -12.17
N VAL B 627 19.66 1.93 -13.04
CA VAL B 627 18.69 2.67 -13.82
C VAL B 627 17.45 1.80 -13.84
N LEU B 628 16.35 2.41 -13.39
CA LEU B 628 15.03 1.76 -13.38
C LEU B 628 14.08 2.52 -14.30
N ASP B 629 13.54 1.83 -15.29
CA ASP B 629 12.69 2.51 -16.27
C ASP B 629 11.24 2.26 -15.87
N MET B 630 10.57 3.29 -15.38
CA MET B 630 9.13 3.24 -15.05
C MET B 630 8.17 3.58 -16.17
N TRP B 631 8.69 3.99 -17.33
CA TRP B 631 7.86 4.46 -18.43
C TRP B 631 7.05 5.66 -17.97
N TYR B 632 5.81 5.82 -18.44
CA TYR B 632 4.88 6.75 -17.81
C TYR B 632 3.98 5.82 -16.98
N PRO B 633 4.14 5.81 -15.65
CA PRO B 633 3.66 4.65 -14.91
C PRO B 633 2.21 4.78 -14.44
N GLY B 634 1.43 5.78 -14.82
CA GLY B 634 0.01 5.81 -14.52
C GLY B 634 -0.19 6.35 -13.11
N GLN B 635 -1.46 6.26 -12.71
CA GLN B 635 -1.85 7.04 -11.53
C GLN B 635 -1.26 6.49 -10.22
N ALA B 636 -0.94 5.18 -10.18
CA ALA B 636 -0.30 4.53 -9.02
C ALA B 636 1.20 4.34 -9.23
N GLY B 637 1.76 5.17 -10.10
CA GLY B 637 3.17 4.93 -10.43
C GLY B 637 4.14 5.27 -9.31
N ALA B 638 3.77 6.26 -8.51
CA ALA B 638 4.66 6.55 -7.37
C ALA B 638 4.71 5.40 -6.36
N GLU B 639 3.55 4.78 -6.14
CA GLU B 639 3.52 3.65 -5.21
C GLU B 639 4.32 2.46 -5.76
N ALA B 640 4.15 2.19 -7.06
CA ALA B 640 4.92 1.15 -7.72
C ALA B 640 6.43 1.42 -7.67
N THR B 641 6.82 2.68 -7.89
CA THR B 641 8.23 3.04 -7.93
C THR B 641 8.88 2.77 -6.57
N ALA B 642 8.23 3.22 -5.50
CA ALA B 642 8.82 2.96 -4.16
C ALA B 642 8.94 1.47 -3.85
N ALA B 643 7.91 0.74 -4.26
CA ALA B 643 7.91 -0.69 -4.02
C ALA B 643 9.00 -1.43 -4.76
N LEU B 644 9.20 -1.05 -6.02
CA LEU B 644 10.34 -1.57 -6.74
C LEU B 644 11.70 -1.16 -6.20
N LEU B 645 11.84 0.11 -5.83
CA LEU B 645 13.14 0.59 -5.34
C LEU B 645 13.59 -0.15 -4.09
N TYR B 646 12.60 -0.51 -3.24
CA TYR B 646 12.92 -1.18 -1.97
C TYR B 646 12.79 -2.70 -2.07
N GLY B 647 12.45 -3.26 -3.22
CA GLY B 647 12.37 -4.71 -3.36
C GLY B 647 11.14 -5.35 -2.73
N ASP B 648 10.13 -4.54 -2.38
CA ASP B 648 8.83 -5.10 -1.99
C ASP B 648 8.22 -5.82 -3.20
N VAL B 649 8.54 -5.32 -4.40
CA VAL B 649 8.23 -5.98 -5.67
C VAL B 649 9.59 -6.23 -6.31
N ASN B 650 9.76 -7.36 -6.99
CA ASN B 650 10.98 -7.64 -7.73
C ASN B 650 10.74 -7.25 -9.20
N PRO B 651 11.56 -6.34 -9.72
CA PRO B 651 11.38 -5.95 -11.14
C PRO B 651 11.35 -7.17 -12.07
N SER B 652 10.44 -7.16 -13.03
CA SER B 652 10.30 -8.28 -13.94
C SER B 652 10.00 -7.83 -15.37
N GLY B 653 9.86 -6.53 -15.61
CA GLY B 653 9.58 -6.08 -17.01
C GLY B 653 10.76 -6.34 -17.94
N LYS B 654 10.43 -6.49 -19.23
CA LYS B 654 11.47 -6.63 -20.26
C LYS B 654 11.22 -5.61 -21.36
N LEU B 655 12.29 -5.14 -22.01
CA LEU B 655 12.09 -4.20 -23.12
C LEU B 655 11.38 -4.86 -24.28
N THR B 656 10.47 -4.08 -24.87
CA THR B 656 9.75 -4.45 -26.06
C THR B 656 10.33 -3.73 -27.28
N GLN B 657 11.44 -3.03 -27.05
CA GLN B 657 12.08 -2.31 -28.16
C GLN B 657 13.55 -2.23 -27.87
N SER B 658 14.33 -1.94 -28.91
CA SER B 658 15.80 -1.79 -28.80
C SER B 658 16.10 -0.32 -28.52
N PHE B 659 16.98 -0.04 -27.57
CA PHE B 659 17.44 1.31 -27.31
C PHE B 659 18.71 1.58 -28.11
N PRO B 660 18.71 2.51 -29.08
CA PRO B 660 19.98 2.78 -29.81
C PRO B 660 21.09 3.29 -28.91
N ALA B 661 22.29 2.96 -29.37
CA ALA B 661 23.49 3.45 -28.66
C ALA B 661 23.92 4.84 -29.09
N ALA B 662 23.38 5.33 -30.21
CA ALA B 662 23.79 6.65 -30.69
C ALA B 662 22.62 7.24 -31.48
N GLU B 663 22.59 8.57 -31.50
CA GLU B 663 21.52 9.36 -32.13
C GLU B 663 21.25 8.88 -33.56
N ASN B 664 22.34 8.63 -34.29
CA ASN B 664 22.23 8.29 -35.71
C ASN B 664 22.69 6.87 -36.06
N GLN B 665 22.44 5.93 -35.16
CA GLN B 665 22.73 4.53 -35.43
C GLN B 665 21.52 3.69 -35.00
N HIS B 666 20.64 3.45 -35.97
CA HIS B 666 19.38 2.72 -35.72
C HIS B 666 18.79 2.48 -37.11
N ALA B 667 17.67 1.79 -37.15
CA ALA B 667 17.20 1.25 -38.43
C ALA B 667 16.80 2.32 -39.45
N VAL B 668 16.46 3.52 -38.99
CA VAL B 668 15.99 4.56 -39.94
C VAL B 668 16.92 5.77 -39.98
N ALA B 669 18.12 5.64 -39.43
CA ALA B 669 19.04 6.77 -39.29
C ALA B 669 19.74 7.15 -40.62
N GLY B 670 19.99 8.46 -40.69
CA GLY B 670 20.85 9.03 -41.76
C GLY B 670 20.27 8.89 -43.16
N ASP B 671 18.94 8.91 -43.30
CA ASP B 671 18.31 8.73 -44.59
C ASP B 671 16.96 9.39 -44.60
N PRO B 672 16.88 10.68 -44.99
CA PRO B 672 15.61 11.38 -44.99
C PRO B 672 14.57 10.72 -45.88
N THR B 673 14.94 9.92 -46.89
CA THR B 673 13.95 9.19 -47.67
C THR B 673 13.30 8.04 -46.92
N SER B 674 13.93 7.60 -45.82
CA SER B 674 13.35 6.56 -44.94
C SER B 674 12.65 7.18 -43.75
N TYR B 675 13.27 8.18 -43.14
CA TYR B 675 12.63 8.93 -42.07
C TYR B 675 13.20 10.36 -42.11
N PRO B 676 12.32 11.38 -42.10
CA PRO B 676 10.85 11.34 -42.02
C PRO B 676 10.17 11.28 -43.38
N GLY B 677 10.94 11.25 -44.47
CA GLY B 677 10.46 11.39 -45.85
C GLY B 677 10.88 12.74 -46.37
N VAL B 678 10.84 12.80 -47.71
CA VAL B 678 11.08 14.07 -48.40
C VAL B 678 10.03 14.16 -49.50
N ASP B 679 9.57 15.38 -49.82
CA ASP B 679 8.48 15.57 -50.79
C ASP B 679 7.26 14.68 -50.49
N ASN B 680 6.98 14.55 -49.19
CA ASN B 680 5.81 13.76 -48.72
C ASN B 680 5.84 12.27 -49.05
N GLN B 681 7.06 11.76 -49.24
CA GLN B 681 7.23 10.33 -49.58
C GLN B 681 8.33 9.76 -48.70
N GLN B 682 8.09 8.54 -48.21
CA GLN B 682 9.14 7.75 -47.54
C GLN B 682 9.01 6.30 -48.01
N THR B 683 10.14 5.62 -47.90
CA THR B 683 10.19 4.19 -48.19
C THR B 683 10.79 3.50 -46.98
N TYR B 684 10.15 2.39 -46.60
CA TYR B 684 10.64 1.60 -45.46
C TYR B 684 11.81 0.69 -45.88
N ARG B 685 12.96 1.33 -46.06
CA ARG B 685 14.05 0.64 -46.76
C ARG B 685 14.68 -0.46 -45.91
N GLU B 686 14.48 -0.43 -44.59
CA GLU B 686 14.89 -1.57 -43.78
C GLU B 686 14.13 -2.85 -44.01
N GLY B 687 12.93 -2.76 -44.55
CA GLY B 687 12.10 -3.94 -44.76
C GLY B 687 11.76 -4.60 -43.42
N ILE B 688 11.89 -5.92 -43.37
CA ILE B 688 11.56 -6.65 -42.14
C ILE B 688 12.65 -6.42 -41.11
N HIS B 689 13.79 -5.86 -41.47
CA HIS B 689 14.91 -5.73 -40.54
C HIS B 689 14.83 -4.45 -39.75
N VAL B 690 13.87 -4.47 -38.83
CA VAL B 690 13.50 -3.33 -37.99
C VAL B 690 13.76 -3.70 -36.53
N GLY B 691 14.08 -2.72 -35.70
CA GLY B 691 14.27 -3.05 -34.27
C GLY B 691 15.41 -4.04 -34.12
N TYR B 692 15.26 -5.00 -33.23
CA TYR B 692 16.40 -5.92 -32.95
C TYR B 692 16.77 -6.65 -34.23
N ARG B 693 15.85 -6.85 -35.15
CA ARG B 693 16.16 -7.43 -36.48
C ARG B 693 17.22 -6.62 -37.22
N TRP B 694 17.21 -5.31 -37.08
CA TRP B 694 18.20 -4.42 -37.72
C TRP B 694 19.54 -4.52 -37.00
N PHE B 695 19.57 -4.42 -35.67
CA PHE B 695 20.80 -4.50 -34.90
C PHE B 695 21.42 -5.85 -35.21
N ASP B 696 20.64 -6.90 -35.37
CA ASP B 696 21.20 -8.25 -35.62
C ASP B 696 21.76 -8.28 -37.05
N LYS B 697 21.02 -7.80 -38.05
CA LYS B 697 21.54 -7.79 -39.44
C LYS B 697 22.83 -6.98 -39.52
N GLU B 698 22.92 -5.85 -38.81
CA GLU B 698 23.99 -4.89 -39.07
C GLU B 698 25.17 -5.11 -38.14
N ASN B 699 25.03 -6.10 -37.27
CA ASN B 699 26.02 -6.34 -36.21
C ASN B 699 26.34 -5.16 -35.35
N VAL B 700 25.29 -4.51 -34.89
CA VAL B 700 25.45 -3.34 -34.06
C VAL B 700 24.90 -3.66 -32.66
N LYS B 701 25.64 -3.23 -31.64
CA LYS B 701 25.24 -3.49 -30.25
C LYS B 701 24.42 -2.28 -29.77
N PRO B 702 23.14 -2.48 -29.43
CA PRO B 702 22.38 -1.31 -28.98
C PRO B 702 22.76 -0.95 -27.55
N LEU B 703 22.29 0.20 -27.06
CA LEU B 703 22.46 0.54 -25.65
C LEU B 703 21.89 -0.53 -24.70
N PHE B 704 20.64 -0.92 -25.00
CA PHE B 704 19.98 -2.09 -24.37
C PHE B 704 19.21 -2.85 -25.43
N PRO B 705 19.24 -4.19 -25.40
CA PRO B 705 18.61 -4.96 -26.45
C PRO B 705 17.14 -5.32 -26.17
N PHE B 706 16.41 -5.71 -27.22
CA PHE B 706 15.06 -6.18 -27.04
C PHE B 706 15.05 -7.35 -26.05
N GLY B 707 14.03 -7.32 -25.18
CA GLY B 707 13.81 -8.43 -24.24
C GLY B 707 14.65 -8.32 -23.00
N HIS B 708 15.45 -7.27 -22.83
CA HIS B 708 16.34 -7.08 -21.69
C HIS B 708 15.54 -6.65 -20.47
N GLY B 709 15.88 -7.23 -19.32
CA GLY B 709 15.45 -6.65 -18.05
C GLY B 709 16.02 -7.46 -16.90
N LEU B 710 16.48 -6.72 -15.90
CA LEU B 710 17.17 -7.38 -14.78
C LEU B 710 16.17 -7.69 -13.67
N SER B 711 16.68 -8.43 -12.68
CA SER B 711 15.86 -8.87 -11.52
C SER B 711 16.73 -8.75 -10.28
N TYR B 712 16.13 -8.74 -9.09
CA TYR B 712 16.90 -8.82 -7.85
C TYR B 712 17.18 -10.26 -7.45
N THR B 713 16.73 -11.23 -8.24
CA THR B 713 17.13 -12.60 -8.07
C THR B 713 17.81 -13.12 -9.32
N SER B 714 18.40 -14.30 -9.27
CA SER B 714 18.99 -14.94 -10.45
C SER B 714 18.17 -16.17 -10.88
N PHE B 715 18.23 -16.50 -12.17
CA PHE B 715 17.58 -17.66 -12.75
C PHE B 715 18.57 -18.44 -13.58
N THR B 716 18.35 -19.76 -13.61
CA THR B 716 19.02 -20.59 -14.58
C THR B 716 17.97 -21.23 -15.48
N GLN B 717 18.36 -21.54 -16.72
CA GLN B 717 17.54 -22.30 -17.64
C GLN B 717 18.28 -23.54 -18.13
N SER B 718 17.54 -24.63 -18.25
CA SER B 718 18.05 -25.79 -18.97
C SER B 718 18.10 -25.53 -20.47
N ALA B 719 18.75 -26.41 -21.20
CA ALA B 719 18.58 -26.44 -22.65
C ALA B 719 17.12 -26.68 -23.00
N PRO B 720 16.66 -26.16 -24.12
CA PRO B 720 15.25 -26.37 -24.48
C PRO B 720 14.97 -27.75 -25.08
N THR B 721 13.80 -28.32 -24.86
CA THR B 721 13.31 -29.47 -25.60
C THR B 721 12.27 -28.96 -26.60
N VAL B 722 12.38 -29.32 -27.87
CA VAL B 722 11.51 -28.75 -28.89
C VAL B 722 10.90 -29.86 -29.72
N VAL B 723 9.58 -29.88 -29.74
CA VAL B 723 8.87 -30.95 -30.43
C VAL B 723 7.78 -30.37 -31.33
N ARG B 724 7.53 -30.97 -32.50
CA ARG B 724 6.40 -30.56 -33.33
C ARG B 724 5.06 -30.91 -32.68
N THR B 725 4.05 -30.04 -32.82
CA THR B 725 2.72 -30.36 -32.31
C THR B 725 1.86 -30.97 -33.42
N SER B 726 0.70 -31.47 -33.03
CA SER B 726 -0.15 -32.18 -33.98
C SER B 726 -0.74 -31.20 -35.00
N THR B 727 -0.64 -29.91 -34.74
CA THR B 727 -1.15 -28.93 -35.70
C THR B 727 -0.02 -28.23 -36.46
N GLY B 728 1.21 -28.70 -36.26
CA GLY B 728 2.36 -28.25 -37.03
C GLY B 728 3.10 -27.05 -36.44
N GLY B 729 2.70 -26.64 -35.23
CA GLY B 729 3.49 -25.70 -34.44
C GLY B 729 4.61 -26.36 -33.65
N LEU B 730 5.16 -25.63 -32.70
CA LEU B 730 6.20 -26.21 -31.84
C LEU B 730 5.80 -26.11 -30.38
N LYS B 731 6.21 -27.08 -29.56
CA LYS B 731 6.06 -26.98 -28.10
C LYS B 731 7.47 -27.03 -27.58
N VAL B 732 7.86 -25.97 -26.90
CA VAL B 732 9.19 -25.79 -26.34
C VAL B 732 9.11 -25.90 -24.81
N THR B 733 9.93 -26.74 -24.20
CA THR B 733 9.98 -26.74 -22.75
C THR B 733 11.39 -26.47 -22.24
N VAL B 734 11.45 -25.71 -21.14
CA VAL B 734 12.71 -25.30 -20.51
C VAL B 734 12.50 -25.44 -19.00
N THR B 735 13.43 -26.04 -18.25
CA THR B 735 13.37 -25.98 -16.81
C THR B 735 14.02 -24.70 -16.32
N VAL B 736 13.28 -23.91 -15.56
CA VAL B 736 13.80 -22.66 -15.07
C VAL B 736 13.86 -22.73 -13.55
N ARG B 737 14.98 -22.33 -12.95
CA ARG B 737 15.13 -22.38 -11.47
C ARG B 737 15.50 -21.00 -10.98
N ASN B 738 14.91 -20.57 -9.87
CA ASN B 738 15.25 -19.33 -9.19
C ASN B 738 16.42 -19.67 -8.26
N SER B 739 17.62 -19.24 -8.63
CA SER B 739 18.83 -19.67 -7.95
C SER B 739 19.24 -18.62 -6.94
N GLY B 740 18.45 -17.57 -6.73
CA GLY B 740 18.80 -16.53 -5.78
C GLY B 740 17.94 -16.56 -4.52
N LYS B 741 17.86 -15.42 -3.83
CA LYS B 741 17.33 -15.41 -2.48
C LYS B 741 15.98 -14.74 -2.38
N ARG B 742 15.46 -14.25 -3.51
CA ARG B 742 14.20 -13.49 -3.54
C ARG B 742 13.27 -14.16 -4.54
N ALA B 743 11.96 -14.19 -4.26
CA ALA B 743 10.97 -14.59 -5.26
C ALA B 743 11.12 -13.63 -6.45
N GLY B 744 10.81 -14.14 -7.63
CA GLY B 744 10.79 -13.24 -8.81
C GLY B 744 10.18 -13.94 -9.99
N GLN B 745 9.95 -13.13 -11.03
CA GLN B 745 9.44 -13.65 -12.31
C GLN B 745 10.52 -13.47 -13.38
N GLU B 746 10.53 -14.43 -14.28
CA GLU B 746 11.43 -14.45 -15.44
C GLU B 746 10.55 -14.56 -16.68
N VAL B 747 11.02 -14.00 -17.80
CA VAL B 747 10.34 -14.25 -19.08
C VAL B 747 11.23 -15.12 -19.95
N VAL B 748 10.78 -16.34 -20.26
CA VAL B 748 11.53 -17.23 -21.13
C VAL B 748 11.13 -16.84 -22.56
N GLN B 749 12.13 -16.54 -23.37
CA GLN B 749 11.91 -16.07 -24.74
C GLN B 749 12.44 -17.09 -25.75
N ALA B 750 11.66 -17.40 -26.79
CA ALA B 750 12.13 -18.38 -27.79
C ALA B 750 12.28 -17.66 -29.15
N TYR B 751 13.44 -17.83 -29.77
CA TYR B 751 13.79 -17.17 -31.03
C TYR B 751 14.14 -18.22 -32.06
N LEU B 752 13.63 -18.05 -33.28
CA LEU B 752 13.81 -19.02 -34.34
C LEU B 752 14.66 -18.44 -35.47
N GLY B 753 15.61 -19.22 -35.95
CA GLY B 753 16.45 -18.79 -37.08
C GLY B 753 15.80 -19.07 -38.41
N ALA B 754 16.54 -18.66 -39.43
CA ALA B 754 16.05 -18.75 -40.80
C ALA B 754 15.86 -20.17 -41.32
N SER B 755 14.89 -20.34 -42.21
CA SER B 755 14.68 -21.61 -42.88
C SER B 755 15.67 -21.72 -44.01
N PRO B 756 16.33 -22.89 -44.13
CA PRO B 756 17.27 -23.10 -45.26
C PRO B 756 16.55 -23.27 -46.60
N ASN B 757 15.23 -23.43 -46.57
CA ASN B 757 14.42 -23.72 -47.76
C ASN B 757 13.72 -22.45 -48.29
N VAL B 758 14.10 -21.29 -47.77
CA VAL B 758 13.44 -20.01 -48.10
C VAL B 758 14.48 -19.03 -48.58
N THR B 759 14.24 -18.40 -49.73
CA THR B 759 15.17 -17.37 -50.23
C THR B 759 14.69 -15.92 -50.00
N ALA B 760 13.42 -15.77 -49.65
CA ALA B 760 12.88 -14.44 -49.28
C ALA B 760 13.57 -13.94 -48.02
N PRO B 761 13.51 -12.62 -47.77
CA PRO B 761 14.11 -12.05 -46.57
C PRO B 761 13.64 -12.70 -45.27
N GLN B 762 14.61 -12.95 -44.38
CA GLN B 762 14.32 -13.59 -43.12
C GLN B 762 15.20 -12.90 -42.10
N ALA B 763 14.64 -12.70 -40.92
CA ALA B 763 15.44 -12.14 -39.84
C ALA B 763 16.51 -13.15 -39.33
N LYS B 764 17.61 -12.60 -38.80
CA LYS B 764 18.62 -13.49 -38.24
C LYS B 764 18.03 -14.39 -37.16
N LYS B 765 17.22 -13.80 -36.28
CA LYS B 765 16.40 -14.54 -35.31
C LYS B 765 15.07 -13.82 -35.09
N LYS B 766 14.03 -14.60 -34.89
CA LYS B 766 12.63 -14.10 -34.89
C LYS B 766 12.02 -14.56 -33.54
N LEU B 767 11.53 -13.64 -32.70
CA LEU B 767 10.77 -14.04 -31.50
C LEU B 767 9.55 -14.81 -31.95
N VAL B 768 9.43 -16.06 -31.50
CA VAL B 768 8.30 -16.89 -31.86
C VAL B 768 7.41 -17.37 -30.72
N GLY B 769 7.86 -17.08 -29.51
CA GLY B 769 7.06 -17.40 -28.33
C GLY B 769 7.70 -16.88 -27.07
N TYR B 770 6.93 -16.79 -26.00
CA TYR B 770 7.49 -16.48 -24.71
C TYR B 770 6.47 -16.81 -23.62
N THR B 771 7.01 -17.05 -22.42
CA THR B 771 6.15 -17.33 -21.28
C THR B 771 6.80 -16.74 -20.04
N LYS B 772 6.02 -15.97 -19.28
CA LYS B 772 6.49 -15.40 -18.01
C LYS B 772 6.18 -16.40 -16.88
N VAL B 773 7.16 -16.58 -15.99
CA VAL B 773 6.95 -17.57 -14.91
C VAL B 773 7.32 -16.96 -13.59
N SER B 774 6.57 -17.31 -12.53
CA SER B 774 6.80 -16.82 -11.18
C SER B 774 7.42 -17.96 -10.35
N LEU B 775 8.52 -17.64 -9.68
CA LEU B 775 9.25 -18.68 -8.92
C LEU B 775 9.66 -18.16 -7.54
N ALA B 776 9.32 -18.91 -6.49
CA ALA B 776 9.91 -18.60 -5.20
C ALA B 776 11.42 -18.84 -5.21
N ALA B 777 12.12 -18.22 -4.26
CA ALA B 777 13.56 -18.52 -4.13
C ALA B 777 13.83 -20.02 -4.02
N GLY B 778 14.75 -20.52 -4.84
CA GLY B 778 15.04 -21.94 -4.87
C GLY B 778 14.11 -22.82 -5.70
N GLU B 779 12.99 -22.28 -6.16
CA GLU B 779 11.99 -23.10 -6.80
C GLU B 779 12.34 -23.29 -8.28
N ALA B 780 12.09 -24.46 -8.85
CA ALA B 780 12.15 -24.69 -10.28
C ALA B 780 10.79 -25.12 -10.86
N LYS B 781 10.52 -24.76 -12.12
CA LYS B 781 9.36 -25.21 -12.87
C LYS B 781 9.77 -25.62 -14.28
N THR B 782 9.06 -26.57 -14.87
CA THR B 782 9.15 -26.77 -16.33
C THR B 782 8.22 -25.76 -16.98
N VAL B 783 8.78 -24.89 -17.82
CA VAL B 783 8.02 -23.80 -18.46
C VAL B 783 7.76 -24.20 -19.90
N THR B 784 6.52 -24.09 -20.35
CA THR B 784 6.12 -24.38 -21.73
C THR B 784 6.04 -23.05 -22.49
N VAL B 785 6.71 -23.01 -23.65
CA VAL B 785 6.59 -21.86 -24.58
C VAL B 785 5.98 -22.47 -25.83
N ASN B 786 4.76 -22.04 -26.12
CA ASN B 786 4.02 -22.55 -27.28
C ASN B 786 4.32 -21.68 -28.48
N VAL B 787 4.60 -22.30 -29.62
CA VAL B 787 4.92 -21.57 -30.84
C VAL B 787 3.82 -21.95 -31.84
N ASP B 788 3.03 -20.97 -32.26
CA ASP B 788 1.98 -21.21 -33.26
C ASP B 788 2.60 -21.49 -34.63
N ARG B 789 1.92 -22.33 -35.43
CA ARG B 789 2.38 -22.62 -36.77
C ARG B 789 2.63 -21.37 -37.62
N ARG B 790 1.79 -20.35 -37.45
CA ARG B 790 2.01 -19.11 -38.24
C ARG B 790 3.40 -18.52 -38.04
N GLN B 791 3.97 -18.64 -36.83
CA GLN B 791 5.32 -18.21 -36.59
C GLN B 791 6.41 -18.90 -37.39
N LEU B 792 6.11 -20.10 -37.90
CA LEU B 792 7.06 -20.86 -38.70
C LEU B 792 6.97 -20.47 -40.16
N GLN B 793 6.06 -19.56 -40.49
CA GLN B 793 5.78 -19.22 -41.88
C GLN B 793 6.33 -17.86 -42.21
N PHE B 794 6.41 -17.61 -43.51
CA PHE B 794 6.80 -16.27 -44.03
C PHE B 794 5.81 -15.85 -45.10
N TRP B 795 5.72 -14.54 -45.41
CA TRP B 795 4.77 -14.13 -46.44
C TRP B 795 5.48 -14.25 -47.79
N ASP B 796 4.97 -15.09 -48.70
CA ASP B 796 5.52 -15.27 -50.05
C ASP B 796 4.82 -14.33 -51.03
N ALA B 797 5.49 -13.22 -51.35
CA ALA B 797 4.87 -12.13 -52.11
C ALA B 797 4.57 -12.56 -53.53
N ALA B 798 5.36 -13.51 -54.01
CA ALA B 798 5.14 -14.21 -55.28
C ALA B 798 3.72 -14.73 -55.38
N THR B 799 3.33 -15.53 -54.37
CA THR B 799 2.08 -16.27 -54.42
C THR B 799 0.98 -15.65 -53.57
N ASP B 800 1.30 -14.55 -52.88
CA ASP B 800 0.36 -13.87 -51.99
C ASP B 800 -0.21 -14.81 -50.94
N ASN B 801 0.65 -15.61 -50.32
CA ASN B 801 0.18 -16.38 -49.19
C ASN B 801 1.30 -16.64 -48.22
N TRP B 802 0.91 -17.12 -47.05
CA TRP B 802 1.88 -17.63 -46.10
C TRP B 802 2.37 -18.97 -46.61
N LYS B 803 3.66 -19.16 -46.35
CA LYS B 803 4.31 -20.43 -46.71
C LYS B 803 5.18 -20.81 -45.52
N THR B 804 5.12 -22.09 -45.14
CA THR B 804 5.95 -22.56 -44.05
C THR B 804 7.41 -22.63 -44.47
N GLY B 805 8.29 -22.14 -43.60
CA GLY B 805 9.74 -22.11 -43.77
C GLY B 805 10.25 -23.43 -43.21
N THR B 806 10.54 -24.37 -44.10
CA THR B 806 10.67 -25.76 -43.70
C THR B 806 12.15 -26.07 -43.54
N GLY B 807 12.44 -27.30 -43.14
CA GLY B 807 13.85 -27.70 -42.92
C GLY B 807 14.37 -27.51 -41.52
N ASN B 808 15.67 -27.74 -41.36
CA ASN B 808 16.32 -27.67 -40.05
C ASN B 808 16.48 -26.20 -39.67
N ARG B 809 15.99 -25.85 -38.49
CA ARG B 809 16.09 -24.46 -37.99
C ARG B 809 16.53 -24.40 -36.53
N LEU B 810 17.28 -23.34 -36.23
CA LEU B 810 17.82 -23.06 -34.90
C LEU B 810 16.69 -22.50 -34.01
N LEU B 811 16.39 -23.09 -32.87
CA LEU B 811 15.47 -22.54 -31.84
C LEU B 811 16.33 -22.21 -30.63
N GLN B 812 16.44 -20.95 -30.26
CA GLN B 812 17.20 -20.54 -29.09
C GLN B 812 16.25 -20.06 -27.99
N THR B 813 16.60 -20.30 -26.73
CA THR B 813 15.85 -19.81 -25.57
C THR B 813 16.74 -19.03 -24.61
N GLY B 814 16.14 -18.09 -23.90
CA GLY B 814 16.87 -17.38 -22.88
C GLY B 814 15.98 -16.32 -22.26
N SER B 815 16.61 -15.35 -21.60
CA SER B 815 15.85 -14.34 -20.86
C SER B 815 16.00 -12.94 -21.45
N SER B 816 16.66 -12.85 -22.61
CA SER B 816 16.67 -11.61 -23.40
C SER B 816 17.14 -11.96 -24.79
N SER B 817 16.96 -11.06 -25.76
CA SER B 817 17.48 -11.40 -27.09
C SER B 817 18.99 -11.49 -27.15
N ALA B 818 19.68 -10.85 -26.20
CA ALA B 818 21.14 -10.89 -26.09
C ALA B 818 21.68 -11.95 -25.15
N ASP B 819 20.82 -12.60 -24.37
CA ASP B 819 21.25 -13.56 -23.33
C ASP B 819 20.60 -14.91 -23.65
N LEU B 820 21.01 -15.52 -24.76
CA LEU B 820 20.42 -16.75 -25.30
C LEU B 820 21.40 -17.89 -25.12
N ARG B 821 21.26 -18.59 -23.99
CA ARG B 821 22.22 -19.67 -23.74
C ARG B 821 21.72 -21.09 -24.01
N GLY B 822 20.45 -21.26 -24.38
CA GLY B 822 19.94 -22.58 -24.69
C GLY B 822 19.64 -22.68 -26.18
N SER B 823 19.87 -23.82 -26.79
CA SER B 823 19.51 -24.01 -28.18
C SER B 823 19.12 -25.44 -28.51
N ALA B 824 18.37 -25.58 -29.60
CA ALA B 824 18.06 -26.87 -30.19
C ALA B 824 17.92 -26.65 -31.69
N THR B 825 18.00 -27.71 -32.48
CA THR B 825 17.63 -27.65 -33.88
C THR B 825 16.32 -28.41 -34.03
N VAL B 826 15.38 -27.96 -34.87
CA VAL B 826 14.16 -28.74 -35.10
C VAL B 826 13.87 -28.75 -36.60
N ASN B 827 13.37 -29.88 -37.08
CA ASN B 827 12.91 -30.01 -38.47
C ASN B 827 11.49 -29.56 -38.59
N VAL B 828 11.30 -28.51 -39.39
CA VAL B 828 9.99 -27.93 -39.56
C VAL B 828 9.34 -28.43 -40.85
N TRP B 829 8.13 -28.94 -40.79
CA TRP B 829 7.42 -29.35 -42.00
C TRP B 829 5.99 -28.83 -42.04
#